data_7QN8
#
_entry.id   7QN8
#
_cell.length_a   1.00
_cell.length_b   1.00
_cell.length_c   1.00
_cell.angle_alpha   90.00
_cell.angle_beta   90.00
_cell.angle_gamma   90.00
#
_symmetry.space_group_name_H-M   'P 1'
#
loop_
_entity.id
_entity.type
_entity.pdbx_description
1 polymer 'Gamma-aminobutyric acid receptor subunit beta-3'
2 polymer 'Gamma-aminobutyric acid receptor subunit delta'
3 polymer 'Nanobody Nb25'
4 branched 2-acetamido-2-deoxy-beta-D-glucopyranose-(1-4)-2-acetamido-2-deoxy-beta-D-glucopyranose
5 branched alpha-D-mannopyranose-(1-3)-[alpha-D-mannopyranose-(1-6)]beta-D-mannopyranose-(1-4)-2-acetamido-2-deoxy-beta-D-glucopyranose-(1-4)-2-acetamido-2-deoxy-beta-D-glucopyranose
6 non-polymer HISTAMINE
7 non-polymer 2-acetamido-2-deoxy-beta-D-glucopyranose
#
loop_
_entity_poly.entity_id
_entity_poly.type
_entity_poly.pdbx_seq_one_letter_code
_entity_poly.pdbx_strand_id
1 'polypeptide(L)'
;MWGLAGGRLFGIFSAPVLVAVVCCAQSVNDPGNMSFVKETVDKLLKGYDIRLRPDFGGPPVCVGMNIDIASIDMVSEVNM
DYTLTMYFQQYWRDKRLAYSGIPLNLTLDNRVADQLWVPDTYFLNDKKSFVHGVTVKNRMIRLHPDGTVLYGLRITTTAA
CMMDLRRYPLDEQNCTLEIESYGYTTDDIEFYWRGGDKAVTGVERIELPQFSIVEHRLVSRNVVFATGAYPRLSLSFRLK
RNIGYFILQTYMPSILITILSWVSFWINYDASAARVALGITTVLTMTTINTHLRETLPKIPYVKAIDMYLMGCFVFVFLA
LLEYAFVNYIFFGRGPQRQKKLAEKTAKAKNDRSKSESNRVDAHGNILLTSLEVHNEMNEVSGGIGDTRNSAISFDNSGI
QYRKQSMPREGHGRFLGDRSLPHKKTHLRRRSSQLKIKIPDLTDVNAIDRWSRIVFPFTFSLFNLVYWLYYVN
;
A,B,C,D
2 'polypeptide(L)'
;MDAPARLLAPLLLLCAQQLRGTRAMNDIGDYVGSNLEISWLPNLDGLIAGYARNFRPGIGGPPVNVALALEVASIDHISE
ANMEYTMTVFLHQSWRDSRLSYNHTNETLGLDSRFVDKLWLPDTFIVNAKSAWFHDVTVENKLIRLQPDGVILYSIRITS
TVACDMDLAKYPMDEQECMLDLESYGYSSEDIVYYWSESQEHIHGLDKLQLAQFTITSYRFTTELMNFKSAGQFPRLSLH
FHLRRNRGVYIIQSYMPSVLLVAMSWVSFWISQAAVPARVSLGITTVLTMTTLMVSARSSLPRASAIKALDVYFWICYVF
VFAALVEYAFAHFNADYRKKQKAKVKVSRPRAEMDVRNAIVLFSLSAAGVTQELAISRRQRRVPGNLMGSYRSVGVETGE
TKKEGAARSGGQGGIRARLRPIDADTIDIYARAVFPAAFAAVNVIYWAAYAMGGSGGSGGSGKTETSQVAPA
;
E
3 'polypeptide(L)'
;QVQLVESGGGLVQGSLRLSCAASGHTFNYPIMGWFRQAPGKEREFVGAISWSGGSTSYADSVKDRFTISRDNAKNTVYLE
MNNLKPEDTAVYYCAAKGRYSGGLYYPTNYDYWGQGTQVTV
;
K,L,M
#
loop_
_chem_comp.id
_chem_comp.type
_chem_comp.name
_chem_comp.formula
BMA D-saccharide, beta linking beta-D-mannopyranose 'C6 H12 O6'
HSM non-polymer HISTAMINE 'C5 H9 N3'
MAN D-saccharide, alpha linking alpha-D-mannopyranose 'C6 H12 O6'
NAG D-saccharide, beta linking 2-acetamido-2-deoxy-beta-D-glucopyranose 'C8 H15 N O6'
#
# COMPACT_ATOMS: atom_id res chain seq x y z
N GLY A 32 31.00 -40.41 -2.79
CA GLY A 32 31.89 -39.26 -2.84
C GLY A 32 32.39 -38.95 -4.23
N ASN A 33 32.07 -39.82 -5.18
CA ASN A 33 32.48 -39.65 -6.57
C ASN A 33 31.44 -38.80 -7.28
N MET A 34 31.70 -37.49 -7.36
CA MET A 34 30.75 -36.58 -7.98
C MET A 34 30.55 -36.89 -9.45
N SER A 35 31.62 -37.28 -10.14
CA SER A 35 31.49 -37.65 -11.55
C SER A 35 30.58 -38.85 -11.72
N PHE A 36 30.73 -39.86 -10.85
CA PHE A 36 29.86 -41.03 -10.92
C PHE A 36 28.40 -40.65 -10.67
N VAL A 37 28.16 -39.78 -9.69
CA VAL A 37 26.80 -39.31 -9.45
C VAL A 37 26.29 -38.51 -10.64
N LYS A 38 27.15 -37.67 -11.22
CA LYS A 38 26.75 -36.89 -12.39
C LYS A 38 26.37 -37.80 -13.55
N GLU A 39 27.15 -38.86 -13.78
CA GLU A 39 26.82 -39.81 -14.83
C GLU A 39 25.50 -40.51 -14.54
N THR A 40 25.27 -40.86 -13.29
CA THR A 40 24.02 -41.54 -12.92
C THR A 40 22.81 -40.65 -13.18
N VAL A 41 22.90 -39.38 -12.79
CA VAL A 41 21.78 -38.47 -12.98
C VAL A 41 21.57 -38.16 -14.46
N ASP A 42 22.66 -37.97 -15.21
CA ASP A 42 22.54 -37.73 -16.63
C ASP A 42 21.92 -38.92 -17.35
N LYS A 43 22.24 -40.13 -16.89
CA LYS A 43 21.61 -41.32 -17.46
C LYS A 43 20.11 -41.32 -17.20
N LEU A 44 19.70 -40.90 -15.99
CA LEU A 44 18.28 -40.88 -15.66
C LEU A 44 17.51 -39.92 -16.56
N LEU A 45 18.07 -38.74 -16.83
CA LEU A 45 17.39 -37.72 -17.61
C LEU A 45 17.59 -37.89 -19.11
N LYS A 46 18.39 -38.86 -19.54
CA LYS A 46 18.58 -39.10 -20.96
C LYS A 46 17.39 -39.88 -21.51
N GLY A 47 16.66 -39.27 -22.44
CA GLY A 47 15.45 -39.86 -22.96
C GLY A 47 14.22 -39.65 -22.10
N TYR A 48 14.35 -38.95 -20.99
CA TYR A 48 13.21 -38.69 -20.11
C TYR A 48 12.24 -37.73 -20.79
N ASP A 49 10.96 -38.09 -20.79
CA ASP A 49 9.92 -37.27 -21.42
C ASP A 49 9.03 -36.70 -20.31
N ILE A 50 9.15 -35.38 -20.10
CA ILE A 50 8.33 -34.72 -19.09
C ILE A 50 6.86 -34.70 -19.48
N ARG A 51 6.56 -34.85 -20.77
CA ARG A 51 5.17 -34.79 -21.23
C ARG A 51 4.38 -36.03 -20.83
N LEU A 52 5.04 -37.12 -20.47
CA LEU A 52 4.37 -38.37 -20.13
C LEU A 52 4.47 -38.63 -18.64
N ARG A 53 3.33 -38.94 -18.02
CA ARG A 53 3.32 -39.30 -16.62
C ARG A 53 3.95 -40.67 -16.41
N PRO A 54 4.41 -40.97 -15.19
CA PRO A 54 4.91 -42.32 -14.91
C PRO A 54 3.83 -43.35 -15.15
N ASP A 55 4.25 -44.49 -15.71
CA ASP A 55 3.34 -45.57 -16.08
C ASP A 55 2.22 -45.07 -17.00
N PHE A 56 2.61 -44.29 -18.00
CA PHE A 56 1.64 -43.75 -18.94
C PHE A 56 0.93 -44.87 -19.68
N GLY A 57 -0.39 -44.78 -19.75
CA GLY A 57 -1.19 -45.82 -20.36
C GLY A 57 -1.42 -47.04 -19.49
N GLY A 58 -0.96 -47.02 -18.24
CA GLY A 58 -1.13 -48.14 -17.35
C GLY A 58 -1.90 -47.77 -16.10
N PRO A 59 -1.54 -48.38 -14.97
CA PRO A 59 -2.22 -48.09 -13.72
C PRO A 59 -1.99 -46.64 -13.30
N PRO A 60 -2.94 -46.03 -12.60
CA PRO A 60 -2.72 -44.66 -12.13
C PRO A 60 -1.61 -44.60 -11.10
N VAL A 61 -0.90 -43.47 -11.10
CA VAL A 61 0.20 -43.25 -10.17
C VAL A 61 -0.37 -42.65 -8.89
N CYS A 62 -0.05 -43.27 -7.75
CA CYS A 62 -0.53 -42.79 -6.47
C CYS A 62 0.39 -41.69 -5.94
N VAL A 63 -0.19 -40.56 -5.59
CA VAL A 63 0.56 -39.40 -5.09
C VAL A 63 0.17 -39.17 -3.64
N GLY A 64 1.13 -39.28 -2.74
CA GLY A 64 0.89 -38.99 -1.33
C GLY A 64 1.22 -37.54 -1.01
N MET A 65 0.37 -36.93 -0.21
CA MET A 65 0.48 -35.51 0.10
C MET A 65 0.47 -35.28 1.61
N ASN A 66 1.37 -34.42 2.05
N ASN A 66 1.35 -34.40 2.06
CA ASN A 66 1.42 -33.94 3.43
CA ASN A 66 1.33 -33.97 3.46
C ASN A 66 1.51 -32.43 3.41
C ASN A 66 1.61 -32.48 3.51
N ILE A 67 0.94 -31.79 4.43
CA ILE A 67 0.97 -30.35 4.55
C ILE A 67 1.50 -29.98 5.93
N ASP A 68 2.49 -29.10 5.97
CA ASP A 68 3.00 -28.54 7.21
C ASP A 68 2.59 -27.07 7.23
N ILE A 69 1.56 -26.75 8.01
CA ILE A 69 1.02 -25.39 8.05
CA ILE A 69 1.03 -25.40 8.04
C ILE A 69 2.02 -24.46 8.74
N ALA A 70 2.34 -23.35 8.08
CA ALA A 70 3.22 -22.36 8.67
C ALA A 70 2.45 -21.33 9.49
N SER A 71 1.41 -20.74 8.91
CA SER A 71 0.58 -19.76 9.60
C SER A 71 -0.65 -19.47 8.75
N ILE A 72 -1.68 -18.98 9.42
CA ILE A 72 -2.87 -18.43 8.76
C ILE A 72 -2.85 -16.93 9.05
N ASP A 73 -2.39 -16.14 8.08
CA ASP A 73 -2.12 -14.73 8.32
C ASP A 73 -3.41 -13.96 8.58
N MET A 74 -4.40 -14.10 7.71
CA MET A 74 -5.60 -13.26 7.77
C MET A 74 -6.84 -14.11 7.55
N VAL A 75 -7.93 -13.70 8.19
CA VAL A 75 -9.26 -14.23 7.93
C VAL A 75 -10.16 -13.02 7.70
N SER A 76 -10.68 -12.88 6.50
CA SER A 76 -11.43 -11.70 6.09
C SER A 76 -12.89 -12.05 5.89
N GLU A 77 -13.77 -11.38 6.66
CA GLU A 77 -15.20 -11.57 6.47
C GLU A 77 -15.71 -10.82 5.26
N VAL A 78 -15.16 -9.65 4.98
CA VAL A 78 -15.63 -8.85 3.84
CA VAL A 78 -15.64 -8.85 3.84
C VAL A 78 -15.36 -9.57 2.53
N ASN A 79 -14.16 -10.14 2.39
CA ASN A 79 -13.80 -10.87 1.18
C ASN A 79 -14.13 -12.35 1.26
N MET A 80 -14.52 -12.84 2.43
CA MET A 80 -14.85 -14.26 2.64
C MET A 80 -13.72 -15.17 2.16
N ASP A 81 -12.53 -14.92 2.67
CA ASP A 81 -11.35 -15.71 2.31
C ASP A 81 -10.34 -15.64 3.44
N TYR A 82 -9.37 -16.55 3.39
CA TYR A 82 -8.30 -16.60 4.37
C TYR A 82 -6.98 -16.82 3.66
N THR A 83 -5.90 -16.34 4.27
CA THR A 83 -4.56 -16.48 3.72
C THR A 83 -3.83 -17.58 4.47
N LEU A 84 -3.28 -18.54 3.72
CA LEU A 84 -2.64 -19.71 4.30
C LEU A 84 -1.23 -19.86 3.73
N THR A 85 -0.26 -20.04 4.61
CA THR A 85 1.12 -20.35 4.23
C THR A 85 1.46 -21.74 4.74
N MET A 86 2.02 -22.57 3.86
CA MET A 86 2.22 -23.97 4.20
C MET A 86 3.35 -24.55 3.38
N TYR A 87 3.85 -25.70 3.84
CA TYR A 87 4.84 -26.48 3.10
C TYR A 87 4.11 -27.65 2.45
N PHE A 88 3.90 -27.57 1.14
CA PHE A 88 3.15 -28.58 0.41
C PHE A 88 4.13 -29.60 -0.17
N GLN A 89 3.97 -30.86 0.24
CA GLN A 89 4.88 -31.93 -0.16
C GLN A 89 4.10 -33.02 -0.87
N GLN A 90 4.68 -33.53 -1.97
CA GLN A 90 4.07 -34.59 -2.75
C GLN A 90 5.02 -35.77 -2.85
N TYR A 91 4.47 -36.98 -2.68
CA TYR A 91 5.23 -38.21 -2.72
C TYR A 91 4.68 -39.10 -3.83
N TRP A 92 5.56 -39.53 -4.72
CA TRP A 92 5.18 -40.49 -5.76
C TRP A 92 6.42 -41.21 -6.23
N ARG A 93 6.20 -42.36 -6.87
CA ARG A 93 7.28 -43.20 -7.36
C ARG A 93 7.31 -43.16 -8.89
N ASP A 94 8.48 -42.87 -9.44
CA ASP A 94 8.71 -42.88 -10.88
C ASP A 94 9.87 -43.82 -11.16
N LYS A 95 9.56 -44.99 -11.74
CA LYS A 95 10.59 -45.99 -11.99
C LYS A 95 11.62 -45.53 -13.01
N ARG A 96 11.30 -44.53 -13.83
CA ARG A 96 12.27 -43.98 -14.76
C ARG A 96 13.43 -43.31 -14.05
N LEU A 97 13.23 -42.86 -12.80
CA LEU A 97 14.26 -42.19 -12.02
C LEU A 97 14.96 -43.12 -11.04
N ALA A 98 14.68 -44.42 -11.09
CA ALA A 98 15.32 -45.37 -10.20
C ALA A 98 16.80 -45.49 -10.54
N TYR A 99 17.64 -45.50 -9.50
CA TYR A 99 19.08 -45.62 -9.66
C TYR A 99 19.62 -46.66 -8.70
N SER A 100 20.75 -47.26 -9.06
CA SER A 100 21.37 -48.30 -8.27
C SER A 100 22.85 -47.99 -8.08
N GLY A 101 23.43 -48.55 -7.02
CA GLY A 101 24.82 -48.35 -6.70
C GLY A 101 25.11 -47.18 -5.79
N ILE A 102 24.11 -46.35 -5.49
CA ILE A 102 24.25 -45.20 -4.61
C ILE A 102 23.30 -45.39 -3.43
N PRO A 103 23.80 -45.83 -2.28
CA PRO A 103 22.96 -46.03 -1.09
C PRO A 103 22.64 -44.73 -0.36
N LEU A 104 22.20 -43.72 -1.11
CA LEU A 104 21.91 -42.41 -0.56
C LEU A 104 20.67 -41.83 -1.23
N ASN A 105 20.04 -40.89 -0.54
CA ASN A 105 18.92 -40.14 -1.10
C ASN A 105 19.48 -38.85 -1.73
N LEU A 106 19.34 -38.74 -3.05
CA LEU A 106 19.93 -37.63 -3.78
C LEU A 106 19.07 -36.38 -3.59
N THR A 107 19.58 -35.42 -2.83
CA THR A 107 18.94 -34.12 -2.67
C THR A 107 19.52 -33.20 -3.73
N LEU A 108 18.78 -32.99 -4.82
CA LEU A 108 19.26 -32.22 -5.95
C LEU A 108 18.82 -30.77 -5.84
N ASP A 109 19.39 -29.94 -6.71
CA ASP A 109 18.98 -28.54 -6.79
C ASP A 109 17.53 -28.44 -7.24
N ASN A 110 16.85 -27.41 -6.75
CA ASN A 110 15.43 -27.24 -7.08
C ASN A 110 15.22 -26.98 -8.57
N ARG A 111 16.25 -26.52 -9.28
CA ARG A 111 16.11 -26.28 -10.72
C ARG A 111 15.98 -27.55 -11.53
N VAL A 112 16.26 -28.72 -10.95
CA VAL A 112 16.08 -29.97 -11.67
C VAL A 112 14.61 -30.35 -11.81
N ALA A 113 13.72 -29.70 -11.05
CA ALA A 113 12.30 -30.00 -11.15
C ALA A 113 11.72 -29.63 -12.51
N ASP A 114 12.38 -28.74 -13.25
CA ASP A 114 11.90 -28.38 -14.58
C ASP A 114 12.12 -29.50 -15.60
N GLN A 115 13.04 -30.43 -15.31
CA GLN A 115 13.29 -31.56 -16.19
C GLN A 115 12.61 -32.84 -15.73
N LEU A 116 11.73 -32.75 -14.74
CA LEU A 116 11.04 -33.91 -14.19
C LEU A 116 9.53 -33.73 -14.29
N TRP A 117 8.82 -34.85 -14.39
CA TRP A 117 7.37 -34.81 -14.34
C TRP A 117 6.90 -34.58 -12.92
N VAL A 118 5.96 -33.65 -12.75
CA VAL A 118 5.37 -33.38 -11.44
C VAL A 118 3.86 -33.39 -11.58
N PRO A 119 3.12 -33.77 -10.54
CA PRO A 119 1.65 -33.76 -10.64
C PRO A 119 1.12 -32.35 -10.87
N ASP A 120 0.03 -32.27 -11.62
CA ASP A 120 -0.61 -30.98 -11.90
C ASP A 120 -1.56 -30.61 -10.77
N THR A 121 -1.04 -30.59 -9.54
CA THR A 121 -1.88 -30.30 -8.38
C THR A 121 -2.22 -28.82 -8.32
N TYR A 122 -3.51 -28.52 -8.15
CA TYR A 122 -3.96 -27.15 -8.00
C TYR A 122 -5.01 -27.11 -6.90
N PHE A 123 -5.20 -25.93 -6.33
CA PHE A 123 -6.17 -25.72 -5.27
C PHE A 123 -7.45 -25.15 -5.88
N LEU A 124 -8.56 -25.85 -5.66
CA LEU A 124 -9.79 -25.50 -6.38
C LEU A 124 -10.39 -24.20 -5.87
N ASN A 125 -10.31 -23.95 -4.56
CA ASN A 125 -10.98 -22.81 -3.95
C ASN A 125 -10.06 -21.63 -3.70
N ASP A 126 -8.83 -21.67 -4.22
CA ASP A 126 -7.92 -20.55 -4.01
C ASP A 126 -8.29 -19.37 -4.90
N LYS A 127 -7.97 -18.17 -4.42
CA LYS A 127 -8.20 -16.95 -5.17
C LYS A 127 -6.92 -16.33 -5.72
N LYS A 128 -5.80 -16.48 -5.01
CA LYS A 128 -4.52 -15.98 -5.47
C LYS A 128 -3.43 -16.69 -4.66
N SER A 129 -2.48 -17.31 -5.35
CA SER A 129 -1.42 -18.07 -4.70
CA SER A 129 -1.42 -18.04 -4.69
C SER A 129 -0.12 -17.87 -5.45
N PHE A 130 0.99 -18.08 -4.75
CA PHE A 130 2.31 -17.95 -5.33
C PHE A 130 3.28 -18.81 -4.55
N VAL A 131 4.44 -19.06 -5.15
CA VAL A 131 5.53 -19.81 -4.52
C VAL A 131 6.66 -18.85 -4.23
N HIS A 132 7.12 -18.84 -2.98
CA HIS A 132 8.20 -17.93 -2.58
C HIS A 132 9.47 -18.24 -3.36
N GLY A 133 10.19 -17.18 -3.75
CA GLY A 133 11.36 -17.34 -4.58
C GLY A 133 12.59 -16.59 -4.10
N VAL A 134 12.76 -16.47 -2.78
CA VAL A 134 13.90 -15.80 -2.18
C VAL A 134 14.52 -16.73 -1.15
N THR A 135 15.83 -16.96 -1.24
CA THR A 135 16.68 -16.36 -2.27
C THR A 135 16.61 -17.15 -3.57
N VAL A 136 16.08 -18.37 -3.49
CA VAL A 136 15.73 -19.18 -4.65
C VAL A 136 14.29 -19.63 -4.47
N LYS A 137 13.77 -20.30 -5.50
CA LYS A 137 12.41 -20.81 -5.42
C LYS A 137 12.31 -21.81 -4.28
N ASN A 138 11.29 -21.63 -3.43
CA ASN A 138 11.11 -22.48 -2.25
C ASN A 138 10.59 -23.84 -2.74
N ARG A 139 11.52 -24.66 -3.23
CA ARG A 139 11.20 -25.92 -3.87
C ARG A 139 12.27 -26.94 -3.51
N MET A 140 11.85 -28.18 -3.30
CA MET A 140 12.75 -29.25 -2.89
C MET A 140 12.51 -30.48 -3.76
N ILE A 141 13.60 -31.07 -4.24
CA ILE A 141 13.55 -32.33 -4.97
C ILE A 141 14.50 -33.30 -4.28
N ARG A 142 13.98 -34.47 -3.90
CA ARG A 142 14.77 -35.47 -3.20
C ARG A 142 14.43 -36.83 -3.79
N LEU A 143 15.37 -37.41 -4.52
CA LEU A 143 15.17 -38.71 -5.15
C LEU A 143 15.51 -39.84 -4.18
N HIS A 144 15.04 -41.03 -4.51
CA HIS A 144 15.27 -42.23 -3.72
C HIS A 144 15.71 -43.36 -4.64
N PRO A 145 16.45 -44.34 -4.10
CA PRO A 145 16.95 -45.43 -4.97
C PRO A 145 15.86 -46.21 -5.69
N ASP A 146 14.69 -46.36 -5.08
CA ASP A 146 13.61 -47.11 -5.70
C ASP A 146 12.81 -46.30 -6.70
N GLY A 147 13.15 -45.03 -6.90
CA GLY A 147 12.41 -44.17 -7.80
C GLY A 147 11.44 -43.23 -7.13
N THR A 148 11.31 -43.29 -5.81
CA THR A 148 10.42 -42.38 -5.09
C THR A 148 10.94 -40.95 -5.19
N VAL A 149 10.02 -40.02 -5.45
CA VAL A 149 10.35 -38.61 -5.60
C VAL A 149 9.61 -37.80 -4.54
N LEU A 150 10.35 -36.97 -3.81
N LEU A 150 10.35 -36.97 -3.81
CA LEU A 150 9.78 -36.05 -2.83
CA LEU A 150 9.77 -36.06 -2.83
C LEU A 150 9.83 -34.65 -3.41
C LEU A 150 9.84 -34.65 -3.39
N TYR A 151 8.67 -34.00 -3.50
CA TYR A 151 8.55 -32.68 -4.11
C TYR A 151 7.87 -31.75 -3.12
N GLY A 152 8.61 -30.79 -2.59
CA GLY A 152 8.11 -29.88 -1.58
C GLY A 152 8.06 -28.45 -2.11
N LEU A 153 7.02 -27.72 -1.69
CA LEU A 153 6.83 -26.33 -2.09
C LEU A 153 6.31 -25.54 -0.90
N ARG A 154 6.82 -24.32 -0.73
CA ARG A 154 6.30 -23.39 0.26
C ARG A 154 5.39 -22.42 -0.47
N ILE A 155 4.09 -22.52 -0.19
CA ILE A 155 3.06 -21.82 -0.95
C ILE A 155 2.26 -20.94 0.00
N THR A 156 2.08 -19.68 -0.37
CA THR A 156 1.16 -18.78 0.31
C THR A 156 -0.07 -18.62 -0.56
N THR A 157 -1.22 -19.03 -0.05
CA THR A 157 -2.45 -19.09 -0.83
C THR A 157 -3.57 -18.34 -0.13
N THR A 158 -4.42 -17.70 -0.93
CA THR A 158 -5.63 -17.04 -0.44
C THR A 158 -6.82 -17.84 -0.95
N ALA A 159 -7.45 -18.58 -0.05
CA ALA A 159 -8.54 -19.50 -0.41
C ALA A 159 -9.87 -18.91 0.05
N ALA A 160 -10.85 -18.93 -0.84
CA ALA A 160 -12.17 -18.43 -0.50
C ALA A 160 -12.85 -19.32 0.54
N CYS A 161 -13.62 -18.71 1.43
CA CYS A 161 -14.33 -19.45 2.46
C CYS A 161 -15.65 -18.73 2.74
N MET A 162 -16.74 -19.28 2.23
CA MET A 162 -18.05 -18.72 2.50
C MET A 162 -18.37 -18.83 3.98
N MET A 163 -18.89 -17.74 4.54
CA MET A 163 -19.14 -17.65 5.98
C MET A 163 -20.60 -17.37 6.25
N ASP A 164 -21.15 -18.04 7.26
CA ASP A 164 -22.51 -17.81 7.73
C ASP A 164 -22.44 -16.84 8.89
N LEU A 165 -22.85 -15.59 8.66
CA LEU A 165 -22.75 -14.52 9.64
C LEU A 165 -24.06 -14.28 10.37
N ARG A 166 -24.98 -15.24 10.35
CA ARG A 166 -26.24 -15.08 11.06
C ARG A 166 -26.02 -14.99 12.57
N ARG A 167 -25.09 -15.78 13.10
CA ARG A 167 -24.77 -15.77 14.52
C ARG A 167 -23.57 -14.90 14.84
N TYR A 168 -23.12 -14.10 13.89
CA TYR A 168 -21.98 -13.22 14.12
C TYR A 168 -22.30 -12.23 15.24
N PRO A 169 -21.35 -11.93 16.14
CA PRO A 169 -19.97 -12.43 16.16
C PRO A 169 -19.79 -13.71 16.99
N LEU A 170 -20.88 -14.38 17.33
CA LEU A 170 -20.82 -15.63 18.07
C LEU A 170 -20.92 -16.85 17.15
N ASP A 171 -20.39 -16.71 15.93
CA ASP A 171 -20.53 -17.74 14.91
C ASP A 171 -19.35 -18.70 14.93
N GLU A 172 -19.53 -19.83 14.25
CA GLU A 172 -18.49 -20.83 14.06
C GLU A 172 -18.37 -21.11 12.56
N GLN A 173 -17.16 -21.05 12.04
CA GLN A 173 -16.92 -21.14 10.60
C GLN A 173 -16.14 -22.39 10.26
N ASN A 174 -16.42 -22.94 9.08
CA ASN A 174 -15.76 -24.12 8.55
C ASN A 174 -15.14 -23.75 7.22
N CYS A 175 -13.83 -23.50 7.24
CA CYS A 175 -13.08 -23.14 6.03
C CYS A 175 -12.29 -24.34 5.53
N THR A 176 -12.37 -24.60 4.24
CA THR A 176 -11.77 -25.77 3.64
C THR A 176 -10.69 -25.37 2.64
N LEU A 177 -9.81 -26.32 2.34
CA LEU A 177 -8.79 -26.18 1.30
C LEU A 177 -8.88 -27.38 0.39
N GLU A 178 -9.37 -27.17 -0.83
CA GLU A 178 -9.60 -28.25 -1.77
C GLU A 178 -8.36 -28.49 -2.62
N ILE A 179 -7.93 -29.74 -2.70
CA ILE A 179 -6.77 -30.14 -3.48
C ILE A 179 -7.23 -31.12 -4.54
N GLU A 180 -6.88 -30.84 -5.80
CA GLU A 180 -7.38 -31.63 -6.91
C GLU A 180 -6.37 -31.57 -8.05
N SER A 181 -6.36 -32.63 -8.87
CA SER A 181 -5.59 -32.64 -10.10
C SER A 181 -6.37 -31.94 -11.20
N TYR A 182 -5.65 -31.18 -12.03
CA TYR A 182 -6.31 -30.38 -13.05
C TYR A 182 -6.57 -31.17 -14.33
N GLY A 183 -5.57 -31.87 -14.83
CA GLY A 183 -5.69 -32.54 -16.11
C GLY A 183 -5.89 -34.03 -16.04
N TYR A 184 -5.21 -34.69 -15.10
CA TYR A 184 -5.27 -36.14 -15.00
C TYR A 184 -6.49 -36.57 -14.20
N THR A 185 -7.26 -37.50 -14.76
CA THR A 185 -8.42 -38.04 -14.09
C THR A 185 -8.01 -39.15 -13.13
N THR A 186 -9.01 -39.78 -12.51
CA THR A 186 -8.73 -40.88 -11.58
C THR A 186 -8.12 -42.08 -12.28
N ASP A 187 -8.28 -42.20 -13.60
CA ASP A 187 -7.67 -43.29 -14.34
C ASP A 187 -6.17 -43.11 -14.50
N ASP A 188 -5.65 -41.89 -14.27
CA ASP A 188 -4.24 -41.60 -14.45
C ASP A 188 -3.52 -41.23 -13.17
N ILE A 189 -4.21 -40.76 -12.14
CA ILE A 189 -3.57 -40.31 -10.92
C ILE A 189 -4.54 -40.53 -9.76
N GLU A 190 -3.97 -40.78 -8.58
CA GLU A 190 -4.75 -40.97 -7.37
C GLU A 190 -4.08 -40.21 -6.22
N PHE A 191 -4.90 -39.61 -5.36
CA PHE A 191 -4.42 -38.85 -4.22
C PHE A 191 -4.77 -39.56 -2.93
N TYR A 192 -3.87 -39.44 -1.94
CA TYR A 192 -4.11 -39.96 -0.61
C TYR A 192 -3.29 -39.16 0.38
N TRP A 193 -3.81 -39.05 1.60
CA TRP A 193 -3.09 -38.37 2.68
C TRP A 193 -2.01 -39.30 3.20
N ARG A 194 -0.75 -38.93 2.99
CA ARG A 194 0.35 -39.76 3.44
C ARG A 194 0.50 -39.66 4.96
N GLY A 195 0.30 -40.77 5.64
CA GLY A 195 0.31 -40.78 7.09
C GLY A 195 -1.05 -40.77 7.74
N GLY A 196 -2.13 -40.90 6.96
CA GLY A 196 -3.46 -40.92 7.55
C GLY A 196 -3.84 -39.56 8.12
N ASP A 197 -4.37 -39.58 9.34
CA ASP A 197 -4.80 -38.34 9.99
C ASP A 197 -3.64 -37.47 10.43
N LYS A 198 -2.40 -37.97 10.37
CA LYS A 198 -1.23 -37.20 10.72
C LYS A 198 -0.57 -36.54 9.52
N ALA A 199 -1.23 -36.58 8.35
CA ALA A 199 -0.65 -35.99 7.15
C ALA A 199 -0.47 -34.48 7.27
N VAL A 200 -1.37 -33.81 7.99
CA VAL A 200 -1.32 -32.36 8.15
C VAL A 200 -0.82 -32.05 9.56
N THR A 201 0.28 -31.32 9.64
CA THR A 201 0.88 -30.91 10.90
C THR A 201 0.94 -29.38 10.96
N GLY A 202 1.35 -28.87 12.12
CA GLY A 202 1.48 -27.45 12.30
C GLY A 202 0.19 -26.72 12.59
N VAL A 203 -0.89 -27.44 12.89
CA VAL A 203 -2.16 -26.79 13.21
C VAL A 203 -2.02 -25.95 14.48
N GLU A 204 -1.22 -26.43 15.44
CA GLU A 204 -1.00 -25.68 16.66
C GLU A 204 -0.25 -24.37 16.42
N ARG A 205 0.48 -24.26 15.29
CA ARG A 205 1.18 -23.02 15.00
C ARG A 205 0.22 -21.89 14.63
N ILE A 206 -1.02 -22.20 14.27
CA ILE A 206 -1.98 -21.19 13.87
C ILE A 206 -2.31 -20.31 15.07
N GLU A 207 -2.03 -19.01 14.96
CA GLU A 207 -2.28 -18.05 16.03
C GLU A 207 -3.13 -16.93 15.44
N LEU A 208 -4.45 -17.13 15.46
CA LEU A 208 -5.39 -16.12 15.00
C LEU A 208 -5.88 -15.31 16.19
N PRO A 209 -5.69 -13.99 16.21
CA PRO A 209 -6.19 -13.20 17.34
C PRO A 209 -7.69 -13.27 17.51
N GLN A 210 -8.44 -13.47 16.42
CA GLN A 210 -9.89 -13.44 16.46
C GLN A 210 -10.53 -14.82 16.44
N PHE A 211 -9.78 -15.87 16.13
CA PHE A 211 -10.34 -17.21 15.99
C PHE A 211 -9.48 -18.22 16.73
N SER A 212 -10.08 -19.37 17.01
CA SER A 212 -9.39 -20.52 17.60
C SER A 212 -9.72 -21.76 16.78
N ILE A 213 -8.72 -22.62 16.59
CA ILE A 213 -8.87 -23.81 15.76
C ILE A 213 -9.50 -24.90 16.63
N VAL A 214 -10.81 -25.11 16.47
CA VAL A 214 -11.48 -26.13 17.25
C VAL A 214 -11.08 -27.53 16.78
N GLU A 215 -11.06 -27.74 15.47
CA GLU A 215 -10.81 -29.07 14.92
C GLU A 215 -10.41 -28.94 13.46
N HIS A 216 -9.67 -29.93 12.98
CA HIS A 216 -9.33 -30.05 11.57
C HIS A 216 -9.59 -31.48 11.11
N ARG A 217 -9.99 -31.62 9.85
CA ARG A 217 -10.35 -32.92 9.30
C ARG A 217 -9.69 -33.10 7.93
N LEU A 218 -9.47 -34.36 7.58
CA LEU A 218 -8.91 -34.74 6.29
C LEU A 218 -9.92 -35.61 5.55
N VAL A 219 -10.25 -35.22 4.32
CA VAL A 219 -11.26 -35.90 3.52
C VAL A 219 -10.66 -36.25 2.17
N SER A 220 -10.86 -37.49 1.74
CA SER A 220 -10.45 -37.95 0.42
C SER A 220 -11.67 -38.50 -0.31
N ARG A 221 -11.87 -38.05 -1.55
CA ARG A 221 -13.03 -38.45 -2.32
C ARG A 221 -12.75 -38.20 -3.79
N ASN A 222 -13.69 -38.61 -4.64
CA ASN A 222 -13.62 -38.42 -6.08
C ASN A 222 -14.73 -37.48 -6.52
N VAL A 223 -14.38 -36.51 -7.37
CA VAL A 223 -15.32 -35.51 -7.87
C VAL A 223 -15.44 -35.71 -9.37
N VAL A 224 -16.69 -35.76 -9.86
CA VAL A 224 -16.98 -36.04 -11.25
C VAL A 224 -17.40 -34.75 -11.92
N PHE A 225 -16.71 -34.39 -13.01
CA PHE A 225 -17.07 -33.27 -13.86
C PHE A 225 -17.45 -33.80 -15.24
N ALA A 226 -17.72 -32.87 -16.16
CA ALA A 226 -18.01 -33.25 -17.54
C ALA A 226 -16.81 -33.92 -18.18
N THR A 227 -15.61 -33.41 -17.93
CA THR A 227 -14.41 -33.96 -18.53
C THR A 227 -14.03 -35.31 -17.93
N GLY A 228 -14.50 -35.63 -16.74
CA GLY A 228 -14.22 -36.91 -16.12
C GLY A 228 -14.24 -36.79 -14.62
N ALA A 229 -13.81 -37.87 -13.96
CA ALA A 229 -13.75 -37.94 -12.51
C ALA A 229 -12.34 -37.64 -12.05
N TYR A 230 -12.22 -36.76 -11.06
CA TYR A 230 -10.91 -36.33 -10.60
C TYR A 230 -10.74 -36.60 -9.11
N PRO A 231 -9.54 -36.97 -8.67
CA PRO A 231 -9.31 -37.17 -7.23
C PRO A 231 -9.37 -35.85 -6.49
N ARG A 232 -9.78 -35.93 -5.21
CA ARG A 232 -9.95 -34.74 -4.40
C ARG A 232 -9.43 -35.00 -2.99
N LEU A 233 -8.62 -34.07 -2.49
CA LEU A 233 -8.21 -34.03 -1.10
C LEU A 233 -8.68 -32.72 -0.49
N SER A 234 -9.31 -32.80 0.68
N SER A 234 -9.31 -32.80 0.68
CA SER A 234 -9.88 -31.64 1.34
CA SER A 234 -9.88 -31.63 1.33
C SER A 234 -9.31 -31.51 2.73
C SER A 234 -9.32 -31.50 2.74
N LEU A 235 -8.88 -30.30 3.09
CA LEU A 235 -8.42 -29.98 4.43
C LEU A 235 -9.30 -28.87 4.97
N SER A 236 -9.97 -29.13 6.09
CA SER A 236 -10.96 -28.22 6.63
C SER A 236 -10.64 -27.88 8.08
N PHE A 237 -10.91 -26.64 8.46
CA PHE A 237 -10.74 -26.17 9.82
C PHE A 237 -12.07 -25.62 10.33
N ARG A 238 -12.37 -25.86 11.60
CA ARG A 238 -13.52 -25.27 12.26
C ARG A 238 -13.03 -24.14 13.17
N LEU A 239 -13.41 -22.91 12.86
N LEU A 239 -13.41 -22.92 12.85
CA LEU A 239 -12.93 -21.74 13.57
CA LEU A 239 -12.94 -21.73 13.57
C LEU A 239 -14.02 -21.19 14.47
C LEU A 239 -14.04 -21.21 14.48
N LYS A 240 -13.68 -20.94 15.73
CA LYS A 240 -14.59 -20.35 16.70
C LYS A 240 -14.13 -18.93 16.99
N ARG A 241 -15.02 -17.97 16.77
CA ARG A 241 -14.67 -16.57 16.94
C ARG A 241 -14.56 -16.22 18.41
N ASN A 242 -13.62 -15.34 18.75
CA ASN A 242 -13.43 -14.89 20.12
C ASN A 242 -14.31 -13.68 20.39
N ILE A 243 -15.10 -13.76 21.45
CA ILE A 243 -16.05 -12.69 21.78
C ILE A 243 -15.42 -11.55 22.56
N GLY A 244 -14.16 -11.70 22.97
CA GLY A 244 -13.54 -10.68 23.83
C GLY A 244 -13.45 -9.31 23.16
N TYR A 245 -13.07 -9.29 21.89
CA TYR A 245 -12.94 -8.00 21.19
C TYR A 245 -14.29 -7.31 21.04
N PHE A 246 -15.33 -8.07 20.71
CA PHE A 246 -16.62 -7.46 20.41
C PHE A 246 -17.32 -6.97 21.67
N ILE A 247 -17.04 -7.57 22.82
CA ILE A 247 -17.59 -7.07 24.08
C ILE A 247 -17.09 -5.66 24.34
N LEU A 248 -15.79 -5.43 24.17
CA LEU A 248 -15.22 -4.12 24.44
C LEU A 248 -15.58 -3.12 23.35
N GLN A 249 -15.62 -3.57 22.09
CA GLN A 249 -15.77 -2.64 20.98
C GLN A 249 -17.21 -2.22 20.76
N THR A 250 -18.15 -3.17 20.82
CA THR A 250 -19.54 -2.90 20.44
C THR A 250 -20.52 -3.10 21.59
N TYR A 251 -20.44 -4.24 22.28
CA TYR A 251 -21.46 -4.55 23.28
C TYR A 251 -21.42 -3.59 24.46
N MET A 252 -20.24 -3.38 25.04
CA MET A 252 -20.13 -2.48 26.18
C MET A 252 -20.53 -1.05 25.85
N PRO A 253 -20.04 -0.42 24.77
CA PRO A 253 -20.51 0.95 24.48
C PRO A 253 -22.01 1.06 24.29
N SER A 254 -22.64 0.05 23.70
CA SER A 254 -24.09 0.08 23.51
C SER A 254 -24.82 0.04 24.85
N ILE A 255 -24.34 -0.78 25.78
CA ILE A 255 -24.98 -0.87 27.10
C ILE A 255 -24.84 0.46 27.84
N LEU A 256 -23.66 1.07 27.77
CA LEU A 256 -23.43 2.32 28.50
C LEU A 256 -24.33 3.43 27.99
N ILE A 257 -24.54 3.50 26.67
CA ILE A 257 -25.45 4.49 26.12
C ILE A 257 -26.88 4.24 26.59
N THR A 258 -27.28 2.96 26.64
CA THR A 258 -28.61 2.62 27.14
C THR A 258 -28.78 3.03 28.60
N ILE A 259 -27.75 2.79 29.42
CA ILE A 259 -27.79 3.23 30.81
C ILE A 259 -27.81 4.75 30.86
N LEU A 260 -27.11 5.41 29.94
CA LEU A 260 -27.09 6.86 29.91
C LEU A 260 -28.48 7.44 29.69
N SER A 261 -29.30 6.77 28.87
CA SER A 261 -30.66 7.24 28.64
C SER A 261 -31.51 7.16 29.90
N TRP A 262 -31.18 6.24 30.81
CA TRP A 262 -31.95 6.10 32.04
C TRP A 262 -31.74 7.28 32.99
N VAL A 263 -30.69 8.07 32.79
CA VAL A 263 -30.44 9.22 33.67
C VAL A 263 -31.55 10.24 33.56
N SER A 264 -32.21 10.30 32.41
CA SER A 264 -33.27 11.29 32.21
C SER A 264 -34.43 11.10 33.18
N PHE A 265 -34.64 9.87 33.64
CA PHE A 265 -35.76 9.59 34.54
C PHE A 265 -35.58 10.29 35.88
N TRP A 266 -34.35 10.39 36.37
CA TRP A 266 -34.09 11.02 37.66
CA TRP A 266 -34.09 11.02 37.66
C TRP A 266 -33.99 12.53 37.56
N ILE A 267 -34.03 13.10 36.36
CA ILE A 267 -33.99 14.54 36.16
CA ILE A 267 -33.99 14.54 36.16
C ILE A 267 -35.42 15.07 36.13
N ASN A 268 -35.62 16.24 36.73
CA ASN A 268 -36.96 16.81 36.86
C ASN A 268 -37.54 17.12 35.48
N TYR A 269 -38.86 17.02 35.39
CA TYR A 269 -39.54 17.19 34.11
C TYR A 269 -39.46 18.63 33.60
N ASP A 270 -39.33 19.62 34.49
CA ASP A 270 -39.25 21.01 34.06
C ASP A 270 -37.99 21.29 33.27
N ALA A 271 -36.94 20.48 33.42
CA ALA A 271 -35.71 20.64 32.66
C ALA A 271 -35.91 20.05 31.26
N SER A 272 -36.71 20.76 30.46
CA SER A 272 -37.04 20.29 29.13
C SER A 272 -35.81 20.20 28.25
N ALA A 273 -34.95 21.21 28.30
CA ALA A 273 -33.74 21.20 27.48
C ALA A 273 -32.82 20.05 27.87
N ALA A 274 -32.67 19.80 29.16
CA ALA A 274 -31.75 18.76 29.62
C ALA A 274 -32.23 17.37 29.21
N ARG A 275 -33.49 17.04 29.49
CA ARG A 275 -33.98 15.70 29.22
C ARG A 275 -34.10 15.43 27.73
N VAL A 276 -34.53 16.43 26.95
CA VAL A 276 -34.59 16.26 25.51
C VAL A 276 -33.21 16.06 24.92
N ALA A 277 -32.23 16.85 25.39
CA ALA A 277 -30.86 16.68 24.91
C ALA A 277 -30.33 15.29 25.25
N LEU A 278 -30.67 14.78 26.43
CA LEU A 278 -30.26 13.44 26.81
CA LEU A 278 -30.23 13.44 26.80
C LEU A 278 -30.83 12.39 25.87
N GLY A 279 -32.11 12.54 25.51
CA GLY A 279 -32.72 11.59 24.60
C GLY A 279 -32.14 11.66 23.20
N ILE A 280 -31.88 12.88 22.72
CA ILE A 280 -31.36 13.05 21.36
C ILE A 280 -29.98 12.41 21.24
N THR A 281 -29.08 12.76 22.16
CA THR A 281 -27.69 12.35 22.04
C THR A 281 -27.54 10.84 22.14
N THR A 282 -28.30 10.21 23.04
CA THR A 282 -28.25 8.76 23.13
C THR A 282 -28.73 8.09 21.85
N VAL A 283 -29.80 8.62 21.25
CA VAL A 283 -30.29 8.07 20.00
C VAL A 283 -29.27 8.25 18.88
N LEU A 284 -28.69 9.45 18.78
CA LEU A 284 -27.71 9.72 17.73
C LEU A 284 -26.47 8.85 17.90
N THR A 285 -25.99 8.70 19.14
CA THR A 285 -24.82 7.86 19.39
C THR A 285 -25.10 6.41 19.04
N MET A 286 -26.32 5.94 19.35
CA MET A 286 -26.68 4.56 19.02
C MET A 286 -26.67 4.34 17.51
N THR A 287 -27.15 5.32 16.74
CA THR A 287 -27.14 5.20 15.29
C THR A 287 -25.73 5.14 14.74
N THR A 288 -24.83 5.97 15.29
CA THR A 288 -23.44 5.99 14.80
C THR A 288 -22.76 4.64 15.02
N ILE A 289 -22.99 4.02 16.19
CA ILE A 289 -22.41 2.71 16.46
C ILE A 289 -22.96 1.68 15.49
N ASN A 290 -24.28 1.71 15.24
CA ASN A 290 -24.88 0.74 14.33
C ASN A 290 -24.34 0.90 12.91
N THR A 291 -24.20 2.15 12.45
CA THR A 291 -23.68 2.38 11.10
C THR A 291 -22.24 1.92 10.97
N HIS A 292 -21.41 2.19 11.97
CA HIS A 292 -19.99 1.84 11.89
C HIS A 292 -19.80 0.32 11.80
N LEU A 293 -20.57 -0.44 12.60
CA LEU A 293 -20.39 -1.88 12.62
C LEU A 293 -20.72 -2.50 11.27
N ARG A 294 -21.83 -2.08 10.65
CA ARG A 294 -22.25 -2.67 9.38
C ARG A 294 -21.28 -2.36 8.24
N GLU A 295 -20.47 -1.31 8.37
CA GLU A 295 -19.50 -0.98 7.34
C GLU A 295 -18.27 -1.87 7.37
N THR A 296 -18.06 -2.61 8.46
CA THR A 296 -16.91 -3.50 8.59
C THR A 296 -17.21 -4.93 8.14
N LEU A 297 -18.40 -5.18 7.60
CA LEU A 297 -18.86 -6.50 7.23
C LEU A 297 -19.46 -6.46 5.83
N PRO A 298 -19.50 -7.60 5.14
CA PRO A 298 -20.08 -7.62 3.79
C PRO A 298 -21.57 -7.30 3.83
N LYS A 299 -22.06 -6.75 2.73
CA LYS A 299 -23.45 -6.28 2.63
C LYS A 299 -24.37 -7.48 2.46
N ILE A 300 -24.46 -8.29 3.51
CA ILE A 300 -25.34 -9.45 3.53
C ILE A 300 -26.78 -8.99 3.74
N PRO A 301 -27.77 -9.69 3.18
CA PRO A 301 -29.16 -9.23 3.34
C PRO A 301 -29.82 -9.67 4.63
N TYR A 302 -29.28 -10.68 5.31
CA TYR A 302 -29.89 -11.19 6.53
C TYR A 302 -29.37 -10.43 7.75
N VAL A 303 -30.07 -10.60 8.87
CA VAL A 303 -29.78 -9.88 10.10
C VAL A 303 -28.85 -10.72 10.96
N LYS A 304 -27.74 -10.12 11.40
CA LYS A 304 -26.79 -10.79 12.27
C LYS A 304 -27.27 -10.72 13.72
N ALA A 305 -26.61 -11.50 14.57
CA ALA A 305 -26.91 -11.46 16.00
C ALA A 305 -26.58 -10.10 16.60
N ILE A 306 -25.45 -9.52 16.19
CA ILE A 306 -25.06 -8.22 16.72
C ILE A 306 -26.03 -7.13 16.25
N ASP A 307 -26.56 -7.26 15.03
CA ASP A 307 -27.55 -6.30 14.56
C ASP A 307 -28.81 -6.33 15.42
N MET A 308 -29.23 -7.53 15.83
CA MET A 308 -30.41 -7.64 16.69
C MET A 308 -30.19 -6.93 18.01
N TYR A 309 -28.99 -7.06 18.59
CA TYR A 309 -28.71 -6.38 19.85
C TYR A 309 -28.73 -4.87 19.68
N LEU A 310 -28.14 -4.37 18.58
CA LEU A 310 -28.14 -2.93 18.35
C LEU A 310 -29.55 -2.41 18.10
N MET A 311 -30.37 -3.17 17.37
CA MET A 311 -31.76 -2.77 17.18
C MET A 311 -32.51 -2.73 18.51
N GLY A 312 -32.29 -3.72 19.36
CA GLY A 312 -32.93 -3.72 20.67
C GLY A 312 -32.51 -2.55 21.52
N CYS A 313 -31.21 -2.23 21.52
CA CYS A 313 -30.74 -1.08 22.28
C CYS A 313 -31.32 0.22 21.73
N PHE A 314 -31.46 0.32 20.41
CA PHE A 314 -32.06 1.52 19.83
C PHE A 314 -33.51 1.68 20.24
N VAL A 315 -34.23 0.57 20.40
CA VAL A 315 -35.63 0.65 20.82
C VAL A 315 -35.72 1.25 22.23
N PHE A 316 -34.87 0.81 23.14
CA PHE A 316 -34.94 1.29 24.52
C PHE A 316 -34.66 2.79 24.60
N VAL A 317 -33.63 3.27 23.91
CA VAL A 317 -33.32 4.70 23.96
C VAL A 317 -34.40 5.51 23.26
N PHE A 318 -34.96 4.98 22.17
CA PHE A 318 -36.04 5.69 21.49
C PHE A 318 -37.30 5.74 22.35
N LEU A 319 -37.60 4.65 23.07
CA LEU A 319 -38.74 4.65 23.97
C LEU A 319 -38.54 5.63 25.12
N ALA A 320 -37.30 5.76 25.59
CA ALA A 320 -37.03 6.69 26.69
C ALA A 320 -37.33 8.13 26.29
N LEU A 321 -36.94 8.52 25.07
CA LEU A 321 -37.27 9.86 24.60
C LEU A 321 -38.77 10.02 24.39
N LEU A 322 -39.43 8.98 23.87
CA LEU A 322 -40.88 9.02 23.77
C LEU A 322 -41.54 9.05 25.14
N GLU A 323 -40.90 8.44 26.15
CA GLU A 323 -41.47 8.46 27.49
C GLU A 323 -41.54 9.88 28.04
N TYR A 324 -40.50 10.67 27.84
CA TYR A 324 -40.52 12.05 28.33
C TYR A 324 -41.52 12.89 27.56
N ALA A 325 -41.65 12.65 26.26
CA ALA A 325 -42.62 13.39 25.46
C ALA A 325 -44.04 13.15 25.97
N PHE A 326 -44.34 11.91 26.35
CA PHE A 326 -45.63 11.62 26.98
C PHE A 326 -45.76 12.34 28.32
N VAL A 327 -44.68 12.36 29.11
CA VAL A 327 -44.71 13.06 30.39
C VAL A 327 -44.89 14.56 30.17
N ASN A 328 -44.17 15.13 29.19
CA ASN A 328 -44.30 16.55 28.90
C ASN A 328 -45.70 16.88 28.38
N TYR A 329 -46.29 15.98 27.59
CA TYR A 329 -47.61 16.24 27.02
C TYR A 329 -48.68 16.27 28.10
N ILE A 330 -48.66 15.28 29.01
CA ILE A 330 -49.70 15.22 30.04
C ILE A 330 -49.52 16.34 31.05
N PHE A 331 -48.28 16.74 31.34
CA PHE A 331 -48.04 17.81 32.31
C PHE A 331 -48.60 19.13 31.81
N PHE A 332 -48.45 19.41 30.52
CA PHE A 332 -48.98 20.64 29.94
C PHE A 332 -50.23 20.37 29.11
N ALA A 447 -45.01 10.23 39.04
CA ALA A 447 -45.37 8.82 39.18
C ALA A 447 -44.97 8.04 37.92
N ILE A 448 -45.15 8.68 36.76
CA ILE A 448 -44.80 8.03 35.50
C ILE A 448 -43.29 7.80 35.43
N ASP A 449 -42.50 8.77 35.86
CA ASP A 449 -41.05 8.63 35.81
C ASP A 449 -40.58 7.48 36.70
N ARG A 450 -41.06 7.42 37.94
CA ARG A 450 -40.67 6.34 38.83
C ARG A 450 -41.14 4.99 38.30
N TRP A 451 -42.35 4.95 37.72
CA TRP A 451 -42.81 3.73 37.07
C TRP A 451 -41.91 3.36 35.91
N SER A 452 -41.44 4.35 35.15
CA SER A 452 -40.51 4.08 34.06
C SER A 452 -39.14 3.68 34.59
N ARG A 453 -38.78 4.13 35.80
CA ARG A 453 -37.49 3.77 36.37
C ARG A 453 -37.38 2.28 36.65
N ILE A 454 -38.50 1.63 36.97
CA ILE A 454 -38.47 0.21 37.31
C ILE A 454 -38.69 -0.69 36.08
N VAL A 455 -39.16 -0.14 34.98
CA VAL A 455 -39.49 -0.96 33.81
C VAL A 455 -38.31 -1.14 32.89
N PHE A 456 -37.67 -0.03 32.48
CA PHE A 456 -36.61 -0.13 31.47
C PHE A 456 -35.42 -0.96 31.93
N PRO A 457 -34.82 -0.72 33.11
CA PRO A 457 -33.73 -1.60 33.54
C PRO A 457 -34.16 -3.05 33.69
N PHE A 458 -35.39 -3.28 34.16
CA PHE A 458 -35.90 -4.65 34.27
C PHE A 458 -36.09 -5.27 32.89
N THR A 459 -36.69 -4.52 31.97
CA THR A 459 -36.91 -5.03 30.62
C THR A 459 -35.59 -5.22 29.88
N PHE A 460 -34.66 -4.28 30.05
CA PHE A 460 -33.35 -4.39 29.39
C PHE A 460 -32.58 -5.59 29.90
N SER A 461 -32.65 -5.84 31.22
CA SER A 461 -32.00 -7.03 31.77
C SER A 461 -32.63 -8.31 31.21
N LEU A 462 -33.96 -8.33 31.09
CA LEU A 462 -34.63 -9.47 30.49
C LEU A 462 -34.24 -9.62 29.02
N PHE A 463 -34.13 -8.50 28.30
CA PHE A 463 -33.73 -8.55 26.90
C PHE A 463 -32.32 -9.11 26.76
N ASN A 464 -31.40 -8.68 27.62
CA ASN A 464 -30.04 -9.21 27.57
C ASN A 464 -30.02 -10.70 27.93
N LEU A 465 -30.81 -11.10 28.92
CA LEU A 465 -30.82 -12.51 29.32
C LEU A 465 -31.34 -13.39 28.19
N VAL A 466 -32.42 -12.97 27.53
CA VAL A 466 -32.95 -13.74 26.41
C VAL A 466 -31.95 -13.76 25.26
N TYR A 467 -31.32 -12.62 24.98
CA TYR A 467 -30.39 -12.53 23.85
C TYR A 467 -29.20 -13.46 24.03
N TRP A 468 -28.55 -13.39 25.21
CA TRP A 468 -27.33 -14.17 25.41
C TRP A 468 -27.63 -15.66 25.49
N LEU A 469 -28.73 -16.05 26.13
CA LEU A 469 -29.08 -17.46 26.21
C LEU A 469 -29.35 -18.04 24.82
N TYR A 470 -30.01 -17.26 23.96
CA TYR A 470 -30.33 -17.74 22.62
C TYR A 470 -29.07 -17.99 21.79
N TYR A 471 -28.09 -17.09 21.88
CA TYR A 471 -26.91 -17.15 21.04
C TYR A 471 -25.71 -17.82 21.71
N VAL A 472 -25.89 -18.36 22.91
CA VAL A 472 -24.81 -19.10 23.57
C VAL A 472 -25.28 -20.52 23.90
N GLY B 32 45.81 -9.11 -17.04
CA GLY B 32 45.36 -8.21 -18.09
C GLY B 32 44.98 -8.92 -19.38
N ASN B 33 45.22 -10.23 -19.40
CA ASN B 33 44.92 -11.05 -20.57
C ASN B 33 43.47 -11.52 -20.46
N MET B 34 42.56 -10.80 -21.10
CA MET B 34 41.14 -11.14 -21.01
C MET B 34 40.86 -12.50 -21.62
N SER B 35 41.55 -12.85 -22.71
CA SER B 35 41.37 -14.15 -23.32
C SER B 35 41.79 -15.27 -22.37
N PHE B 36 42.92 -15.08 -21.67
CA PHE B 36 43.35 -16.07 -20.69
C PHE B 36 42.34 -16.23 -19.57
N VAL B 37 41.80 -15.10 -19.08
CA VAL B 37 40.76 -15.18 -18.05
C VAL B 37 39.51 -15.85 -18.59
N LYS B 38 39.14 -15.54 -19.84
CA LYS B 38 37.98 -16.17 -20.44
C LYS B 38 38.16 -17.67 -20.56
N GLU B 39 39.36 -18.11 -20.96
CA GLU B 39 39.64 -19.55 -21.03
C GLU B 39 39.56 -20.18 -19.66
N THR B 40 40.08 -19.50 -18.63
CA THR B 40 40.06 -20.04 -17.28
C THR B 40 38.62 -20.22 -16.78
N VAL B 41 37.77 -19.22 -17.01
CA VAL B 41 36.39 -19.30 -16.55
C VAL B 41 35.62 -20.35 -17.34
N ASP B 42 35.83 -20.41 -18.65
CA ASP B 42 35.17 -21.42 -19.46
C ASP B 42 35.57 -22.83 -19.03
N LYS B 43 36.83 -23.00 -18.65
CA LYS B 43 37.28 -24.29 -18.14
C LYS B 43 36.55 -24.65 -16.85
N LEU B 44 36.34 -23.66 -15.97
CA LEU B 44 35.66 -23.92 -14.72
C LEU B 44 34.23 -24.38 -14.94
N LEU B 45 33.53 -23.76 -15.88
CA LEU B 45 32.12 -24.08 -16.13
C LEU B 45 31.93 -25.23 -17.10
N LYS B 46 33.01 -25.77 -17.66
CA LYS B 46 32.90 -26.92 -18.56
C LYS B 46 32.71 -28.19 -17.73
N GLY B 47 31.57 -28.85 -17.91
CA GLY B 47 31.23 -30.01 -17.11
C GLY B 47 30.66 -29.70 -15.75
N TYR B 48 30.49 -28.44 -15.40
CA TYR B 48 29.93 -28.07 -14.12
C TYR B 48 28.46 -28.43 -14.07
N ASP B 49 28.04 -29.09 -12.99
CA ASP B 49 26.66 -29.53 -12.81
C ASP B 49 26.04 -28.72 -11.68
N ILE B 50 25.13 -27.81 -12.04
CA ILE B 50 24.45 -26.99 -11.04
C ILE B 50 23.53 -27.83 -10.16
N ARG B 51 23.12 -29.01 -10.63
CA ARG B 51 22.20 -29.85 -9.86
C ARG B 51 22.86 -30.48 -8.65
N LEU B 52 24.18 -30.54 -8.62
CA LEU B 52 24.92 -31.20 -7.54
C LEU B 52 25.61 -30.15 -6.68
N ARG B 53 25.43 -30.26 -5.36
CA ARG B 53 26.09 -29.39 -4.43
C ARG B 53 27.58 -29.71 -4.37
N PRO B 54 28.40 -28.77 -3.92
CA PRO B 54 29.84 -29.09 -3.72
C PRO B 54 30.01 -30.23 -2.73
N ASP B 55 30.97 -31.09 -3.03
CA ASP B 55 31.24 -32.29 -2.22
C ASP B 55 29.98 -33.12 -2.06
N PHE B 56 29.28 -33.33 -3.17
CA PHE B 56 28.06 -34.13 -3.15
C PHE B 56 28.36 -35.55 -2.71
N GLY B 57 27.55 -36.05 -1.77
CA GLY B 57 27.77 -37.37 -1.20
C GLY B 57 28.86 -37.43 -0.15
N GLY B 58 29.45 -36.30 0.22
CA GLY B 58 30.50 -36.27 1.20
C GLY B 58 30.16 -35.40 2.39
N PRO B 59 31.16 -34.72 2.96
CA PRO B 59 30.91 -33.88 4.11
C PRO B 59 30.02 -32.71 3.74
N PRO B 60 29.22 -32.20 4.68
CA PRO B 60 28.38 -31.03 4.37
C PRO B 60 29.23 -29.80 4.11
N VAL B 61 28.72 -28.95 3.23
CA VAL B 61 29.39 -27.70 2.87
C VAL B 61 28.98 -26.62 3.86
N CYS B 62 29.97 -25.96 4.46
CA CYS B 62 29.71 -24.91 5.42
C CYS B 62 29.48 -23.59 4.69
N VAL B 63 28.36 -22.93 4.99
CA VAL B 63 27.99 -21.67 4.36
C VAL B 63 28.00 -20.58 5.43
N GLY B 64 28.87 -19.60 5.26
CA GLY B 64 28.93 -18.47 6.17
C GLY B 64 28.03 -17.34 5.66
N MET B 65 27.33 -16.70 6.59
CA MET B 65 26.36 -15.68 6.25
C MET B 65 26.60 -14.42 7.05
N ASN B 66 26.52 -13.28 6.36
N ASN B 66 26.50 -13.27 6.38
CA ASN B 66 26.57 -11.96 6.97
CA ASN B 66 26.54 -11.98 7.06
C ASN B 66 25.39 -11.15 6.45
C ASN B 66 25.49 -11.08 6.44
N ILE B 67 24.89 -10.25 7.28
CA ILE B 67 23.79 -9.38 6.88
C ILE B 67 24.18 -7.93 7.17
N ASP B 68 24.03 -7.06 6.18
CA ASP B 68 24.20 -5.63 6.34
C ASP B 68 22.82 -4.99 6.21
N ILE B 69 22.25 -4.61 7.35
CA ILE B 69 20.90 -4.06 7.36
CA ILE B 69 20.89 -4.06 7.36
C ILE B 69 20.91 -2.69 6.70
N ALA B 70 19.98 -2.48 5.77
CA ALA B 70 19.84 -1.17 5.13
C ALA B 70 18.85 -0.29 5.89
N SER B 71 17.65 -0.82 6.16
CA SER B 71 16.62 -0.08 6.88
C SER B 71 15.48 -1.03 7.23
N ILE B 72 14.73 -0.65 8.25
CA ILE B 72 13.47 -1.30 8.60
C ILE B 72 12.38 -0.28 8.30
N ASP B 73 11.72 -0.44 7.15
CA ASP B 73 10.82 0.60 6.66
C ASP B 73 9.59 0.72 7.55
N MET B 74 8.91 -0.39 7.84
CA MET B 74 7.63 -0.35 8.53
C MET B 74 7.57 -1.43 9.60
N VAL B 75 6.84 -1.12 10.67
CA VAL B 75 6.47 -2.10 11.69
C VAL B 75 4.97 -1.97 11.87
N SER B 76 4.23 -3.01 11.52
CA SER B 76 2.78 -2.97 11.49
C SER B 76 2.21 -3.85 12.59
N GLU B 77 1.43 -3.24 13.49
CA GLU B 77 0.75 -4.02 14.53
C GLU B 77 -0.47 -4.74 13.99
N VAL B 78 -1.19 -4.13 13.05
CA VAL B 78 -2.39 -4.75 12.50
CA VAL B 78 -2.39 -4.76 12.52
C VAL B 78 -2.04 -6.03 11.76
N ASN B 79 -1.00 -6.00 10.94
CA ASN B 79 -0.57 -7.17 10.19
C ASN B 79 0.46 -8.02 10.94
N MET B 80 0.97 -7.53 12.07
CA MET B 80 1.98 -8.23 12.87
C MET B 80 3.16 -8.67 12.01
N ASP B 81 3.76 -7.70 11.32
CA ASP B 81 4.91 -7.95 10.47
C ASP B 81 5.73 -6.67 10.34
N TYR B 82 6.96 -6.83 9.85
CA TYR B 82 7.85 -5.71 9.61
C TYR B 82 8.53 -5.88 8.27
N THR B 83 8.90 -4.76 7.67
CA THR B 83 9.58 -4.75 6.38
C THR B 83 11.06 -4.49 6.58
N LEU B 84 11.90 -5.36 6.03
CA LEU B 84 13.34 -5.29 6.23
C LEU B 84 14.05 -5.29 4.89
N THR B 85 14.97 -4.34 4.72
CA THR B 85 15.84 -4.28 3.54
C THR B 85 17.27 -4.51 4.01
N MET B 86 17.99 -5.41 3.33
CA MET B 86 19.30 -5.81 3.81
C MET B 86 20.14 -6.32 2.64
N TYR B 87 21.44 -6.39 2.88
CA TYR B 87 22.39 -7.00 1.95
C TYR B 87 22.73 -8.39 2.48
N PHE B 88 22.18 -9.42 1.85
CA PHE B 88 22.37 -10.79 2.29
C PHE B 88 23.54 -11.41 1.54
N GLN B 89 24.56 -11.82 2.27
CA GLN B 89 25.79 -12.35 1.68
C GLN B 89 26.04 -13.76 2.19
N GLN B 90 26.45 -14.64 1.27
CA GLN B 90 26.73 -16.04 1.60
C GLN B 90 28.15 -16.38 1.19
N TYR B 91 28.85 -17.09 2.06
CA TYR B 91 30.23 -17.49 1.85
C TYR B 91 30.32 -19.02 1.88
N TRP B 92 30.89 -19.59 0.83
CA TRP B 92 31.14 -21.02 0.81
C TRP B 92 32.25 -21.31 -0.18
N ARG B 93 32.87 -22.48 -0.04
CA ARG B 93 33.97 -22.91 -0.87
C ARG B 93 33.52 -24.04 -1.80
N ASP B 94 33.76 -23.87 -3.09
CA ASP B 94 33.47 -24.89 -4.09
C ASP B 94 34.76 -25.17 -4.85
N LYS B 95 35.36 -26.33 -4.60
CA LYS B 95 36.63 -26.67 -5.22
C LYS B 95 36.53 -26.84 -6.73
N ARG B 96 35.32 -27.05 -7.26
CA ARG B 96 35.14 -27.10 -8.70
C ARG B 96 35.44 -25.77 -9.37
N LEU B 97 35.33 -24.66 -8.63
CA LEU B 97 35.58 -23.34 -9.16
C LEU B 97 36.97 -22.81 -8.85
N ALA B 98 37.84 -23.64 -8.27
CA ALA B 98 39.19 -23.22 -7.96
C ALA B 98 39.99 -23.00 -9.23
N TYR B 99 40.75 -21.90 -9.27
CA TYR B 99 41.56 -21.55 -10.41
C TYR B 99 42.96 -21.15 -9.94
N SER B 100 43.93 -21.33 -10.83
CA SER B 100 45.33 -21.04 -10.53
C SER B 100 45.92 -20.18 -11.63
N GLY B 101 46.98 -19.46 -11.28
CA GLY B 101 47.67 -18.59 -12.21
C GLY B 101 47.14 -17.17 -12.26
N ILE B 102 46.04 -16.88 -11.58
CA ILE B 102 45.46 -15.54 -11.53
C ILE B 102 45.43 -15.10 -10.07
N PRO B 103 46.39 -14.26 -9.64
CA PRO B 103 46.42 -13.77 -8.26
C PRO B 103 45.43 -12.65 -7.99
N LEU B 104 44.18 -12.85 -8.40
CA LEU B 104 43.14 -11.84 -8.26
C LEU B 104 41.83 -12.51 -7.88
N ASN B 105 40.94 -11.73 -7.29
CA ASN B 105 39.58 -12.17 -7.01
C ASN B 105 38.69 -11.78 -8.17
N LEU B 106 38.13 -12.77 -8.86
CA LEU B 106 37.36 -12.52 -10.08
C LEU B 106 35.97 -12.04 -9.70
N THR B 107 35.70 -10.76 -9.93
CA THR B 107 34.36 -10.19 -9.75
C THR B 107 33.64 -10.30 -11.09
N LEU B 108 32.78 -11.30 -11.20
CA LEU B 108 32.09 -11.58 -12.46
C LEU B 108 30.73 -10.89 -12.51
N ASP B 109 30.13 -10.91 -13.70
CA ASP B 109 28.79 -10.37 -13.86
C ASP B 109 27.79 -11.21 -13.06
N ASN B 110 26.75 -10.55 -12.57
CA ASN B 110 25.76 -11.23 -11.74
C ASN B 110 25.02 -12.31 -12.52
N ARG B 111 25.00 -12.24 -13.85
CA ARG B 111 24.32 -13.25 -14.65
C ARG B 111 25.03 -14.59 -14.64
N VAL B 112 26.27 -14.66 -14.16
CA VAL B 112 26.97 -15.94 -14.04
C VAL B 112 26.43 -16.79 -12.91
N ALA B 113 25.66 -16.21 -11.99
CA ALA B 113 25.10 -16.96 -10.88
C ALA B 113 24.11 -18.03 -11.34
N ASP B 114 23.55 -17.88 -12.55
CA ASP B 114 22.63 -18.88 -13.06
C ASP B 114 23.34 -20.16 -13.48
N GLN B 115 24.65 -20.09 -13.72
CA GLN B 115 25.44 -21.27 -14.07
C GLN B 115 26.21 -21.84 -12.90
N LEU B 116 25.96 -21.37 -11.69
CA LEU B 116 26.66 -21.82 -10.51
C LEU B 116 25.67 -22.36 -9.48
N TRP B 117 26.15 -23.29 -8.65
CA TRP B 117 25.36 -23.78 -7.54
C TRP B 117 25.32 -22.74 -6.43
N VAL B 118 24.14 -22.47 -5.90
CA VAL B 118 23.98 -21.55 -4.79
C VAL B 118 23.13 -22.23 -3.71
N PRO B 119 23.33 -21.91 -2.43
CA PRO B 119 22.51 -22.51 -1.38
C PRO B 119 21.05 -22.15 -1.55
N ASP B 120 20.17 -23.09 -1.18
CA ASP B 120 18.75 -22.86 -1.25
C ASP B 120 18.25 -22.15 0.01
N THR B 121 18.87 -21.01 0.33
CA THR B 121 18.53 -20.29 1.55
C THR B 121 17.18 -19.59 1.39
N TYR B 122 16.30 -19.78 2.36
CA TYR B 122 15.02 -19.10 2.38
C TYR B 122 14.73 -18.63 3.80
N PHE B 123 13.85 -17.65 3.91
CA PHE B 123 13.46 -17.09 5.20
C PHE B 123 12.16 -17.73 5.64
N LEU B 124 12.17 -18.36 6.82
CA LEU B 124 11.04 -19.18 7.23
C LEU B 124 9.83 -18.31 7.59
N ASN B 125 10.04 -17.16 8.20
CA ASN B 125 8.95 -16.34 8.72
C ASN B 125 8.60 -15.18 7.81
N ASP B 126 9.11 -15.14 6.59
CA ASP B 126 8.80 -14.05 5.68
C ASP B 126 7.40 -14.25 5.09
N LYS B 127 6.75 -13.13 4.76
CA LYS B 127 5.45 -13.14 4.12
C LYS B 127 5.49 -12.77 2.66
N LYS B 128 6.41 -11.89 2.26
CA LYS B 128 6.58 -11.49 0.87
C LYS B 128 7.95 -10.84 0.73
N SER B 129 8.75 -11.35 -0.20
CA SER B 129 10.10 -10.84 -0.40
CA SER B 129 10.10 -10.86 -0.39
C SER B 129 10.43 -10.84 -1.87
N PHE B 130 11.40 -10.00 -2.24
CA PHE B 130 11.84 -9.89 -3.62
C PHE B 130 13.28 -9.37 -3.64
N VAL B 131 13.92 -9.53 -4.79
CA VAL B 131 15.28 -9.05 -5.01
C VAL B 131 15.21 -7.90 -6.01
N HIS B 132 15.81 -6.77 -5.63
CA HIS B 132 15.78 -5.59 -6.49
C HIS B 132 16.49 -5.87 -7.81
N GLY B 133 15.91 -5.34 -8.89
CA GLY B 133 16.44 -5.61 -10.22
C GLY B 133 16.64 -4.39 -11.10
N VAL B 134 17.01 -3.27 -10.50
CA VAL B 134 17.27 -2.03 -11.23
C VAL B 134 18.63 -1.51 -10.81
N THR B 135 19.49 -1.21 -11.78
CA THR B 135 19.19 -1.36 -13.21
C THR B 135 19.39 -2.80 -13.66
N VAL B 136 20.09 -3.57 -12.85
CA VAL B 136 20.22 -5.01 -13.01
C VAL B 136 19.86 -5.65 -11.68
N LYS B 137 19.80 -6.98 -11.68
CA LYS B 137 19.51 -7.69 -10.44
CA LYS B 137 19.51 -7.69 -10.44
C LYS B 137 20.58 -7.38 -9.40
N ASN B 138 20.14 -7.02 -8.20
CA ASN B 138 21.05 -6.65 -7.13
C ASN B 138 21.70 -7.93 -6.59
N ARG B 139 22.71 -8.39 -7.33
CA ARG B 139 23.36 -9.66 -7.08
C ARG B 139 24.85 -9.52 -7.37
N MET B 140 25.66 -10.18 -6.55
CA MET B 140 27.11 -10.10 -6.67
C MET B 140 27.72 -11.49 -6.61
N ILE B 141 28.62 -11.77 -7.54
CA ILE B 141 29.39 -13.01 -7.56
C ILE B 141 30.87 -12.64 -7.57
N ARG B 142 31.63 -13.15 -6.61
CA ARG B 142 33.05 -12.86 -6.49
C ARG B 142 33.77 -14.16 -6.17
N LEU B 143 34.54 -14.67 -7.12
CA LEU B 143 35.28 -15.90 -6.94
C LEU B 143 36.63 -15.64 -6.29
N HIS B 144 37.23 -16.70 -5.77
CA HIS B 144 38.54 -16.64 -5.13
C HIS B 144 39.41 -17.77 -5.64
N PRO B 145 40.74 -17.61 -5.59
CA PRO B 145 41.62 -18.65 -6.14
C PRO B 145 41.45 -20.02 -5.50
N ASP B 146 41.10 -20.07 -4.21
CA ASP B 146 40.95 -21.34 -3.52
C ASP B 146 39.58 -21.97 -3.74
N GLY B 147 38.70 -21.34 -4.51
CA GLY B 147 37.36 -21.83 -4.73
C GLY B 147 36.28 -21.19 -3.88
N THR B 148 36.64 -20.26 -3.01
CA THR B 148 35.65 -19.58 -2.19
C THR B 148 34.76 -18.69 -3.08
N VAL B 149 33.46 -18.73 -2.81
CA VAL B 149 32.48 -17.99 -3.59
C VAL B 149 31.74 -17.04 -2.65
N LEU B 150 31.69 -15.77 -3.05
CA LEU B 150 30.93 -14.76 -2.32
C LEU B 150 29.69 -14.42 -3.13
N TYR B 151 28.52 -14.58 -2.50
CA TYR B 151 27.23 -14.40 -3.16
C TYR B 151 26.41 -13.41 -2.35
N GLY B 152 26.20 -12.22 -2.90
CA GLY B 152 25.49 -11.15 -2.22
C GLY B 152 24.18 -10.82 -2.91
N LEU B 153 23.17 -10.51 -2.11
CA LEU B 153 21.85 -10.14 -2.61
C LEU B 153 21.28 -9.02 -1.77
N ARG B 154 20.64 -8.05 -2.44
CA ARG B 154 19.90 -7.00 -1.76
C ARG B 154 18.43 -7.38 -1.77
N ILE B 155 17.89 -7.70 -0.60
CA ILE B 155 16.57 -8.30 -0.47
C ILE B 155 15.71 -7.40 0.41
N THR B 156 14.51 -7.09 -0.04
CA THR B 156 13.50 -6.44 0.76
C THR B 156 12.46 -7.49 1.15
N THR B 157 12.32 -7.73 2.44
CA THR B 157 11.48 -8.82 2.94
C THR B 157 10.48 -8.30 3.95
N THR B 158 9.29 -8.89 3.94
CA THR B 158 8.26 -8.62 4.95
C THR B 158 8.12 -9.88 5.79
N ALA B 159 8.62 -9.82 7.02
CA ALA B 159 8.66 -10.97 7.91
C ALA B 159 7.61 -10.82 9.00
N ALA B 160 6.84 -11.87 9.24
CA ALA B 160 5.82 -11.83 10.29
C ALA B 160 6.47 -11.77 11.66
N CYS B 161 5.83 -11.05 12.58
CA CYS B 161 6.33 -10.92 13.94
C CYS B 161 5.13 -10.81 14.88
N MET B 162 4.83 -11.90 15.58
CA MET B 162 3.75 -11.89 16.55
C MET B 162 4.10 -10.93 17.70
N MET B 163 3.12 -10.12 18.08
CA MET B 163 3.33 -9.07 19.07
C MET B 163 2.38 -9.26 20.25
N ASP B 164 2.91 -9.05 21.45
CA ASP B 164 2.13 -9.08 22.68
C ASP B 164 1.74 -7.65 23.01
N LEU B 165 0.45 -7.32 22.80
CA LEU B 165 -0.05 -5.97 22.98
C LEU B 165 -0.74 -5.76 24.32
N ARG B 166 -0.48 -6.63 25.30
CA ARG B 166 -1.08 -6.47 26.62
C ARG B 166 -0.61 -5.19 27.28
N ARG B 167 0.67 -4.86 27.13
CA ARG B 167 1.24 -3.66 27.71
C ARG B 167 1.29 -2.50 26.72
N TYR B 168 0.63 -2.63 25.57
CA TYR B 168 0.60 -1.58 24.58
C TYR B 168 -0.03 -0.31 25.18
N PRO B 169 0.50 0.88 24.88
CA PRO B 169 1.65 1.15 24.01
C PRO B 169 2.99 1.17 24.73
N LEU B 170 3.04 0.68 25.96
CA LEU B 170 4.28 0.60 26.73
C LEU B 170 4.92 -0.78 26.63
N ASP B 171 4.76 -1.44 25.50
CA ASP B 171 5.19 -2.81 25.31
C ASP B 171 6.60 -2.87 24.73
N GLU B 172 7.20 -4.06 24.82
CA GLU B 172 8.50 -4.34 24.22
C GLU B 172 8.36 -5.59 23.35
N GLN B 173 8.82 -5.50 22.11
CA GLN B 173 8.59 -6.55 21.12
C GLN B 173 9.91 -7.18 20.72
N ASN B 174 9.85 -8.48 20.42
CA ASN B 174 11.01 -9.26 19.97
C ASN B 174 10.67 -9.85 18.61
N CYS B 175 11.17 -9.23 17.55
CA CYS B 175 10.94 -9.68 16.18
C CYS B 175 12.17 -10.39 15.66
N THR B 176 11.97 -11.55 15.05
CA THR B 176 13.06 -12.40 14.60
C THR B 176 13.03 -12.55 13.08
N LEU B 177 14.17 -12.96 12.54
CA LEU B 177 14.31 -13.28 11.12
C LEU B 177 14.94 -14.66 11.02
N GLU B 178 14.17 -15.66 10.62
CA GLU B 178 14.64 -17.03 10.59
C GLU B 178 15.24 -17.35 9.22
N ILE B 179 16.45 -17.90 9.24
CA ILE B 179 17.17 -18.27 8.02
C ILE B 179 17.39 -19.78 8.06
N GLU B 180 16.99 -20.46 6.98
CA GLU B 180 17.04 -21.91 6.96
C GLU B 180 17.22 -22.38 5.52
N SER B 181 17.82 -23.55 5.36
CA SER B 181 17.89 -24.21 4.06
C SER B 181 16.61 -24.98 3.80
N TYR B 182 16.14 -24.94 2.55
CA TYR B 182 14.86 -25.54 2.22
C TYR B 182 14.98 -27.03 1.91
N GLY B 183 15.95 -27.41 1.08
CA GLY B 183 16.04 -28.79 0.64
C GLY B 183 17.13 -29.60 1.28
N TYR B 184 18.28 -28.98 1.51
CA TYR B 184 19.44 -29.68 2.05
C TYR B 184 19.35 -29.75 3.56
N THR B 185 19.53 -30.96 4.10
CA THR B 185 19.51 -31.16 5.54
C THR B 185 20.90 -30.86 6.13
N THR B 186 21.04 -31.09 7.43
CA THR B 186 22.32 -30.86 8.09
C THR B 186 23.40 -31.80 7.58
N ASP B 187 23.02 -32.94 6.98
CA ASP B 187 24.01 -33.84 6.42
C ASP B 187 24.63 -33.31 5.14
N ASP B 188 24.00 -32.31 4.51
CA ASP B 188 24.48 -31.76 3.25
C ASP B 188 24.95 -30.32 3.32
N ILE B 189 24.48 -29.55 4.31
CA ILE B 189 24.83 -28.13 4.40
C ILE B 189 24.81 -27.72 5.86
N GLU B 190 25.65 -26.74 6.20
CA GLU B 190 25.73 -26.21 7.54
C GLU B 190 25.82 -24.69 7.47
N PHE B 191 25.15 -24.01 8.40
CA PHE B 191 25.13 -22.57 8.47
C PHE B 191 25.88 -22.08 9.70
N TYR B 192 26.54 -20.93 9.55
CA TYR B 192 27.21 -20.29 10.66
C TYR B 192 27.31 -18.79 10.37
N TRP B 193 27.27 -18.00 11.44
CA TRP B 193 27.43 -16.55 11.30
C TRP B 193 28.90 -16.24 11.08
N ARG B 194 29.23 -15.73 9.89
CA ARG B 194 30.61 -15.41 9.56
C ARG B 194 31.04 -14.15 10.29
N GLY B 195 32.02 -14.29 11.19
CA GLY B 195 32.44 -13.19 12.02
C GLY B 195 31.88 -13.19 13.43
N GLY B 196 31.19 -14.25 13.82
CA GLY B 196 30.66 -14.31 15.18
C GLY B 196 29.54 -13.30 15.38
N ASP B 197 29.61 -12.57 16.50
CA ASP B 197 28.59 -11.59 16.83
C ASP B 197 28.65 -10.36 15.94
N LYS B 198 29.69 -10.21 15.12
CA LYS B 198 29.81 -9.09 14.20
C LYS B 198 29.30 -9.43 12.80
N ALA B 199 28.63 -10.57 12.64
CA ALA B 199 28.14 -10.96 11.33
C ALA B 199 27.07 -10.02 10.81
N VAL B 200 26.27 -9.44 11.70
CA VAL B 200 25.18 -8.54 11.31
C VAL B 200 25.61 -7.13 11.65
N THR B 201 25.64 -6.26 10.64
CA THR B 201 25.99 -4.85 10.80
C THR B 201 24.84 -3.98 10.31
N GLY B 202 24.99 -2.68 10.52
CA GLY B 202 23.98 -1.74 10.10
C GLY B 202 22.79 -1.61 11.02
N VAL B 203 22.87 -2.16 12.24
CA VAL B 203 21.76 -2.05 13.18
C VAL B 203 21.53 -0.58 13.55
N GLU B 204 22.61 0.19 13.66
CA GLU B 204 22.49 1.61 13.96
C GLU B 204 21.80 2.39 12.86
N ARG B 205 21.76 1.86 11.63
CA ARG B 205 21.07 2.54 10.54
C ARG B 205 19.56 2.50 10.71
N ILE B 206 19.04 1.61 11.55
CA ILE B 206 17.60 1.48 11.73
C ILE B 206 17.08 2.74 12.41
N GLU B 207 16.17 3.44 11.73
CA GLU B 207 15.57 4.67 12.25
C GLU B 207 14.05 4.50 12.22
N LEU B 208 13.51 3.91 13.28
CA LEU B 208 12.07 3.75 13.42
C LEU B 208 11.51 4.90 14.23
N PRO B 209 10.57 5.68 13.70
CA PRO B 209 10.00 6.78 14.50
C PRO B 209 9.29 6.30 15.75
N GLN B 210 8.74 5.09 15.75
CA GLN B 210 7.94 4.60 16.86
C GLN B 210 8.70 3.62 17.76
N PHE B 211 9.84 3.10 17.32
CA PHE B 211 10.57 2.08 18.07
C PHE B 211 12.05 2.44 18.16
N SER B 212 12.71 1.81 19.13
CA SER B 212 14.15 1.91 19.29
C SER B 212 14.73 0.52 19.45
N ILE B 213 15.89 0.30 18.84
CA ILE B 213 16.52 -1.03 18.83
C ILE B 213 17.30 -1.17 20.14
N VAL B 214 16.71 -1.89 21.10
CA VAL B 214 17.39 -2.09 22.38
C VAL B 214 18.57 -3.03 22.22
N GLU B 215 18.38 -4.15 21.52
CA GLU B 215 19.40 -5.17 21.41
C GLU B 215 19.11 -6.07 20.22
N HIS B 216 20.15 -6.68 19.68
CA HIS B 216 20.03 -7.69 18.65
C HIS B 216 20.89 -8.89 19.01
N ARG B 217 20.42 -10.08 18.63
CA ARG B 217 21.10 -11.32 18.97
C ARG B 217 21.22 -12.21 17.75
N LEU B 218 22.24 -13.07 17.76
CA LEU B 218 22.46 -14.05 16.71
C LEU B 218 22.39 -15.44 17.30
N VAL B 219 21.56 -16.30 16.72
CA VAL B 219 21.33 -17.65 17.23
C VAL B 219 21.54 -18.64 16.10
N SER B 220 22.29 -19.69 16.38
CA SER B 220 22.51 -20.79 15.45
C SER B 220 22.08 -22.09 16.12
N ARG B 221 21.26 -22.88 15.42
CA ARG B 221 20.73 -24.11 15.96
C ARG B 221 20.25 -25.00 14.82
N ASN B 222 19.83 -26.21 15.17
CA ASN B 222 19.31 -27.17 14.22
C ASN B 222 17.84 -27.44 14.52
N VAL B 223 17.02 -27.43 13.48
CA VAL B 223 15.59 -27.64 13.59
C VAL B 223 15.24 -28.94 12.88
N VAL B 224 14.48 -29.80 13.56
CA VAL B 224 14.15 -31.13 13.05
C VAL B 224 12.69 -31.11 12.59
N PHE B 225 12.47 -31.50 11.34
CA PHE B 225 11.15 -31.69 10.78
C PHE B 225 10.95 -33.17 10.42
N ALA B 226 9.82 -33.47 9.81
CA ALA B 226 9.57 -34.84 9.35
C ALA B 226 10.57 -35.24 8.27
N THR B 227 10.87 -34.32 7.34
CA THR B 227 11.80 -34.63 6.26
C THR B 227 13.24 -34.75 6.73
N GLY B 228 13.58 -34.18 7.88
CA GLY B 228 14.92 -34.28 8.41
C GLY B 228 15.24 -33.07 9.26
N ALA B 229 16.51 -32.99 9.65
CA ALA B 229 17.03 -31.89 10.45
C ALA B 229 17.68 -30.85 9.56
N TYR B 230 17.33 -29.58 9.77
CA TYR B 230 17.82 -28.52 8.92
C TYR B 230 18.55 -27.46 9.74
N PRO B 231 19.62 -26.88 9.20
CA PRO B 231 20.31 -25.79 9.92
C PRO B 231 19.44 -24.55 10.00
N ARG B 232 19.65 -23.78 11.06
CA ARG B 232 18.85 -22.59 11.31
C ARG B 232 19.73 -21.46 11.80
N LEU B 233 19.58 -20.29 11.19
CA LEU B 233 20.17 -19.05 11.68
C LEU B 233 19.04 -18.08 11.99
N SER B 234 19.10 -17.45 13.16
N SER B 234 19.10 -17.45 13.16
CA SER B 234 18.06 -16.54 13.63
CA SER B 234 18.05 -16.55 13.62
C SER B 234 18.66 -15.20 13.97
C SER B 234 18.65 -15.20 13.99
N LEU B 235 18.04 -14.14 13.47
CA LEU B 235 18.41 -12.77 13.81
C LEU B 235 17.22 -12.10 14.46
N SER B 236 17.38 -11.63 15.68
CA SER B 236 16.28 -11.10 16.47
C SER B 236 16.60 -9.70 16.96
N PHE B 237 15.58 -8.85 17.00
CA PHE B 237 15.69 -7.50 17.53
C PHE B 237 14.69 -7.32 18.66
N ARG B 238 15.08 -6.58 19.69
CA ARG B 238 14.18 -6.21 20.77
C ARG B 238 13.82 -4.73 20.58
N LEU B 239 12.55 -4.46 20.32
N LEU B 239 12.55 -4.47 20.30
CA LEU B 239 12.07 -3.12 20.00
CA LEU B 239 12.06 -3.12 20.01
C LEU B 239 11.31 -2.56 21.20
C LEU B 239 11.33 -2.57 21.23
N LYS B 240 11.65 -1.32 21.58
CA LYS B 240 10.97 -0.62 22.66
C LYS B 240 10.18 0.52 22.05
N ARG B 241 8.87 0.53 22.30
CA ARG B 241 8.00 1.53 21.70
C ARG B 241 8.20 2.88 22.38
N ASN B 242 8.11 3.95 21.57
CA ASN B 242 8.24 5.31 22.09
C ASN B 242 6.89 5.83 22.55
N ILE B 243 6.83 6.31 23.79
CA ILE B 243 5.56 6.77 24.37
C ILE B 243 5.22 8.20 23.99
N GLY B 244 6.13 8.90 23.33
CA GLY B 244 5.90 10.32 23.05
C GLY B 244 4.68 10.56 22.18
N TYR B 245 4.50 9.75 21.13
CA TYR B 245 3.35 9.94 20.25
C TYR B 245 2.03 9.69 20.97
N PHE B 246 1.98 8.65 21.81
CA PHE B 246 0.71 8.27 22.43
C PHE B 246 0.31 9.23 23.53
N ILE B 247 1.27 9.90 24.17
CA ILE B 247 0.93 10.91 25.16
C ILE B 247 0.16 12.05 24.51
N LEU B 248 0.63 12.51 23.35
CA LEU B 248 -0.04 13.62 22.68
C LEU B 248 -1.33 13.19 22.02
N GLN B 249 -1.35 11.97 21.45
CA GLN B 249 -2.49 11.56 20.64
C GLN B 249 -3.65 11.07 21.48
N THR B 250 -3.39 10.27 22.51
CA THR B 250 -4.46 9.62 23.26
C THR B 250 -4.50 10.01 24.72
N TYR B 251 -3.36 9.97 25.42
CA TYR B 251 -3.37 10.19 26.86
C TYR B 251 -3.76 11.61 27.22
N MET B 252 -3.14 12.60 26.59
CA MET B 252 -3.47 14.00 26.91
C MET B 252 -4.92 14.35 26.58
N PRO B 253 -5.46 14.03 25.39
CA PRO B 253 -6.88 14.36 25.15
C PRO B 253 -7.82 13.72 26.16
N SER B 254 -7.53 12.50 26.60
N SER B 254 -7.54 12.50 26.59
CA SER B 254 -8.39 11.83 27.57
CA SER B 254 -8.39 11.83 27.57
C SER B 254 -8.37 12.56 28.91
C SER B 254 -8.37 12.56 28.91
N ILE B 255 -7.19 13.01 29.34
CA ILE B 255 -7.09 13.74 30.61
C ILE B 255 -7.86 15.05 30.54
N LEU B 256 -7.73 15.77 29.42
CA LEU B 256 -8.38 17.06 29.28
C LEU B 256 -9.90 16.93 29.33
N ILE B 257 -10.45 15.87 28.71
CA ILE B 257 -11.88 15.63 28.78
C ILE B 257 -12.30 15.33 30.21
N THR B 258 -11.50 14.55 30.93
CA THR B 258 -11.80 14.26 32.33
C THR B 258 -11.80 15.53 33.17
N ILE B 259 -10.82 16.41 32.94
CA ILE B 259 -10.79 17.69 33.64
C ILE B 259 -11.99 18.53 33.23
N LEU B 260 -12.40 18.42 31.96
CA LEU B 260 -13.55 19.18 31.48
C LEU B 260 -14.82 18.79 32.24
N SER B 261 -14.96 17.52 32.59
CA SER B 261 -16.13 17.07 33.34
C SER B 261 -16.16 17.68 34.74
N TRP B 262 -15.00 18.02 35.29
CA TRP B 262 -14.95 18.59 36.63
C TRP B 262 -15.50 20.02 36.67
N VAL B 263 -15.62 20.68 35.52
CA VAL B 263 -16.13 22.04 35.49
C VAL B 263 -17.59 22.09 35.95
N SER B 264 -18.32 20.99 35.78
CA SER B 264 -19.74 20.97 36.16
C SER B 264 -19.92 21.17 37.64
N PHE B 265 -18.93 20.80 38.46
CA PHE B 265 -19.06 20.92 39.90
C PHE B 265 -19.13 22.39 40.34
N TRP B 266 -18.41 23.27 39.65
CA TRP B 266 -18.44 24.69 39.99
CA TRP B 266 -18.43 24.69 39.99
C TRP B 266 -19.62 25.43 39.39
N ILE B 267 -20.41 24.77 38.55
CA ILE B 267 -21.60 25.38 37.95
CA ILE B 267 -21.60 25.38 37.97
C ILE B 267 -22.78 25.13 38.89
N ASN B 268 -23.62 26.16 39.05
CA ASN B 268 -24.75 26.05 39.96
C ASN B 268 -25.71 24.95 39.50
N TYR B 269 -26.37 24.33 40.49
CA TYR B 269 -27.24 23.20 40.20
C TYR B 269 -28.49 23.59 39.41
N ASP B 270 -28.93 24.85 39.54
CA ASP B 270 -30.12 25.28 38.80
C ASP B 270 -29.89 25.30 37.29
N ALA B 271 -28.64 25.37 36.85
CA ALA B 271 -28.32 25.33 35.41
C ALA B 271 -28.37 23.88 34.95
N SER B 272 -29.59 23.35 34.87
CA SER B 272 -29.78 21.95 34.50
C SER B 272 -29.30 21.69 33.08
N ALA B 273 -29.63 22.60 32.14
CA ALA B 273 -29.20 22.41 30.76
C ALA B 273 -27.68 22.44 30.65
N ALA B 274 -27.02 23.35 31.36
CA ALA B 274 -25.58 23.50 31.24
C ALA B 274 -24.85 22.27 31.78
N ARG B 275 -25.19 21.84 33.00
CA ARG B 275 -24.46 20.75 33.63
C ARG B 275 -24.74 19.42 32.93
N VAL B 276 -25.98 19.19 32.50
CA VAL B 276 -26.30 17.97 31.77
C VAL B 276 -25.57 17.94 30.44
N ALA B 277 -25.53 19.07 29.73
CA ALA B 277 -24.80 19.13 28.47
C ALA B 277 -23.31 18.86 28.68
N LEU B 278 -22.76 19.37 29.78
CA LEU B 278 -21.35 19.10 30.09
CA LEU B 278 -21.35 19.09 30.08
C LEU B 278 -21.11 17.61 30.29
N GLY B 279 -22.01 16.94 31.02
CA GLY B 279 -21.85 15.51 31.25
C GLY B 279 -22.00 14.70 29.97
N ILE B 280 -22.95 15.07 29.13
CA ILE B 280 -23.20 14.32 27.90
C ILE B 280 -21.99 14.40 26.97
N THR B 281 -21.52 15.63 26.72
CA THR B 281 -20.48 15.83 25.71
C THR B 281 -19.17 15.17 26.12
N THR B 282 -18.82 15.24 27.41
CA THR B 282 -17.61 14.58 27.88
C THR B 282 -17.71 13.06 27.69
N VAL B 283 -18.88 12.48 27.99
CA VAL B 283 -19.07 11.04 27.81
C VAL B 283 -18.98 10.67 26.33
N LEU B 284 -19.65 11.45 25.48
CA LEU B 284 -19.63 11.15 24.05
C LEU B 284 -18.23 11.28 23.47
N THR B 285 -17.50 12.33 23.88
CA THR B 285 -16.14 12.51 23.39
C THR B 285 -15.24 11.38 23.84
N MET B 286 -15.42 10.90 25.08
CA MET B 286 -14.63 9.80 25.58
C MET B 286 -14.87 8.54 24.76
N THR B 287 -16.13 8.28 24.38
CA THR B 287 -16.45 7.11 23.57
C THR B 287 -15.79 7.20 22.19
N THR B 288 -15.81 8.38 21.59
CA THR B 288 -15.22 8.53 20.25
C THR B 288 -13.72 8.24 20.28
N ILE B 289 -13.03 8.72 21.31
CA ILE B 289 -11.60 8.45 21.43
C ILE B 289 -11.34 6.96 21.59
N ASN B 290 -12.15 6.30 22.43
CA ASN B 290 -11.97 4.87 22.66
C ASN B 290 -12.21 4.07 21.38
N THR B 291 -13.26 4.43 20.63
CA THR B 291 -13.55 3.71 19.39
C THR B 291 -12.44 3.90 18.36
N HIS B 292 -11.93 5.13 18.23
CA HIS B 292 -10.91 5.41 17.22
C HIS B 292 -9.63 4.61 17.49
N LEU B 293 -9.21 4.53 18.75
CA LEU B 293 -7.97 3.85 19.08
C LEU B 293 -8.04 2.37 18.73
N ARG B 294 -9.13 1.71 19.08
CA ARG B 294 -9.26 0.27 18.84
C ARG B 294 -9.32 -0.07 17.36
N GLU B 295 -9.68 0.88 16.50
CA GLU B 295 -9.72 0.64 15.07
C GLU B 295 -8.33 0.64 14.42
N THR B 296 -7.32 1.15 15.12
CA THR B 296 -5.96 1.21 14.60
C THR B 296 -5.12 0.01 15.00
N LEU B 297 -5.72 -0.98 15.66
CA LEU B 297 -5.02 -2.13 16.20
C LEU B 297 -5.77 -3.40 15.83
N PRO B 298 -5.09 -4.54 15.80
CA PRO B 298 -5.77 -5.80 15.47
C PRO B 298 -6.81 -6.16 16.53
N LYS B 299 -7.83 -6.89 16.08
CA LYS B 299 -8.97 -7.24 16.94
C LYS B 299 -8.57 -8.35 17.91
N ILE B 300 -7.67 -8.00 18.82
CA ILE B 300 -7.22 -8.93 19.85
C ILE B 300 -8.29 -9.06 20.92
N PRO B 301 -8.43 -10.22 21.57
CA PRO B 301 -9.50 -10.38 22.57
C PRO B 301 -9.13 -9.86 23.95
N TYR B 302 -7.85 -9.67 24.24
CA TYR B 302 -7.43 -9.24 25.57
C TYR B 302 -7.40 -7.71 25.66
N VAL B 303 -7.32 -7.22 26.88
CA VAL B 303 -7.38 -5.78 27.15
C VAL B 303 -5.96 -5.23 27.20
N LYS B 304 -5.73 -4.16 26.44
CA LYS B 304 -4.43 -3.50 26.42
C LYS B 304 -4.33 -2.53 27.59
N ALA B 305 -3.11 -2.04 27.83
CA ALA B 305 -2.90 -1.05 28.87
C ALA B 305 -3.63 0.25 28.56
N ILE B 306 -3.60 0.67 27.29
CA ILE B 306 -4.27 1.90 26.90
C ILE B 306 -5.79 1.75 27.04
N ASP B 307 -6.32 0.57 26.78
CA ASP B 307 -7.75 0.34 26.96
C ASP B 307 -8.15 0.51 28.42
N MET B 308 -7.31 0.03 29.34
CA MET B 308 -7.61 0.19 30.76
C MET B 308 -7.68 1.67 31.14
N TYR B 309 -6.77 2.48 30.62
CA TYR B 309 -6.79 3.91 30.92
C TYR B 309 -8.05 4.57 30.37
N LEU B 310 -8.45 4.22 29.14
CA LEU B 310 -9.66 4.79 28.57
C LEU B 310 -10.90 4.35 29.34
N MET B 311 -10.95 3.09 29.78
CA MET B 311 -12.07 2.64 30.59
C MET B 311 -12.12 3.38 31.91
N GLY B 312 -10.96 3.60 32.54
CA GLY B 312 -10.93 4.36 33.78
C GLY B 312 -11.40 5.79 33.60
N CYS B 313 -10.95 6.44 32.52
CA CYS B 313 -11.39 7.80 32.24
C CYS B 313 -12.89 7.85 31.98
N PHE B 314 -13.43 6.84 31.29
CA PHE B 314 -14.86 6.80 31.04
C PHE B 314 -15.65 6.66 32.32
N VAL B 315 -15.12 5.94 33.31
CA VAL B 315 -15.81 5.78 34.58
C VAL B 315 -15.94 7.14 35.28
N PHE B 316 -14.86 7.92 35.30
CA PHE B 316 -14.89 9.20 36.00
C PHE B 316 -15.91 10.16 35.39
N VAL B 317 -15.93 10.26 34.06
CA VAL B 317 -16.88 11.18 33.42
C VAL B 317 -18.31 10.66 33.60
N PHE B 318 -18.51 9.34 33.54
CA PHE B 318 -19.83 8.79 33.75
C PHE B 318 -20.31 9.01 35.18
N LEU B 319 -19.40 8.86 36.15
CA LEU B 319 -19.77 9.13 37.54
C LEU B 319 -20.09 10.61 37.76
N ALA B 320 -19.40 11.50 37.05
CA ALA B 320 -19.67 12.92 37.20
C ALA B 320 -21.09 13.27 36.77
N LEU B 321 -21.55 12.70 35.65
CA LEU B 321 -22.92 12.91 35.21
C LEU B 321 -23.91 12.28 36.18
N LEU B 322 -23.59 11.09 36.69
CA LEU B 322 -24.42 10.48 37.72
C LEU B 322 -24.42 11.31 39.00
N GLU B 323 -23.31 11.99 39.29
CA GLU B 323 -23.23 12.82 40.48
C GLU B 323 -24.25 13.95 40.43
N TYR B 324 -24.36 14.62 39.28
CA TYR B 324 -25.33 15.71 39.16
C TYR B 324 -26.76 15.19 39.22
N ALA B 325 -27.01 14.01 38.63
CA ALA B 325 -28.36 13.44 38.69
C ALA B 325 -28.78 13.18 40.13
N PHE B 326 -27.85 12.70 40.96
CA PHE B 326 -28.12 12.55 42.38
C PHE B 326 -28.39 13.90 43.03
N VAL B 327 -27.60 14.92 42.68
CA VAL B 327 -27.80 16.26 43.22
C VAL B 327 -29.15 16.80 42.77
N ASN B 328 -29.48 16.63 41.50
CA ASN B 328 -30.78 17.11 40.99
C ASN B 328 -31.93 16.37 41.65
N TYR B 329 -31.77 15.07 41.90
CA TYR B 329 -32.84 14.28 42.50
C TYR B 329 -33.13 14.72 43.93
N ILE B 330 -32.08 14.90 44.74
CA ILE B 330 -32.29 15.27 46.14
C ILE B 330 -32.79 16.70 46.25
N PHE B 331 -32.36 17.59 45.35
CA PHE B 331 -32.81 18.98 45.41
C PHE B 331 -34.29 19.09 45.14
N PHE B 332 -34.81 18.31 44.20
CA PHE B 332 -36.24 18.32 43.89
C PHE B 332 -36.92 17.08 44.43
N ALA B 447 -23.24 21.26 49.31
CA ALA B 447 -22.28 20.48 50.09
C ALA B 447 -21.81 19.26 49.31
N ILE B 448 -22.73 18.64 48.57
CA ILE B 448 -22.40 17.47 47.77
C ILE B 448 -21.41 17.84 46.66
N ASP B 449 -21.64 18.99 46.02
CA ASP B 449 -20.76 19.43 44.93
C ASP B 449 -19.34 19.66 45.44
N ARG B 450 -19.20 20.41 46.54
CA ARG B 450 -17.87 20.65 47.09
C ARG B 450 -17.22 19.36 47.55
N TRP B 451 -17.99 18.46 48.13
CA TRP B 451 -17.46 17.14 48.49
C TRP B 451 -17.02 16.39 47.25
N SER B 452 -17.77 16.52 46.15
CA SER B 452 -17.37 15.89 44.90
C SER B 452 -16.16 16.59 44.28
N ARG B 453 -15.97 17.88 44.58
CA ARG B 453 -14.83 18.61 44.03
C ARG B 453 -13.51 18.07 44.57
N ILE B 454 -13.50 17.56 45.80
CA ILE B 454 -12.26 17.07 46.40
C ILE B 454 -12.03 15.60 46.14
N VAL B 455 -13.03 14.86 45.69
CA VAL B 455 -12.90 13.41 45.52
C VAL B 455 -12.38 13.06 44.13
N PHE B 456 -13.03 13.56 43.08
CA PHE B 456 -12.68 13.14 41.73
C PHE B 456 -11.25 13.50 41.34
N PRO B 457 -10.78 14.75 41.49
CA PRO B 457 -9.36 15.01 41.18
C PRO B 457 -8.40 14.20 42.05
N PHE B 458 -8.75 13.98 43.31
CA PHE B 458 -7.91 13.16 44.17
C PHE B 458 -7.91 11.70 43.71
N THR B 459 -9.10 11.17 43.41
CA THR B 459 -9.19 9.79 42.95
C THR B 459 -8.53 9.63 41.58
N PHE B 460 -8.74 10.59 40.68
CA PHE B 460 -8.14 10.51 39.35
C PHE B 460 -6.63 10.57 39.43
N SER B 461 -6.09 11.40 40.31
CA SER B 461 -4.64 11.44 40.51
C SER B 461 -4.13 10.11 41.04
N LEU B 462 -4.85 9.51 41.99
CA LEU B 462 -4.48 8.19 42.48
C LEU B 462 -4.57 7.14 41.39
N PHE B 463 -5.62 7.22 40.55
CA PHE B 463 -5.76 6.28 39.45
C PHE B 463 -4.59 6.40 38.48
N ASN B 464 -4.19 7.62 38.14
CA ASN B 464 -3.06 7.82 37.26
C ASN B 464 -1.76 7.31 37.89
N LEU B 465 -1.58 7.57 39.18
CA LEU B 465 -0.36 7.12 39.85
C LEU B 465 -0.25 5.59 39.86
N VAL B 466 -1.36 4.92 40.17
CA VAL B 466 -1.35 3.45 40.16
C VAL B 466 -1.13 2.93 38.74
N TYR B 467 -1.78 3.56 37.76
CA TYR B 467 -1.67 3.09 36.38
C TYR B 467 -0.24 3.19 35.86
N TRP B 468 0.39 4.36 36.03
CA TRP B 468 1.72 4.56 35.47
C TRP B 468 2.77 3.73 36.18
N LEU B 469 2.66 3.59 37.51
CA LEU B 469 3.61 2.77 38.24
C LEU B 469 3.53 1.32 37.82
N TYR B 470 2.32 0.82 37.58
CA TYR B 470 2.15 -0.58 37.20
C TYR B 470 2.78 -0.87 35.84
N TYR B 471 2.62 0.04 34.88
CA TYR B 471 3.06 -0.20 33.51
C TYR B 471 4.43 0.41 33.21
N VAL B 472 5.10 0.98 34.20
CA VAL B 472 6.45 1.49 33.99
C VAL B 472 7.43 0.82 34.96
N GLY C 32 24.70 1.82 -46.03
CA GLY C 32 23.44 1.32 -46.57
C GLY C 32 23.46 -0.18 -46.79
N ASN C 33 24.63 -0.79 -46.59
CA ASN C 33 24.79 -2.23 -46.78
C ASN C 33 24.44 -2.92 -45.47
N MET C 34 23.19 -3.38 -45.36
CA MET C 34 22.75 -4.01 -44.13
C MET C 34 23.52 -5.29 -43.84
N SER C 35 23.84 -6.05 -44.89
CA SER C 35 24.63 -7.27 -44.70
C SER C 35 26.02 -6.95 -44.14
N PHE C 36 26.65 -5.89 -44.65
CA PHE C 36 27.95 -5.49 -44.13
C PHE C 36 27.86 -5.07 -42.67
N VAL C 37 26.81 -4.33 -42.32
CA VAL C 37 26.61 -3.94 -40.92
C VAL C 37 26.33 -5.18 -40.07
N LYS C 38 25.53 -6.12 -40.60
CA LYS C 38 25.25 -7.35 -39.86
C LYS C 38 26.52 -8.14 -39.60
N GLU C 39 27.40 -8.24 -40.61
CA GLU C 39 28.67 -8.92 -40.43
C GLU C 39 29.53 -8.22 -39.39
N THR C 40 29.54 -6.88 -39.41
CA THR C 40 30.34 -6.13 -38.46
C THR C 40 29.86 -6.38 -37.02
N VAL C 41 28.55 -6.34 -36.81
CA VAL C 41 28.01 -6.54 -35.47
C VAL C 41 28.22 -7.98 -35.01
N ASP C 42 28.01 -8.95 -35.91
CA ASP C 42 28.24 -10.35 -35.56
C ASP C 42 29.70 -10.59 -35.19
N LYS C 43 30.62 -9.91 -35.89
CA LYS C 43 32.03 -10.02 -35.54
C LYS C 43 32.30 -9.47 -34.14
N LEU C 44 31.64 -8.37 -33.78
CA LEU C 44 31.84 -7.79 -32.45
C LEU C 44 31.38 -8.73 -31.35
N LEU C 45 30.25 -9.40 -31.54
CA LEU C 45 29.69 -10.27 -30.52
C LEU C 45 30.25 -11.69 -30.58
N LYS C 46 31.10 -12.00 -31.55
CA LYS C 46 31.71 -13.33 -31.63
C LYS C 46 32.85 -13.40 -30.63
N GLY C 47 32.73 -14.30 -29.66
CA GLY C 47 33.70 -14.42 -28.60
C GLY C 47 33.54 -13.42 -27.47
N TYR C 48 32.52 -12.56 -27.54
CA TYR C 48 32.29 -11.59 -26.48
C TYR C 48 31.81 -12.29 -25.22
N ASP C 49 32.42 -11.96 -24.09
CA ASP C 49 32.09 -12.55 -22.80
C ASP C 49 31.43 -11.49 -21.94
N ILE C 50 30.12 -11.64 -21.72
CA ILE C 50 29.39 -10.70 -20.87
C ILE C 50 29.82 -10.80 -19.42
N ARG C 51 30.41 -11.92 -19.01
CA ARG C 51 30.81 -12.10 -17.62
C ARG C 51 32.01 -11.25 -17.24
N LEU C 52 32.77 -10.75 -18.21
CA LEU C 52 33.98 -9.99 -17.96
C LEU C 52 33.75 -8.52 -18.31
N ARG C 53 34.11 -7.64 -17.38
CA ARG C 53 34.03 -6.22 -17.63
C ARG C 53 35.10 -5.79 -18.63
N PRO C 54 34.90 -4.65 -19.29
CA PRO C 54 35.96 -4.13 -20.17
C PRO C 54 37.24 -3.89 -19.39
N ASP C 55 38.37 -4.21 -20.03
CA ASP C 55 39.69 -4.10 -19.41
C ASP C 55 39.74 -4.88 -18.09
N PHE C 56 39.23 -6.10 -18.13
CA PHE C 56 39.22 -6.95 -16.95
C PHE C 56 40.64 -7.23 -16.49
N GLY C 57 40.89 -7.06 -15.19
CA GLY C 57 42.21 -7.22 -14.64
C GLY C 57 43.13 -6.03 -14.84
N GLY C 58 42.64 -4.95 -15.44
CA GLY C 58 43.45 -3.78 -15.68
C GLY C 58 42.91 -2.54 -15.00
N PRO C 59 43.06 -1.39 -15.65
CA PRO C 59 42.56 -0.15 -15.06
C PRO C 59 41.05 -0.17 -14.95
N PRO C 60 40.49 0.52 -13.96
CA PRO C 60 39.02 0.58 -13.84
C PRO C 60 38.41 1.32 -15.02
N VAL C 61 37.21 0.89 -15.39
CA VAL C 61 36.47 1.50 -16.48
C VAL C 61 35.66 2.68 -15.94
N CYS C 62 35.82 3.84 -16.55
CA CYS C 62 35.11 5.04 -16.12
C CYS C 62 33.73 5.06 -16.77
N VAL C 63 32.69 5.22 -15.95
CA VAL C 63 31.31 5.25 -16.40
C VAL C 63 30.75 6.64 -16.13
N GLY C 64 30.38 7.34 -17.20
CA GLY C 64 29.74 8.65 -17.06
C GLY C 64 28.23 8.51 -17.03
N MET C 65 27.60 9.28 -16.14
CA MET C 65 26.17 9.18 -15.90
C MET C 65 25.52 10.55 -16.02
N ASN C 66 24.37 10.57 -16.69
N ASN C 66 24.35 10.59 -16.67
CA ASN C 66 23.51 11.74 -16.80
CA ASN C 66 23.54 11.79 -16.73
C ASN C 66 22.09 11.32 -16.47
C ASN C 66 22.08 11.40 -16.57
N ILE C 67 21.33 12.24 -15.86
CA ILE C 67 19.94 11.97 -15.50
C ILE C 67 19.07 13.08 -16.07
N ASP C 68 18.03 12.71 -16.79
CA ASP C 68 17.01 13.64 -17.28
C ASP C 68 15.74 13.35 -16.49
N ILE C 69 15.45 14.21 -15.51
CA ILE C 69 14.29 13.99 -14.65
CA ILE C 69 14.29 13.99 -14.65
C ILE C 69 13.02 14.21 -15.45
N ALA C 70 12.10 13.25 -15.34
CA ALA C 70 10.79 13.38 -15.99
C ALA C 70 9.78 14.04 -15.07
N SER C 71 9.64 13.53 -13.85
CA SER C 71 8.71 14.09 -12.88
C SER C 71 8.96 13.46 -11.53
N ILE C 72 8.54 14.16 -10.48
CA ILE C 72 8.49 13.62 -9.12
C ILE C 72 7.02 13.51 -8.77
N ASP C 73 6.47 12.29 -8.88
CA ASP C 73 5.03 12.11 -8.78
C ASP C 73 4.52 12.41 -7.37
N MET C 74 5.13 11.80 -6.36
CA MET C 74 4.62 11.88 -5.01
C MET C 74 5.75 12.12 -4.02
N VAL C 75 5.42 12.84 -2.94
CA VAL C 75 6.29 12.99 -1.78
C VAL C 75 5.43 12.64 -0.57
N SER C 76 5.79 11.55 0.11
CA SER C 76 4.98 11.01 1.19
C SER C 76 5.69 11.20 2.53
N GLU C 77 5.04 11.91 3.45
CA GLU C 77 5.60 12.07 4.78
C GLU C 77 5.39 10.81 5.63
N VAL C 78 4.25 10.14 5.46
CA VAL C 78 3.96 8.95 6.25
CA VAL C 78 3.96 8.96 6.26
C VAL C 78 4.95 7.85 5.95
N ASN C 79 5.26 7.63 4.68
CA ASN C 79 6.21 6.60 4.28
C ASN C 79 7.63 7.12 4.18
N MET C 80 7.83 8.44 4.28
CA MET C 80 9.15 9.06 4.19
C MET C 80 9.89 8.62 2.93
N ASP C 81 9.23 8.82 1.78
CA ASP C 81 9.81 8.45 0.50
C ASP C 81 9.18 9.31 -0.59
N TYR C 82 9.82 9.31 -1.76
CA TYR C 82 9.33 10.04 -2.92
C TYR C 82 9.46 9.17 -4.15
N THR C 83 8.58 9.42 -5.12
CA THR C 83 8.57 8.67 -6.37
C THR C 83 9.21 9.52 -7.46
N LEU C 84 10.20 8.96 -8.15
CA LEU C 84 10.96 9.69 -9.16
C LEU C 84 10.95 8.92 -10.46
N THR C 85 10.65 9.61 -11.56
CA THR C 85 10.73 9.06 -12.91
C THR C 85 11.80 9.84 -13.67
N MET C 86 12.70 9.12 -14.33
CA MET C 86 13.86 9.76 -14.93
C MET C 86 14.37 8.92 -16.08
N TYR C 87 15.19 9.54 -16.92
CA TYR C 87 15.92 8.87 -17.98
C TYR C 87 17.36 8.69 -17.51
N PHE C 88 17.72 7.46 -17.15
CA PHE C 88 19.04 7.17 -16.61
C PHE C 88 19.95 6.70 -17.75
N GLN C 89 21.02 7.43 -17.99
CA GLN C 89 21.93 7.16 -19.10
C GLN C 89 23.34 6.92 -18.57
N GLN C 90 24.00 5.91 -19.13
CA GLN C 90 25.35 5.54 -18.74
C GLN C 90 26.26 5.59 -19.95
N TYR C 91 27.46 6.15 -19.77
N TYR C 91 27.50 6.05 -19.74
CA TYR C 91 28.44 6.29 -20.84
CA TYR C 91 28.45 6.32 -20.82
C TYR C 91 29.72 5.57 -20.42
C TYR C 91 29.78 5.67 -20.48
N TRP C 92 30.19 4.68 -21.27
CA TRP C 92 31.47 4.01 -21.04
C TRP C 92 32.01 3.52 -22.36
N ARG C 93 33.31 3.25 -22.38
CA ARG C 93 34.01 2.79 -23.57
C ARG C 93 34.41 1.33 -23.41
N ASP C 94 34.04 0.51 -24.39
CA ASP C 94 34.43 -0.90 -24.43
C ASP C 94 35.12 -1.15 -25.76
N LYS C 95 36.44 -1.33 -25.72
CA LYS C 95 37.22 -1.51 -26.94
C LYS C 95 36.87 -2.79 -27.67
N ARG C 96 36.25 -3.77 -26.99
CA ARG C 96 35.80 -4.97 -27.67
C ARG C 96 34.70 -4.69 -28.68
N LEU C 97 33.96 -3.59 -28.52
CA LEU C 97 32.88 -3.22 -29.41
C LEU C 97 33.29 -2.19 -30.45
N ALA C 98 34.58 -1.85 -30.52
CA ALA C 98 35.03 -0.89 -31.51
C ALA C 98 34.92 -1.46 -32.91
N TYR C 99 34.44 -0.64 -33.84
CA TYR C 99 34.27 -1.04 -35.22
C TYR C 99 34.81 0.04 -36.14
N SER C 100 35.23 -0.37 -37.34
CA SER C 100 35.82 0.53 -38.32
C SER C 100 35.14 0.34 -39.66
N GLY C 101 35.22 1.38 -40.49
CA GLY C 101 34.62 1.37 -41.81
C GLY C 101 33.20 1.86 -41.87
N ILE C 102 32.57 2.13 -40.73
CA ILE C 102 31.21 2.64 -40.66
C ILE C 102 31.24 3.98 -39.95
N PRO C 103 31.20 5.10 -40.68
CA PRO C 103 31.21 6.43 -40.08
C PRO C 103 29.86 6.86 -39.51
N LEU C 104 29.25 5.97 -38.72
CA LEU C 104 27.93 6.21 -38.15
C LEU C 104 27.88 5.66 -36.74
N ASN C 105 26.94 6.20 -35.96
CA ASN C 105 26.66 5.68 -34.63
C ASN C 105 25.53 4.66 -34.73
N LEU C 106 25.85 3.41 -34.41
CA LEU C 106 24.91 2.31 -34.58
C LEU C 106 23.89 2.33 -33.45
N THR C 107 22.66 2.71 -33.77
CA THR C 107 21.54 2.64 -32.82
C THR C 107 20.87 1.29 -33.00
N LEU C 108 21.18 0.36 -32.10
CA LEU C 108 20.69 -1.01 -32.22
C LEU C 108 19.41 -1.20 -31.41
N ASP C 109 18.77 -2.35 -31.63
CA ASP C 109 17.59 -2.70 -30.86
C ASP C 109 17.95 -2.88 -29.39
N ASN C 110 17.01 -2.54 -28.51
CA ASN C 110 17.26 -2.63 -27.08
C ASN C 110 17.52 -4.06 -26.62
N ARG C 111 17.08 -5.06 -27.39
CA ARG C 111 17.30 -6.45 -27.02
C ARG C 111 18.76 -6.87 -27.15
N VAL C 112 19.61 -6.07 -27.81
CA VAL C 112 21.02 -6.39 -27.88
C VAL C 112 21.75 -6.15 -26.56
N ALA C 113 21.12 -5.42 -25.64
CA ALA C 113 21.75 -5.16 -24.34
C ALA C 113 21.94 -6.43 -23.52
N ASP C 114 21.19 -7.49 -23.83
CA ASP C 114 21.36 -8.75 -23.12
C ASP C 114 22.65 -9.48 -23.51
N GLN C 115 23.22 -9.13 -24.66
CA GLN C 115 24.48 -9.73 -25.11
C GLN C 115 25.68 -8.83 -24.86
N LEU C 116 25.50 -7.74 -24.11
CA LEU C 116 26.57 -6.80 -23.84
C LEU C 116 26.77 -6.64 -22.33
N TRP C 117 27.99 -6.31 -21.95
CA TRP C 117 28.27 -6.00 -20.55
C TRP C 117 27.73 -4.62 -20.21
N VAL C 118 27.04 -4.52 -19.08
CA VAL C 118 26.52 -3.24 -18.60
C VAL C 118 26.93 -3.07 -17.15
N PRO C 119 27.13 -1.85 -16.67
CA PRO C 119 27.48 -1.66 -15.25
C PRO C 119 26.37 -2.15 -14.34
N ASP C 120 26.76 -2.67 -13.17
CA ASP C 120 25.80 -3.13 -12.20
C ASP C 120 25.33 -1.97 -11.32
N THR C 121 24.83 -0.92 -11.95
CA THR C 121 24.40 0.27 -11.22
C THR C 121 23.09 0.00 -10.50
N TYR C 122 23.04 0.33 -9.22
CA TYR C 122 21.84 0.22 -8.42
C TYR C 122 21.70 1.45 -7.55
N PHE C 123 20.47 1.71 -7.11
CA PHE C 123 20.18 2.85 -6.25
C PHE C 123 20.12 2.38 -4.80
N LEU C 124 20.96 2.96 -3.95
CA LEU C 124 21.13 2.44 -2.60
C LEU C 124 19.91 2.71 -1.74
N ASN C 125 19.27 3.86 -1.90
CA ASN C 125 18.19 4.28 -1.03
C ASN C 125 16.81 4.04 -1.63
N ASP C 126 16.71 3.31 -2.74
CA ASP C 126 15.41 3.06 -3.33
C ASP C 126 14.67 1.98 -2.55
N LYS C 127 13.33 2.07 -2.60
CA LYS C 127 12.48 1.08 -1.96
C LYS C 127 11.78 0.15 -2.94
N LYS C 128 11.47 0.65 -4.13
CA LYS C 128 10.85 -0.16 -5.17
C LYS C 128 11.01 0.57 -6.49
N SER C 129 11.58 -0.11 -7.48
CA SER C 129 11.83 0.51 -8.78
CA SER C 129 11.85 0.50 -8.78
C SER C 129 11.59 -0.51 -9.88
N PHE C 130 11.33 0.00 -11.08
CA PHE C 130 11.09 -0.83 -12.24
C PHE C 130 11.43 -0.05 -13.50
N VAL C 131 11.58 -0.79 -14.60
CA VAL C 131 11.85 -0.21 -15.91
C VAL C 131 10.61 -0.40 -16.77
N HIS C 132 10.13 0.69 -17.37
CA HIS C 132 8.93 0.62 -18.19
C HIS C 132 9.16 -0.28 -19.39
N GLY C 133 8.13 -1.05 -19.75
CA GLY C 133 8.26 -2.02 -20.81
C GLY C 133 7.14 -2.00 -21.83
N VAL C 134 6.60 -0.82 -22.12
CA VAL C 134 5.54 -0.65 -23.11
C VAL C 134 5.96 0.46 -24.08
N THR C 135 5.90 0.18 -25.38
CA THR C 135 5.46 -1.11 -25.91
C THR C 135 6.60 -2.14 -25.89
N VAL C 136 7.82 -1.63 -25.72
CA VAL C 136 8.99 -2.46 -25.48
C VAL C 136 9.68 -1.90 -24.25
N LYS C 137 10.72 -2.61 -23.78
CA LYS C 137 11.47 -2.13 -22.64
CA LYS C 137 11.47 -2.12 -22.64
C LYS C 137 12.09 -0.77 -22.96
N ASN C 138 11.91 0.18 -22.05
CA ASN C 138 12.40 1.55 -22.25
C ASN C 138 13.91 1.53 -22.05
N ARG C 139 14.61 1.10 -23.10
CA ARG C 139 16.04 0.88 -23.07
C ARG C 139 16.63 1.28 -24.40
N MET C 140 17.82 1.88 -24.37
CA MET C 140 18.49 2.37 -25.57
C MET C 140 19.94 1.92 -25.56
N ILE C 141 20.40 1.40 -26.70
CA ILE C 141 21.78 1.03 -26.92
C ILE C 141 22.26 1.77 -28.17
N ARG C 142 23.35 2.53 -28.03
CA ARG C 142 23.90 3.29 -29.14
C ARG C 142 25.41 3.14 -29.11
N LEU C 143 25.96 2.43 -30.09
CA LEU C 143 27.39 2.21 -30.17
C LEU C 143 28.07 3.36 -30.92
N HIS C 144 29.38 3.43 -30.74
CA HIS C 144 30.21 4.44 -31.39
C HIS C 144 31.43 3.79 -32.01
N PRO C 145 32.01 4.40 -33.04
CA PRO C 145 33.16 3.77 -33.72
C PRO C 145 34.35 3.49 -32.80
N ASP C 146 34.57 4.34 -31.79
CA ASP C 146 35.70 4.15 -30.88
C ASP C 146 35.43 3.15 -29.78
N GLY C 147 34.23 2.56 -29.73
CA GLY C 147 33.86 1.63 -28.69
C GLY C 147 33.02 2.21 -27.59
N THR C 148 32.71 3.50 -27.64
CA THR C 148 31.85 4.12 -26.63
C THR C 148 30.44 3.56 -26.72
N VAL C 149 29.85 3.26 -25.57
CA VAL C 149 28.51 2.68 -25.49
C VAL C 149 27.63 3.62 -24.69
N LEU C 150 26.47 3.96 -25.26
N LEU C 150 26.47 3.95 -25.25
CA LEU C 150 25.45 4.74 -24.59
CA LEU C 150 25.46 4.75 -24.57
C LEU C 150 24.33 3.80 -24.18
C LEU C 150 24.31 3.83 -24.18
N TYR C 151 24.00 3.81 -22.88
CA TYR C 151 22.98 2.91 -22.35
C TYR C 151 21.98 3.75 -21.55
N GLY C 152 20.76 3.85 -22.07
CA GLY C 152 19.72 4.67 -21.47
C GLY C 152 18.58 3.81 -20.96
N LEU C 153 18.01 4.21 -19.82
CA LEU C 153 16.88 3.52 -19.22
C LEU C 153 15.91 4.54 -18.64
N ARG C 154 14.61 4.29 -18.83
CA ARG C 154 13.57 5.08 -18.20
C ARG C 154 13.09 4.32 -16.97
N ILE C 155 13.40 4.86 -15.80
CA ILE C 155 13.20 4.16 -14.52
C ILE C 155 12.29 4.99 -13.64
N THR C 156 11.26 4.35 -13.09
CA THR C 156 10.43 4.93 -12.04
C THR C 156 10.83 4.30 -10.73
N THR C 157 11.31 5.12 -9.79
CA THR C 157 11.87 4.63 -8.55
C THR C 157 11.22 5.31 -7.36
N THR C 158 11.05 4.55 -6.28
CA THR C 158 10.58 5.09 -5.00
C THR C 158 11.74 5.03 -4.03
N ALA C 159 12.30 6.20 -3.72
CA ALA C 159 13.49 6.31 -2.89
C ALA C 159 13.12 6.84 -1.53
N ALA C 160 13.63 6.21 -0.48
CA ALA C 160 13.35 6.65 0.88
C ALA C 160 14.03 7.99 1.16
N CYS C 161 13.37 8.82 1.95
CA CYS C 161 13.91 10.13 2.30
C CYS C 161 13.45 10.45 3.72
N MET C 162 14.36 10.33 4.68
CA MET C 162 14.05 10.69 6.06
C MET C 162 13.79 12.18 6.15
N MET C 163 12.72 12.54 6.87
CA MET C 163 12.26 13.92 6.96
C MET C 163 12.26 14.38 8.41
N ASP C 164 12.70 15.62 8.62
CA ASP C 164 12.66 16.26 9.93
C ASP C 164 11.39 17.10 9.99
N LEU C 165 10.40 16.64 10.75
CA LEU C 165 9.10 17.28 10.81
C LEU C 165 8.94 18.16 12.05
N ARG C 166 10.05 18.57 12.67
CA ARG C 166 9.97 19.44 13.83
C ARG C 166 9.39 20.80 13.46
N ARG C 167 9.76 21.32 12.30
CA ARG C 167 9.25 22.61 11.82
C ARG C 167 8.07 22.46 10.87
N TYR C 168 7.51 21.26 10.76
CA TYR C 168 6.37 21.03 9.90
C TYR C 168 5.19 21.91 10.34
N PRO C 169 4.43 22.50 9.40
CA PRO C 169 4.58 22.38 7.94
C PRO C 169 5.48 23.45 7.32
N LEU C 170 6.24 24.17 8.14
CA LEU C 170 7.18 25.18 7.66
C LEU C 170 8.59 24.63 7.53
N ASP C 171 8.72 23.35 7.21
CA ASP C 171 10.00 22.66 7.19
C ASP C 171 10.63 22.70 5.80
N GLU C 172 11.92 22.38 5.75
CA GLU C 172 12.67 22.26 4.51
C GLU C 172 13.35 20.90 4.50
N GLN C 173 13.17 20.16 3.42
CA GLN C 173 13.62 18.77 3.35
C GLN C 173 14.72 18.62 2.30
N ASN C 174 15.64 17.70 2.57
CA ASN C 174 16.75 17.38 1.67
C ASN C 174 16.66 15.90 1.34
N CYS C 175 16.13 15.59 0.16
CA CYS C 175 15.98 14.21 -0.31
C CYS C 175 17.06 13.91 -1.34
N THR C 176 17.71 12.75 -1.16
CA THR C 176 18.85 12.37 -2.00
C THR C 176 18.52 11.12 -2.79
N LEU C 177 19.30 10.91 -3.86
CA LEU C 177 19.24 9.70 -4.66
C LEU C 177 20.65 9.15 -4.80
N GLU C 178 20.93 8.04 -4.13
CA GLU C 178 22.26 7.48 -4.08
C GLU C 178 22.46 6.49 -5.23
N ILE C 179 23.55 6.66 -5.97
CA ILE C 179 23.88 5.80 -7.10
C ILE C 179 25.22 5.14 -6.80
N GLU C 180 25.26 3.81 -6.89
CA GLU C 180 26.43 3.05 -6.51
C GLU C 180 26.50 1.77 -7.32
N SER C 181 27.71 1.26 -7.51
CA SER C 181 27.92 -0.04 -8.11
C SER C 181 27.77 -1.12 -7.04
N TYR C 182 27.14 -2.24 -7.41
CA TYR C 182 26.87 -3.28 -6.44
C TYR C 182 28.03 -4.25 -6.26
N GLY C 183 28.61 -4.73 -7.35
CA GLY C 183 29.64 -5.75 -7.25
C GLY C 183 31.05 -5.25 -7.47
N TYR C 184 31.22 -4.33 -8.41
CA TYR C 184 32.55 -3.85 -8.76
C TYR C 184 32.99 -2.74 -7.82
N THR C 185 34.19 -2.89 -7.27
CA THR C 185 34.76 -1.89 -6.38
C THR C 185 35.40 -0.76 -7.19
N THR C 186 36.03 0.17 -6.48
CA THR C 186 36.71 1.28 -7.16
C THR C 186 37.89 0.80 -7.98
N ASP C 187 38.43 -0.39 -7.69
CA ASP C 187 39.52 -0.92 -8.49
C ASP C 187 39.07 -1.41 -9.85
N ASP C 188 37.76 -1.61 -10.04
CA ASP C 188 37.22 -2.12 -11.29
C ASP C 188 36.33 -1.15 -12.04
N ILE C 189 35.74 -0.16 -11.36
CA ILE C 189 34.82 0.77 -12.01
C ILE C 189 34.89 2.10 -11.28
N GLU C 190 34.65 3.18 -12.03
CA GLU C 190 34.63 4.53 -11.49
C GLU C 190 33.45 5.29 -12.06
N PHE C 191 32.82 6.10 -11.22
CA PHE C 191 31.66 6.89 -11.60
C PHE C 191 32.01 8.37 -11.63
N TYR C 192 31.40 9.10 -12.56
CA TYR C 192 31.54 10.54 -12.63
C TYR C 192 30.32 11.11 -13.33
N TRP C 193 29.97 12.34 -12.94
CA TRP C 193 28.86 13.04 -13.58
C TRP C 193 29.32 13.57 -14.93
N ARG C 194 28.75 13.04 -16.01
CA ARG C 194 29.14 13.46 -17.34
C ARG C 194 28.56 14.84 -17.63
N GLY C 195 29.44 15.82 -17.83
CA GLY C 195 29.02 17.19 -18.00
C GLY C 195 29.12 18.07 -16.78
N GLY C 196 29.70 17.58 -15.70
CA GLY C 196 29.85 18.39 -14.51
C GLY C 196 28.51 18.65 -13.85
N ASP C 197 28.28 19.91 -13.49
CA ASP C 197 27.03 20.29 -12.81
C ASP C 197 25.83 20.26 -13.74
N LYS C 198 26.04 20.10 -15.05
CA LYS C 198 24.96 20.00 -16.01
C LYS C 198 24.56 18.56 -16.31
N ALA C 199 25.08 17.60 -15.55
CA ALA C 199 24.77 16.19 -15.80
C ALA C 199 23.30 15.90 -15.58
N VAL C 200 22.65 16.57 -14.63
CA VAL C 200 21.25 16.34 -14.30
C VAL C 200 20.44 17.49 -14.87
N THR C 201 19.48 17.17 -15.72
CA THR C 201 18.59 18.14 -16.33
C THR C 201 17.15 17.79 -16.00
N GLY C 202 16.24 18.68 -16.39
CA GLY C 202 14.82 18.46 -16.14
C GLY C 202 14.36 18.79 -14.75
N VAL C 203 15.17 19.48 -13.95
CA VAL C 203 14.76 19.85 -12.60
C VAL C 203 13.58 20.81 -12.66
N GLU C 204 13.56 21.69 -13.66
CA GLU C 204 12.44 22.61 -13.83
C GLU C 204 11.13 21.91 -14.16
N ARG C 205 11.20 20.67 -14.68
CA ARG C 205 9.98 19.93 -14.98
C ARG C 205 9.26 19.47 -13.72
N ILE C 206 9.94 19.47 -12.57
CA ILE C 206 9.33 19.01 -11.33
C ILE C 206 8.24 19.98 -10.92
N GLU C 207 7.00 19.48 -10.83
CA GLU C 207 5.85 20.29 -10.46
C GLU C 207 5.17 19.62 -9.27
N LEU C 208 5.65 19.94 -8.06
CA LEU C 208 5.06 19.42 -6.84
C LEU C 208 4.07 20.44 -6.30
N PRO C 209 2.79 20.08 -6.12
CA PRO C 209 1.84 21.04 -5.57
C PRO C 209 2.20 21.51 -4.17
N GLN C 210 2.87 20.67 -3.38
CA GLN C 210 3.16 20.98 -1.99
C GLN C 210 4.58 21.45 -1.75
N PHE C 211 5.48 21.27 -2.72
CA PHE C 211 6.90 21.59 -2.53
C PHE C 211 7.42 22.39 -3.71
N SER C 212 8.53 23.06 -3.48
CA SER C 212 9.27 23.78 -4.51
C SER C 212 10.73 23.40 -4.45
N ILE C 213 11.36 23.24 -5.61
CA ILE C 213 12.75 22.79 -5.69
C ILE C 213 13.65 24.02 -5.49
N VAL C 214 14.18 24.17 -4.28
CA VAL C 214 15.05 25.32 -4.01
C VAL C 214 16.40 25.14 -4.71
N GLU C 215 16.98 23.95 -4.62
CA GLU C 215 18.32 23.72 -5.15
C GLU C 215 18.54 22.23 -5.33
N HIS C 216 19.44 21.88 -6.26
CA HIS C 216 19.89 20.52 -6.44
C HIS C 216 21.41 20.51 -6.52
N ARG C 217 22.01 19.43 -6.02
CA ARG C 217 23.46 19.30 -5.96
C ARG C 217 23.89 17.94 -6.48
N LEU C 218 25.13 17.89 -6.99
CA LEU C 218 25.74 16.65 -7.47
C LEU C 218 26.98 16.37 -6.65
N VAL C 219 27.05 15.17 -6.08
CA VAL C 219 28.15 14.77 -5.20
C VAL C 219 28.75 13.47 -5.71
N SER C 220 30.07 13.43 -5.81
CA SER C 220 30.81 12.22 -6.17
C SER C 220 31.80 11.90 -5.06
N ARG C 221 31.80 10.66 -4.60
CA ARG C 221 32.67 10.25 -3.50
C ARG C 221 32.81 8.73 -3.53
N ASN C 222 33.65 8.21 -2.64
CA ASN C 222 33.88 6.79 -2.49
C ASN C 222 33.40 6.34 -1.12
N VAL C 223 32.67 5.23 -1.09
CA VAL C 223 32.11 4.68 0.15
C VAL C 223 32.77 3.33 0.40
N VAL C 224 33.25 3.13 1.62
CA VAL C 224 33.98 1.93 2.00
C VAL C 224 33.07 1.04 2.84
N PHE C 225 32.91 -0.21 2.41
CA PHE C 225 32.21 -1.23 3.15
C PHE C 225 33.19 -2.34 3.54
N ALA C 226 32.66 -3.40 4.15
CA ALA C 226 33.50 -4.54 4.49
C ALA C 226 34.04 -5.21 3.24
N THR C 227 33.21 -5.34 2.20
CA THR C 227 33.64 -5.99 0.97
C THR C 227 34.63 -5.16 0.17
N GLY C 228 34.68 -3.85 0.40
CA GLY C 228 35.62 -2.99 -0.28
C GLY C 228 35.06 -1.59 -0.42
N ALA C 229 35.78 -0.78 -1.20
CA ALA C 229 35.40 0.60 -1.45
C ALA C 229 34.66 0.69 -2.77
N TYR C 230 33.51 1.39 -2.77
CA TYR C 230 32.69 1.46 -3.96
C TYR C 230 32.45 2.90 -4.37
N PRO C 231 32.40 3.18 -5.67
CA PRO C 231 32.09 4.55 -6.12
C PRO C 231 30.67 4.93 -5.79
N ARG C 232 30.45 6.23 -5.58
CA ARG C 232 29.15 6.74 -5.19
C ARG C 232 28.85 8.03 -5.93
N LEU C 233 27.65 8.11 -6.51
CA LEU C 233 27.11 9.34 -7.06
C LEU C 233 25.83 9.66 -6.32
N SER C 234 25.69 10.91 -5.89
N SER C 234 25.69 10.91 -5.90
CA SER C 234 24.54 11.34 -5.11
CA SER C 234 24.53 11.33 -5.11
C SER C 234 23.88 12.53 -5.79
C SER C 234 23.88 12.53 -5.78
N LEU C 235 22.55 12.47 -5.91
CA LEU C 235 21.75 13.57 -6.42
C LEU C 235 20.76 13.97 -5.34
N SER C 236 20.81 15.22 -4.92
CA SER C 236 20.04 15.69 -3.78
C SER C 236 19.22 16.91 -4.17
N PHE C 237 18.01 17.00 -3.63
CA PHE C 237 17.13 18.14 -3.83
C PHE C 237 16.77 18.73 -2.47
N ARG C 238 16.69 20.06 -2.40
CA ARG C 238 16.19 20.75 -1.22
C ARG C 238 14.78 21.23 -1.50
N LEU C 239 13.81 20.68 -0.76
CA LEU C 239 12.40 20.96 -0.97
C LEU C 239 11.90 21.92 0.10
N LYS C 240 11.18 22.95 -0.31
CA LYS C 240 10.55 23.90 0.60
C LYS C 240 9.05 23.72 0.51
N ARG C 241 8.42 23.42 1.65
CA ARG C 241 6.98 23.16 1.66
C ARG C 241 6.20 24.45 1.49
N ASN C 242 5.08 24.35 0.78
CA ASN C 242 4.20 25.50 0.55
C ASN C 242 3.20 25.61 1.68
N ILE C 243 3.14 26.80 2.30
CA ILE C 243 2.26 27.01 3.45
C ILE C 243 0.82 27.33 3.06
N GLY C 244 0.55 27.52 1.77
CA GLY C 244 -0.78 27.94 1.36
C GLY C 244 -1.87 26.95 1.72
N TYR C 245 -1.60 25.66 1.51
CA TYR C 245 -2.61 24.65 1.83
C TYR C 245 -2.91 24.59 3.31
N PHE C 246 -1.86 24.67 4.15
CA PHE C 246 -2.05 24.48 5.58
C PHE C 246 -2.73 25.68 6.23
N ILE C 247 -2.58 26.87 5.66
CA ILE C 247 -3.29 28.03 6.17
C ILE C 247 -4.79 27.83 6.05
N LEU C 248 -5.24 27.35 4.88
CA LEU C 248 -6.67 27.16 4.66
C LEU C 248 -7.19 25.94 5.41
N GLN C 249 -6.39 24.87 5.47
CA GLN C 249 -6.89 23.60 6.00
C GLN C 249 -6.88 23.58 7.52
N THR C 250 -5.81 24.05 8.15
CA THR C 250 -5.64 23.89 9.58
C THR C 250 -5.57 25.21 10.34
N TYR C 251 -4.74 26.16 9.88
CA TYR C 251 -4.51 27.38 10.64
C TYR C 251 -5.76 28.25 10.72
N MET C 252 -6.40 28.50 9.58
CA MET C 252 -7.60 29.34 9.58
C MET C 252 -8.74 28.72 10.39
N PRO C 253 -9.11 27.45 10.23
CA PRO C 253 -10.19 26.91 11.07
C PRO C 253 -9.90 27.00 12.56
N SER C 254 -8.64 26.81 12.96
CA SER C 254 -8.29 26.90 14.37
C SER C 254 -8.49 28.32 14.91
N ILE C 255 -8.11 29.32 14.11
CA ILE C 255 -8.28 30.71 14.54
C ILE C 255 -9.76 31.05 14.68
N LEU C 256 -10.57 30.61 13.72
CA LEU C 256 -12.00 30.92 13.75
C LEU C 256 -12.68 30.33 14.98
N ILE C 257 -12.29 29.10 15.36
CA ILE C 257 -12.85 28.49 16.57
C ILE C 257 -12.43 29.29 17.80
N THR C 258 -11.18 29.74 17.83
CA THR C 258 -10.71 30.56 18.96
C THR C 258 -11.49 31.86 19.04
N ILE C 259 -11.73 32.51 17.90
CA ILE C 259 -12.55 33.71 17.89
C ILE C 259 -13.98 33.38 18.31
N LEU C 260 -14.47 32.20 17.93
CA LEU C 260 -15.81 31.79 18.31
C LEU C 260 -15.96 31.71 19.82
N SER C 261 -14.91 31.26 20.51
CA SER C 261 -14.97 31.18 21.97
C SER C 261 -15.08 32.55 22.61
N TRP C 262 -14.59 33.60 21.94
CA TRP C 262 -14.65 34.94 22.48
C TRP C 262 -16.06 35.51 22.50
N VAL C 263 -16.98 34.91 21.72
CA VAL C 263 -18.36 35.40 21.69
C VAL C 263 -19.03 35.23 23.04
N SER C 264 -18.59 34.26 23.84
CA SER C 264 -19.22 34.02 25.14
C SER C 264 -19.06 35.21 26.07
N PHE C 265 -18.02 36.01 25.89
CA PHE C 265 -17.78 37.14 26.78
C PHE C 265 -18.86 38.20 26.64
N TRP C 266 -19.38 38.40 25.43
CA TRP C 266 -20.45 39.35 25.21
CA TRP C 266 -20.45 39.35 25.20
C TRP C 266 -21.82 38.83 25.62
N ILE C 267 -21.96 37.53 25.84
CA ILE C 267 -23.22 36.94 26.27
C ILE C 267 -23.39 37.16 27.76
N ASN C 268 -24.61 37.48 28.17
CA ASN C 268 -24.88 37.71 29.59
C ASN C 268 -24.63 36.44 30.39
N TYR C 269 -24.22 36.63 31.65
CA TYR C 269 -23.84 35.50 32.49
C TYR C 269 -25.04 34.64 32.87
N ASP C 270 -26.24 35.21 32.89
CA ASP C 270 -27.42 34.43 33.25
C ASP C 270 -27.74 33.35 32.22
N ALA C 271 -27.26 33.51 30.98
CA ALA C 271 -27.46 32.50 29.93
C ALA C 271 -26.45 31.38 30.14
N SER C 272 -26.71 30.60 31.20
CA SER C 272 -25.78 29.51 31.55
C SER C 272 -25.73 28.46 30.45
N ALA C 273 -26.88 28.08 29.90
CA ALA C 273 -26.89 27.08 28.84
C ALA C 273 -26.14 27.57 27.60
N ALA C 274 -26.32 28.84 27.23
CA ALA C 274 -25.71 29.36 26.02
C ALA C 274 -24.19 29.42 26.15
N ARG C 275 -23.69 30.01 27.23
CA ARG C 275 -22.25 30.19 27.37
C ARG C 275 -21.52 28.87 27.58
N VAL C 276 -22.12 27.95 28.36
CA VAL C 276 -21.52 26.65 28.56
C VAL C 276 -21.47 25.87 27.24
N ALA C 277 -22.56 25.92 26.48
CA ALA C 277 -22.57 25.25 25.17
C ALA C 277 -21.51 25.83 24.25
N LEU C 278 -21.31 27.16 24.29
CA LEU C 278 -20.26 27.78 23.49
CA LEU C 278 -20.27 27.76 23.48
C LEU C 278 -18.89 27.25 23.87
N GLY C 279 -18.63 27.13 25.17
CA GLY C 279 -17.35 26.63 25.61
C GLY C 279 -17.12 25.18 25.25
N ILE C 280 -18.16 24.36 25.38
CA ILE C 280 -18.03 22.93 25.10
C ILE C 280 -17.73 22.71 23.62
N THR C 281 -18.53 23.32 22.74
CA THR C 281 -18.41 23.04 21.32
C THR C 281 -17.07 23.49 20.76
N THR C 282 -16.59 24.65 21.21
CA THR C 282 -15.28 25.12 20.75
C THR C 282 -14.18 24.17 21.18
N VAL C 283 -14.25 23.65 22.41
CA VAL C 283 -13.25 22.72 22.89
C VAL C 283 -13.32 21.41 22.09
N LEU C 284 -14.54 20.89 21.88
CA LEU C 284 -14.69 19.65 21.14
C LEU C 284 -14.21 19.80 19.71
N THR C 285 -14.55 20.91 19.06
CA THR C 285 -14.11 21.13 17.68
C THR C 285 -12.59 21.24 17.60
N MET C 286 -11.97 21.89 18.59
CA MET C 286 -10.52 22.00 18.61
C MET C 286 -9.87 20.62 18.72
N THR C 287 -10.44 19.74 19.54
CA THR C 287 -9.90 18.39 19.68
C THR C 287 -10.00 17.61 18.36
N THR C 288 -11.13 17.75 17.66
CA THR C 288 -11.31 17.02 16.42
C THR C 288 -10.28 17.44 15.37
N ILE C 289 -10.01 18.74 15.28
CA ILE C 289 -9.01 19.23 14.34
C ILE C 289 -7.63 18.68 14.70
N ASN C 290 -7.28 18.69 15.99
CA ASN C 290 -5.98 18.19 16.42
C ASN C 290 -5.83 16.71 16.12
N THR C 291 -6.88 15.91 16.38
CA THR C 291 -6.81 14.48 16.11
C THR C 291 -6.66 14.20 14.62
N HIS C 292 -7.41 14.92 13.78
CA HIS C 292 -7.37 14.67 12.34
C HIS C 292 -5.99 14.94 11.76
N LEU C 293 -5.35 16.03 12.19
CA LEU C 293 -4.05 16.39 11.63
C LEU C 293 -3.00 15.34 11.93
N ARG C 294 -2.96 14.85 13.18
CA ARG C 294 -1.94 13.89 13.57
C ARG C 294 -2.10 12.54 12.88
N GLU C 295 -3.30 12.24 12.37
CA GLU C 295 -3.52 10.99 11.66
C GLU C 295 -2.98 11.01 10.24
N THR C 296 -2.66 12.19 9.71
CA THR C 296 -2.13 12.32 8.35
C THR C 296 -0.61 12.31 8.30
N LEU C 297 0.05 12.11 9.44
CA LEU C 297 1.50 12.18 9.57
C LEU C 297 2.01 10.96 10.32
N PRO C 298 3.28 10.61 10.12
CA PRO C 298 3.83 9.45 10.84
C PRO C 298 3.87 9.69 12.34
N LYS C 299 3.78 8.59 13.10
CA LYS C 299 3.69 8.65 14.56
C LYS C 299 5.07 8.97 15.14
N ILE C 300 5.52 10.20 14.88
CA ILE C 300 6.79 10.68 15.40
C ILE C 300 6.63 11.04 16.86
N PRO C 301 7.67 10.89 17.69
CA PRO C 301 7.50 11.18 19.13
C PRO C 301 7.67 12.65 19.48
N TYR C 302 8.28 13.45 18.62
CA TYR C 302 8.54 14.85 18.91
C TYR C 302 7.35 15.72 18.48
N VAL C 303 7.34 16.95 18.98
CA VAL C 303 6.23 17.88 18.73
C VAL C 303 6.56 18.72 17.51
N LYS C 304 5.61 18.78 16.57
CA LYS C 304 5.76 19.59 15.38
C LYS C 304 5.37 21.03 15.67
N ALA C 305 5.69 21.92 14.71
CA ALA C 305 5.30 23.31 14.86
C ALA C 305 3.78 23.46 14.83
N ILE C 306 3.10 22.71 13.96
CA ILE C 306 1.65 22.80 13.88
C ILE C 306 1.01 22.27 15.16
N ASP C 307 1.61 21.25 15.78
CA ASP C 307 1.08 20.74 17.03
C ASP C 307 1.14 21.80 18.13
N MET C 308 2.22 22.58 18.15
CA MET C 308 2.34 23.66 19.14
C MET C 308 1.22 24.68 18.98
N TYR C 309 0.90 25.03 17.73
CA TYR C 309 -0.16 26.00 17.48
C TYR C 309 -1.51 25.45 17.93
N LEU C 310 -1.78 24.18 17.64
CA LEU C 310 -3.04 23.57 18.06
C LEU C 310 -3.14 23.49 19.57
N MET C 311 -2.03 23.15 20.24
CA MET C 311 -2.02 23.13 21.70
C MET C 311 -2.28 24.51 22.27
N GLY C 312 -1.68 25.54 21.68
CA GLY C 312 -1.92 26.90 22.14
C GLY C 312 -3.36 27.32 21.95
N CYS C 313 -3.95 26.98 20.80
CA CYS C 313 -5.35 27.32 20.57
C CYS C 313 -6.27 26.57 21.53
N PHE C 314 -5.92 25.33 21.86
CA PHE C 314 -6.72 24.58 22.82
C PHE C 314 -6.67 25.21 24.20
N VAL C 315 -5.52 25.78 24.58
CA VAL C 315 -5.42 26.44 25.88
C VAL C 315 -6.37 27.62 25.97
N PHE C 316 -6.42 28.44 24.91
CA PHE C 316 -7.26 29.63 24.95
C PHE C 316 -8.74 29.28 25.08
N VAL C 317 -9.21 28.30 24.32
CA VAL C 317 -10.62 27.92 24.39
C VAL C 317 -10.93 27.26 25.72
N PHE C 318 -9.99 26.47 26.25
CA PHE C 318 -10.19 25.85 27.55
C PHE C 318 -10.21 26.89 28.66
N LEU C 319 -9.35 27.90 28.57
CA LEU C 319 -9.37 28.98 29.56
C LEU C 319 -10.66 29.79 29.49
N ALA C 320 -11.21 29.96 28.28
CA ALA C 320 -12.45 30.70 28.14
C ALA C 320 -13.59 30.01 28.87
N LEU C 321 -13.70 28.69 28.75
CA LEU C 321 -14.72 27.96 29.48
C LEU C 321 -14.47 28.01 30.98
N LEU C 322 -13.19 27.91 31.40
CA LEU C 322 -12.87 28.08 32.81
C LEU C 322 -13.17 29.49 33.28
N GLU C 323 -13.04 30.48 32.39
CA GLU C 323 -13.33 31.86 32.76
C GLU C 323 -14.78 32.03 33.16
N TYR C 324 -15.71 31.44 32.39
CA TYR C 324 -17.13 31.55 32.73
C TYR C 324 -17.45 30.79 34.01
N ALA C 325 -16.81 29.64 34.22
CA ALA C 325 -17.04 28.89 35.45
C ALA C 325 -16.65 29.71 36.67
N PHE C 326 -15.54 30.44 36.59
CA PHE C 326 -15.17 31.36 37.66
C PHE C 326 -16.21 32.46 37.81
N VAL C 327 -16.70 33.01 36.70
CA VAL C 327 -17.74 34.04 36.76
C VAL C 327 -19.02 33.48 37.36
N ASN C 328 -19.41 32.27 36.95
CA ASN C 328 -20.61 31.66 37.49
C ASN C 328 -20.45 31.35 38.98
N TYR C 329 -19.25 30.94 39.39
CA TYR C 329 -19.02 30.59 40.79
C TYR C 329 -19.13 31.82 41.69
N ILE C 330 -18.49 32.92 41.30
CA ILE C 330 -18.50 34.12 42.15
C ILE C 330 -19.89 34.75 42.16
N PHE C 331 -20.62 34.68 41.04
CA PHE C 331 -21.95 35.28 41.00
C PHE C 331 -22.91 34.57 41.95
N PHE C 332 -22.82 33.25 42.04
CA PHE C 332 -23.67 32.49 42.94
C PHE C 332 -22.89 32.01 44.16
N ALA C 447 -17.62 43.03 35.24
CA ALA C 447 -16.27 43.58 35.18
C ALA C 447 -15.27 42.51 34.74
N ILE C 448 -15.47 41.29 35.22
CA ILE C 448 -14.57 40.20 34.86
C ILE C 448 -14.67 39.89 33.37
N ASP C 449 -15.89 39.90 32.83
CA ASP C 449 -16.06 39.61 31.41
C ASP C 449 -15.36 40.65 30.54
N ARG C 450 -15.58 41.94 30.84
CA ARG C 450 -14.92 42.99 30.06
C ARG C 450 -13.41 42.92 30.22
N TRP C 451 -12.93 42.62 31.42
CA TRP C 451 -11.49 42.41 31.61
C TRP C 451 -11.01 41.22 30.79
N SER C 452 -11.81 40.17 30.71
CA SER C 452 -11.45 39.03 29.87
C SER C 452 -11.54 39.37 28.39
N ARG C 453 -12.40 40.33 28.02
CA ARG C 453 -12.53 40.72 26.62
C ARG C 453 -11.25 41.34 26.08
N ILE C 454 -10.49 42.02 26.94
CA ILE C 454 -9.28 42.70 26.48
C ILE C 454 -8.03 41.83 26.59
N VAL C 455 -8.10 40.73 27.34
CA VAL C 455 -6.93 39.90 27.57
C VAL C 455 -6.75 38.83 26.49
N PHE C 456 -7.79 38.04 26.24
CA PHE C 456 -7.65 36.91 25.33
C PHE C 456 -7.29 37.33 23.90
N PRO C 457 -7.99 38.26 23.25
CA PRO C 457 -7.55 38.69 21.92
C PRO C 457 -6.15 39.30 21.92
N PHE C 458 -5.80 40.03 22.98
CA PHE C 458 -4.45 40.58 23.07
C PHE C 458 -3.42 39.48 23.26
N THR C 459 -3.70 38.52 24.16
CA THR C 459 -2.77 37.42 24.38
C THR C 459 -2.69 36.52 23.15
N PHE C 460 -3.82 36.25 22.51
CA PHE C 460 -3.81 35.41 21.31
C PHE C 460 -3.03 36.05 20.18
N SER C 461 -3.17 37.37 20.02
CA SER C 461 -2.37 38.08 19.02
C SER C 461 -0.89 38.00 19.34
N LEU C 462 -0.53 38.15 20.62
CA LEU C 462 0.87 38.00 21.02
C LEU C 462 1.35 36.57 20.79
N PHE C 463 0.50 35.58 21.08
CA PHE C 463 0.88 34.19 20.85
C PHE C 463 1.13 33.93 19.36
N ASN C 464 0.26 34.46 18.50
CA ASN C 464 0.46 34.30 17.06
C ASN C 464 1.73 35.00 16.60
N LEU C 465 1.98 36.21 17.10
CA LEU C 465 3.17 36.94 16.70
C LEU C 465 4.44 36.21 17.08
N VAL C 466 4.50 35.67 18.31
CA VAL C 466 5.66 34.92 18.74
C VAL C 466 5.80 33.63 17.93
N TYR C 467 4.68 32.95 17.67
CA TYR C 467 4.73 31.69 16.94
C TYR C 467 5.27 31.88 15.52
N TRP C 468 4.70 32.84 14.79
CA TRP C 468 5.09 33.00 13.39
C TRP C 468 6.52 33.51 13.26
N LEU C 469 6.93 34.44 14.13
CA LEU C 469 8.30 34.94 14.07
C LEU C 469 9.31 33.83 14.34
N TYR C 470 9.00 32.93 15.28
CA TYR C 470 9.92 31.86 15.62
C TYR C 470 10.11 30.89 14.45
N TYR C 471 9.03 30.56 13.75
CA TYR C 471 9.07 29.54 12.70
C TYR C 471 9.21 30.13 11.30
N VAL C 472 9.40 31.44 11.17
CA VAL C 472 9.65 32.04 9.87
C VAL C 472 10.96 32.82 9.89
N GLY D 32 -3.42 -22.66 -49.94
CA GLY D 32 -3.82 -23.80 -49.15
C GLY D 32 -2.68 -24.74 -48.84
N ASN D 33 -1.52 -24.48 -49.42
CA ASN D 33 -0.33 -25.29 -49.22
C ASN D 33 0.40 -24.78 -48.00
N MET D 34 0.14 -25.40 -46.84
CA MET D 34 0.75 -24.95 -45.60
C MET D 34 2.27 -25.10 -45.64
N SER D 35 2.76 -26.18 -46.25
CA SER D 35 4.20 -26.37 -46.39
C SER D 35 4.84 -25.25 -47.21
N PHE D 36 4.18 -24.86 -48.30
CA PHE D 36 4.70 -23.77 -49.12
C PHE D 36 4.72 -22.46 -48.34
N VAL D 37 3.67 -22.19 -47.57
CA VAL D 37 3.66 -21.00 -46.72
C VAL D 37 4.73 -21.09 -45.65
N LYS D 38 4.91 -22.28 -45.07
CA LYS D 38 5.95 -22.45 -44.06
C LYS D 38 7.34 -22.19 -44.64
N GLU D 39 7.59 -22.69 -45.86
CA GLU D 39 8.86 -22.43 -46.51
C GLU D 39 9.05 -20.94 -46.78
N THR D 40 7.98 -20.26 -47.21
CA THR D 40 8.07 -18.84 -47.49
C THR D 40 8.43 -18.04 -46.24
N VAL D 41 7.77 -18.36 -45.12
CA VAL D 41 8.01 -17.63 -43.89
C VAL D 41 9.40 -17.95 -43.35
N ASP D 42 9.81 -19.21 -43.41
CA ASP D 42 11.15 -19.58 -42.96
C ASP D 42 12.22 -18.89 -43.78
N LYS D 43 11.97 -18.72 -45.09
CA LYS D 43 12.90 -17.98 -45.93
C LYS D 43 13.00 -16.52 -45.50
N LEU D 44 11.87 -15.92 -45.12
CA LEU D 44 11.88 -14.52 -44.70
C LEU D 44 12.72 -14.34 -43.43
N LEU D 45 12.59 -15.25 -42.48
CA LEU D 45 13.28 -15.13 -41.20
C LEU D 45 14.69 -15.70 -41.23
N LYS D 46 15.12 -16.29 -42.33
CA LYS D 46 16.48 -16.80 -42.44
C LYS D 46 17.43 -15.66 -42.72
N GLY D 47 18.36 -15.43 -41.79
CA GLY D 47 19.26 -14.30 -41.89
C GLY D 47 18.69 -12.98 -41.42
N TYR D 48 17.45 -12.96 -40.95
CA TYR D 48 16.85 -11.74 -40.46
C TYR D 48 17.51 -11.30 -39.17
N ASP D 49 17.89 -10.03 -39.09
CA ASP D 49 18.55 -9.47 -37.92
C ASP D 49 17.59 -8.50 -37.24
N ILE D 50 17.09 -8.89 -36.07
CA ILE D 50 16.18 -8.03 -35.32
C ILE D 50 16.90 -6.80 -34.78
N ARG D 51 18.22 -6.86 -34.66
CA ARG D 51 18.97 -5.74 -34.10
C ARG D 51 19.03 -4.55 -35.07
N LEU D 52 18.76 -4.76 -36.34
CA LEU D 52 18.86 -3.71 -37.35
C LEU D 52 17.48 -3.30 -37.82
N ARG D 53 17.22 -2.00 -37.83
CA ARG D 53 15.96 -1.48 -38.34
C ARG D 53 15.91 -1.64 -39.86
N PRO D 54 14.71 -1.62 -40.43
CA PRO D 54 14.61 -1.63 -41.90
C PRO D 54 15.31 -0.43 -42.51
N ASP D 55 15.99 -0.67 -43.64
CA ASP D 55 16.77 0.36 -44.32
C ASP D 55 17.79 0.98 -43.37
N PHE D 56 18.49 0.12 -42.62
CA PHE D 56 19.50 0.60 -41.68
C PHE D 56 20.60 1.34 -42.42
N GLY D 57 20.96 2.51 -41.91
CA GLY D 57 21.94 3.36 -42.56
C GLY D 57 21.42 4.15 -43.73
N GLY D 58 20.13 4.08 -44.02
CA GLY D 58 19.56 4.79 -45.14
C GLY D 58 18.47 5.76 -44.71
N PRO D 59 17.45 5.91 -45.55
CA PRO D 59 16.36 6.82 -45.21
C PRO D 59 15.60 6.33 -43.99
N PRO D 60 15.03 7.24 -43.20
CA PRO D 60 14.25 6.82 -42.03
C PRO D 60 12.99 6.07 -42.46
N VAL D 61 12.59 5.11 -41.63
CA VAL D 61 11.40 4.31 -41.89
C VAL D 61 10.19 5.03 -41.31
N CYS D 62 9.17 5.23 -42.14
CA CYS D 62 7.96 5.91 -41.70
C CYS D 62 7.02 4.91 -41.03
N VAL D 63 6.58 5.24 -39.82
CA VAL D 63 5.70 4.39 -39.04
C VAL D 63 4.36 5.10 -38.88
N GLY D 64 3.31 4.51 -39.41
CA GLY D 64 1.97 5.05 -39.25
C GLY D 64 1.28 4.45 -38.03
N MET D 65 0.59 5.29 -37.29
CA MET D 65 -0.03 4.89 -36.04
C MET D 65 -1.50 5.27 -36.01
N ASN D 66 -2.33 4.35 -35.50
CA ASN D 66 -3.74 4.61 -35.29
C ASN D 66 -4.17 3.99 -33.97
N ILE D 67 -5.03 4.71 -33.24
CA ILE D 67 -5.45 4.31 -31.90
C ILE D 67 -6.95 4.13 -31.90
N ASP D 68 -7.41 2.99 -31.40
CA ASP D 68 -8.83 2.72 -31.19
C ASP D 68 -9.06 2.70 -29.68
N ILE D 69 -9.63 3.79 -29.15
CA ILE D 69 -9.80 3.92 -27.71
C ILE D 69 -10.89 2.97 -27.25
N ALA D 70 -10.59 2.18 -26.22
CA ALA D 70 -11.56 1.26 -25.64
C ALA D 70 -12.37 1.93 -24.54
N SER D 71 -11.70 2.56 -23.58
CA SER D 71 -12.36 3.25 -22.48
C SER D 71 -11.33 4.05 -21.71
N ILE D 72 -11.82 5.07 -21.01
CA ILE D 72 -11.04 5.82 -20.03
C ILE D 72 -11.62 5.48 -18.66
N ASP D 73 -10.98 4.56 -17.95
CA ASP D 73 -11.57 4.01 -16.74
C ASP D 73 -11.67 5.06 -15.63
N MET D 74 -10.58 5.75 -15.34
CA MET D 74 -10.54 6.64 -14.19
C MET D 74 -9.85 7.95 -14.56
N VAL D 75 -10.30 9.02 -13.91
CA VAL D 75 -9.63 10.32 -13.95
C VAL D 75 -9.46 10.75 -12.50
N SER D 76 -8.22 10.84 -12.04
CA SER D 76 -7.90 11.09 -10.64
C SER D 76 -7.30 12.48 -10.49
N GLU D 77 -7.95 13.32 -9.68
CA GLU D 77 -7.41 14.64 -9.38
C GLU D 77 -6.28 14.56 -8.36
N VAL D 78 -6.40 13.64 -7.39
CA VAL D 78 -5.38 13.54 -6.35
CA VAL D 78 -5.37 13.55 -6.36
C VAL D 78 -4.04 13.11 -6.95
N ASN D 79 -4.07 12.12 -7.84
CA ASN D 79 -2.86 11.64 -8.48
C ASN D 79 -2.54 12.36 -9.79
N MET D 80 -3.46 13.19 -10.27
CA MET D 80 -3.29 13.94 -11.52
C MET D 80 -2.90 13.02 -12.67
N ASP D 81 -3.73 11.99 -12.89
CA ASP D 81 -3.49 11.03 -13.95
C ASP D 81 -4.82 10.40 -14.36
N TYR D 82 -4.81 9.75 -15.51
CA TYR D 82 -5.98 9.06 -16.01
C TYR D 82 -5.56 7.70 -16.55
N THR D 83 -6.50 6.75 -16.53
CA THR D 83 -6.26 5.40 -17.02
C THR D 83 -6.92 5.23 -18.37
N LEU D 84 -6.13 4.78 -19.36
CA LEU D 84 -6.59 4.67 -20.74
C LEU D 84 -6.34 3.26 -21.24
N THR D 85 -7.37 2.67 -21.85
CA THR D 85 -7.28 1.38 -22.51
C THR D 85 -7.54 1.59 -23.99
N MET D 86 -6.66 1.05 -24.84
CA MET D 86 -6.74 1.35 -26.27
C MET D 86 -6.11 0.22 -27.06
N TYR D 87 -6.41 0.20 -28.36
CA TYR D 87 -5.79 -0.70 -29.32
C TYR D 87 -4.75 0.11 -30.10
N PHE D 88 -3.49 -0.11 -29.78
CA PHE D 88 -2.40 0.64 -30.40
C PHE D 88 -1.87 -0.14 -31.60
N GLN D 89 -1.95 0.46 -32.78
CA GLN D 89 -1.56 -0.20 -34.02
C GLN D 89 -0.47 0.60 -34.71
N GLN D 90 0.53 -0.09 -35.24
CA GLN D 90 1.64 0.52 -35.93
C GLN D 90 1.76 -0.05 -37.34
N TYR D 91 2.10 0.80 -38.30
CA TYR D 91 2.08 0.48 -39.71
C TYR D 91 3.41 0.90 -40.33
N TRP D 92 4.20 -0.07 -40.80
CA TRP D 92 5.47 0.24 -41.44
C TRP D 92 5.78 -0.84 -42.46
N ARG D 93 6.68 -0.51 -43.39
CA ARG D 93 7.07 -1.40 -44.46
C ARG D 93 8.50 -1.88 -44.23
N ASP D 94 8.69 -3.19 -44.27
CA ASP D 94 10.01 -3.82 -44.15
C ASP D 94 10.20 -4.71 -45.37
N LYS D 95 11.06 -4.27 -46.30
CA LYS D 95 11.27 -5.03 -47.53
C LYS D 95 11.90 -6.39 -47.30
N ARG D 96 12.54 -6.59 -46.14
CA ARG D 96 13.08 -7.91 -45.82
C ARG D 96 11.99 -8.95 -45.64
N LEU D 97 10.77 -8.53 -45.33
CA LEU D 97 9.65 -9.43 -45.13
C LEU D 97 8.74 -9.54 -46.35
N ALA D 98 9.14 -8.94 -47.47
CA ALA D 98 8.33 -9.03 -48.67
C ALA D 98 8.33 -10.44 -49.22
N TYR D 99 7.16 -10.92 -49.63
CA TYR D 99 7.00 -12.26 -50.18
C TYR D 99 6.16 -12.19 -51.45
N SER D 100 6.38 -13.18 -52.32
CA SER D 100 5.69 -13.24 -53.60
C SER D 100 5.10 -14.63 -53.80
N GLY D 101 4.08 -14.70 -54.65
CA GLY D 101 3.41 -15.95 -54.95
C GLY D 101 2.23 -16.26 -54.05
N ILE D 102 2.01 -15.48 -53.00
CA ILE D 102 0.89 -15.68 -52.08
C ILE D 102 0.05 -14.41 -52.10
N PRO D 103 -1.08 -14.42 -52.82
CA PRO D 103 -1.97 -13.25 -52.89
C PRO D 103 -2.86 -13.10 -51.66
N LEU D 104 -2.26 -13.19 -50.48
CA LEU D 104 -2.99 -13.12 -49.23
C LEU D 104 -2.18 -12.33 -48.21
N ASN D 105 -2.88 -11.80 -47.21
CA ASN D 105 -2.25 -11.14 -46.07
C ASN D 105 -2.05 -12.18 -44.96
N LEU D 106 -0.79 -12.46 -44.64
CA LEU D 106 -0.47 -13.52 -43.69
C LEU D 106 -0.70 -13.01 -42.27
N THR D 107 -1.75 -13.52 -41.63
CA THR D 107 -2.02 -13.24 -40.22
C THR D 107 -1.35 -14.33 -39.40
N LEU D 108 -0.18 -14.00 -38.84
CA LEU D 108 0.62 -14.99 -38.12
C LEU D 108 0.32 -14.95 -36.63
N ASP D 109 0.84 -15.95 -35.92
CA ASP D 109 0.71 -15.98 -34.47
C ASP D 109 1.47 -14.81 -33.85
N ASN D 110 0.94 -14.31 -32.73
CA ASN D 110 1.55 -13.16 -32.07
C ASN D 110 2.97 -13.45 -31.58
N ARG D 111 3.31 -14.72 -31.38
CA ARG D 111 4.64 -15.07 -30.92
C ARG D 111 5.71 -14.85 -31.98
N VAL D 112 5.33 -14.62 -33.23
CA VAL D 112 6.32 -14.31 -34.27
C VAL D 112 6.89 -12.90 -34.14
N ALA D 113 6.24 -12.05 -33.34
CA ALA D 113 6.73 -10.69 -33.15
C ALA D 113 8.07 -10.64 -32.45
N ASP D 114 8.44 -11.71 -31.73
CA ASP D 114 9.74 -11.75 -31.08
C ASP D 114 10.88 -11.94 -32.05
N GLN D 115 10.59 -12.43 -33.26
CA GLN D 115 11.60 -12.62 -34.29
C GLN D 115 11.59 -11.51 -35.33
N LEU D 116 10.84 -10.44 -35.10
CA LEU D 116 10.73 -9.35 -36.04
C LEU D 116 11.13 -8.04 -35.38
N TRP D 117 11.62 -7.10 -36.19
CA TRP D 117 11.92 -5.77 -35.70
C TRP D 117 10.63 -4.99 -35.51
N VAL D 118 10.50 -4.33 -34.37
CA VAL D 118 9.34 -3.49 -34.09
C VAL D 118 9.83 -2.13 -33.61
N PRO D 119 9.09 -1.06 -33.86
CA PRO D 119 9.52 0.25 -33.38
C PRO D 119 9.57 0.30 -31.85
N ASP D 120 10.52 1.07 -31.33
CA ASP D 120 10.67 1.23 -29.89
C ASP D 120 9.74 2.33 -29.38
N THR D 121 8.45 2.20 -29.68
CA THR D 121 7.49 3.22 -29.30
C THR D 121 7.20 3.14 -27.81
N TYR D 122 7.28 4.29 -27.14
CA TYR D 122 6.96 4.38 -25.72
C TYR D 122 6.14 5.65 -25.49
N PHE D 123 5.41 5.67 -24.39
CA PHE D 123 4.57 6.81 -24.03
C PHE D 123 5.34 7.66 -23.00
N LEU D 124 5.55 8.93 -23.34
CA LEU D 124 6.44 9.75 -22.53
C LEU D 124 5.83 10.10 -21.18
N ASN D 125 4.51 10.33 -21.15
CA ASN D 125 3.85 10.82 -19.94
C ASN D 125 3.14 9.72 -19.15
N ASP D 126 3.36 8.46 -19.50
CA ASP D 126 2.72 7.38 -18.79
C ASP D 126 3.40 7.14 -17.44
N LYS D 127 2.62 6.66 -16.47
CA LYS D 127 3.13 6.32 -15.16
C LYS D 127 3.22 4.82 -14.92
N LYS D 128 2.33 4.04 -15.50
CA LYS D 128 2.35 2.59 -15.38
C LYS D 128 1.48 2.02 -16.48
N SER D 129 2.03 1.11 -17.28
CA SER D 129 1.30 0.52 -18.40
CA SER D 129 1.33 0.53 -18.41
C SER D 129 1.69 -0.94 -18.54
N PHE D 130 0.81 -1.69 -19.20
CA PHE D 130 1.03 -3.11 -19.41
C PHE D 130 0.23 -3.55 -20.64
N VAL D 131 0.58 -4.71 -21.15
CA VAL D 131 -0.10 -5.32 -22.29
C VAL D 131 -0.85 -6.55 -21.78
N HIS D 132 -2.14 -6.63 -22.09
CA HIS D 132 -2.96 -7.73 -21.62
C HIS D 132 -2.46 -9.05 -22.21
N GLY D 133 -2.48 -10.10 -21.40
CA GLY D 133 -1.94 -11.38 -21.80
C GLY D 133 -2.84 -12.57 -21.55
N VAL D 134 -4.15 -12.38 -21.66
CA VAL D 134 -5.13 -13.45 -21.48
C VAL D 134 -6.06 -13.45 -22.68
N THR D 135 -6.23 -14.62 -23.29
CA THR D 135 -5.58 -15.87 -22.89
C THR D 135 -4.16 -15.96 -23.42
N VAL D 136 -3.86 -15.12 -24.40
CA VAL D 136 -2.52 -14.92 -24.91
C VAL D 136 -2.24 -13.42 -24.90
N LYS D 137 -1.01 -13.06 -25.21
CA LYS D 137 -0.67 -11.64 -25.28
CA LYS D 137 -0.67 -11.64 -25.29
C LYS D 137 -1.52 -10.95 -26.34
N ASN D 138 -2.13 -9.83 -25.97
CA ASN D 138 -3.01 -9.09 -26.86
C ASN D 138 -2.14 -8.38 -27.90
N ARG D 139 -1.73 -9.15 -28.90
CA ARG D 139 -0.78 -8.70 -29.90
C ARG D 139 -1.16 -9.30 -31.25
N MET D 140 -0.99 -8.52 -32.31
CA MET D 140 -1.37 -8.94 -33.66
C MET D 140 -0.24 -8.63 -34.62
N ILE D 141 0.09 -9.60 -35.46
CA ILE D 141 1.06 -9.44 -36.54
C ILE D 141 0.37 -9.84 -37.84
N ARG D 142 0.38 -8.94 -38.81
CA ARG D 142 -0.25 -9.20 -40.10
C ARG D 142 0.68 -8.68 -41.20
N LEU D 143 1.26 -9.60 -41.95
CA LEU D 143 2.17 -9.24 -43.03
C LEU D 143 1.42 -8.97 -44.32
N HIS D 144 2.09 -8.32 -45.25
CA HIS D 144 1.53 -7.98 -46.55
C HIS D 144 2.54 -8.33 -47.63
N PRO D 145 2.06 -8.59 -48.86
CA PRO D 145 2.99 -9.01 -49.93
C PRO D 145 4.09 -8.01 -50.21
N ASP D 146 3.83 -6.71 -50.07
CA ASP D 146 4.83 -5.69 -50.35
C ASP D 146 5.79 -5.46 -49.20
N GLY D 147 5.64 -6.17 -48.09
CA GLY D 147 6.49 -5.99 -46.93
C GLY D 147 5.88 -5.16 -45.83
N THR D 148 4.67 -4.65 -46.02
CA THR D 148 4.01 -3.88 -44.97
C THR D 148 3.68 -4.76 -43.78
N VAL D 149 3.94 -4.24 -42.58
CA VAL D 149 3.72 -4.97 -41.33
C VAL D 149 2.72 -4.21 -40.50
N LEU D 150 1.69 -4.91 -40.03
CA LEU D 150 0.69 -4.35 -39.12
C LEU D 150 0.91 -4.94 -37.74
N TYR D 151 1.16 -4.08 -36.75
CA TYR D 151 1.49 -4.50 -35.39
C TYR D 151 0.51 -3.84 -34.43
N GLY D 152 -0.36 -4.64 -33.83
CA GLY D 152 -1.40 -4.13 -32.94
C GLY D 152 -1.18 -4.61 -31.52
N LEU D 153 -1.49 -3.74 -30.56
CA LEU D 153 -1.36 -4.06 -29.14
C LEU D 153 -2.53 -3.45 -28.38
N ARG D 154 -3.07 -4.21 -27.43
CA ARG D 154 -4.08 -3.71 -26.51
C ARG D 154 -3.37 -3.33 -25.21
N ILE D 155 -3.31 -2.02 -24.93
CA ILE D 155 -2.50 -1.49 -23.85
C ILE D 155 -3.40 -0.72 -22.89
N THR D 156 -3.27 -1.00 -21.60
CA THR D 156 -3.88 -0.22 -20.55
C THR D 156 -2.79 0.62 -19.90
N THR D 157 -2.93 1.94 -19.98
CA THR D 157 -1.89 2.86 -19.55
C THR D 157 -2.45 3.88 -18.57
N THR D 158 -1.63 4.27 -17.60
CA THR D 158 -1.94 5.34 -16.66
C THR D 158 -1.01 6.50 -16.98
N ALA D 159 -1.56 7.54 -17.59
CA ALA D 159 -0.78 8.68 -18.05
C ALA D 159 -1.02 9.88 -17.15
N ALA D 160 0.05 10.54 -16.74
CA ALA D 160 -0.06 11.72 -15.89
C ALA D 160 -0.69 12.87 -16.65
N CYS D 161 -1.49 13.68 -15.94
CA CYS D 161 -2.16 14.83 -16.54
C CYS D 161 -2.26 15.91 -15.49
N MET D 162 -1.40 16.93 -15.59
CA MET D 162 -1.47 18.05 -14.68
C MET D 162 -2.77 18.80 -14.87
N MET D 163 -3.43 19.15 -13.76
CA MET D 163 -4.74 19.76 -13.78
C MET D 163 -4.71 21.11 -13.08
N ASP D 164 -5.40 22.08 -13.67
CA ASP D 164 -5.57 23.41 -13.08
C ASP D 164 -6.90 23.41 -12.33
N LEU D 165 -6.84 23.38 -11.00
CA LEU D 165 -8.02 23.28 -10.17
C LEU D 165 -8.47 24.63 -9.61
N ARG D 166 -8.03 25.73 -10.22
CA ARG D 166 -8.44 27.05 -9.76
C ARG D 166 -9.94 27.25 -9.94
N ARG D 167 -10.50 26.77 -11.05
CA ARG D 167 -11.92 26.88 -11.32
C ARG D 167 -12.69 25.63 -10.93
N TYR D 168 -12.06 24.72 -10.19
CA TYR D 168 -12.73 23.50 -9.75
C TYR D 168 -13.93 23.86 -8.87
N PRO D 169 -15.07 23.16 -9.01
CA PRO D 169 -15.30 22.03 -9.92
C PRO D 169 -15.86 22.44 -11.29
N LEU D 170 -15.79 23.73 -11.62
CA LEU D 170 -16.25 24.22 -12.91
C LEU D 170 -15.09 24.38 -13.89
N ASP D 171 -14.09 23.51 -13.79
CA ASP D 171 -12.87 23.62 -14.57
C ASP D 171 -12.97 22.81 -15.84
N GLU D 172 -12.04 23.08 -16.77
CA GLU D 172 -11.90 22.35 -18.01
C GLU D 172 -10.45 21.89 -18.12
N GLN D 173 -10.24 20.60 -18.38
CA GLN D 173 -8.92 20.00 -18.34
C GLN D 173 -8.52 19.52 -19.73
N ASN D 174 -7.22 19.59 -20.00
CA ASN D 174 -6.63 19.16 -21.27
C ASN D 174 -5.58 18.09 -20.94
N CYS D 175 -5.95 16.82 -21.12
CA CYS D 175 -5.06 15.70 -20.86
C CYS D 175 -4.52 15.16 -22.18
N THR D 176 -3.22 14.93 -22.23
CA THR D 176 -2.54 14.52 -23.45
C THR D 176 -1.94 13.13 -23.28
N LEU D 177 -1.65 12.50 -24.42
CA LEU D 177 -0.95 11.23 -24.46
C LEU D 177 0.20 11.37 -25.45
N GLU D 178 1.43 11.41 -24.95
CA GLU D 178 2.60 11.66 -25.77
C GLU D 178 3.17 10.32 -26.27
N ILE D 179 3.39 10.26 -27.58
CA ILE D 179 3.94 9.07 -28.23
C ILE D 179 5.27 9.45 -28.86
N GLU D 180 6.32 8.70 -28.55
CA GLU D 180 7.66 9.04 -28.99
C GLU D 180 8.49 7.78 -29.12
N SER D 181 9.49 7.83 -29.99
CA SER D 181 10.47 6.77 -30.10
C SER D 181 11.56 6.96 -29.05
N TYR D 182 12.02 5.87 -28.45
CA TYR D 182 12.97 5.98 -27.36
C TYR D 182 14.42 6.06 -27.85
N GLY D 183 14.80 5.18 -28.77
CA GLY D 183 16.19 5.11 -29.19
C GLY D 183 16.48 5.72 -30.54
N TYR D 184 15.56 5.54 -31.50
CA TYR D 184 15.79 6.01 -32.86
C TYR D 184 15.40 7.48 -32.98
N THR D 185 16.31 8.27 -33.53
CA THR D 185 16.06 9.69 -33.76
C THR D 185 15.28 9.89 -35.06
N THR D 186 15.05 11.15 -35.42
CA THR D 186 14.34 11.46 -36.65
C THR D 186 15.12 11.02 -37.89
N ASP D 187 16.44 10.83 -37.77
CA ASP D 187 17.23 10.35 -38.90
C ASP D 187 16.98 8.87 -39.18
N ASP D 188 16.40 8.14 -38.24
CA ASP D 188 16.16 6.71 -38.38
C ASP D 188 14.71 6.31 -38.43
N ILE D 189 13.80 7.12 -37.89
CA ILE D 189 12.38 6.76 -37.83
C ILE D 189 11.56 8.03 -37.88
N GLU D 190 10.36 7.93 -38.45
CA GLU D 190 9.42 9.04 -38.54
C GLU D 190 8.03 8.55 -38.19
N PHE D 191 7.27 9.38 -37.47
CA PHE D 191 5.93 9.06 -37.06
C PHE D 191 4.92 9.94 -37.78
N TYR D 192 3.76 9.36 -38.07
CA TYR D 192 2.66 10.11 -38.66
C TYR D 192 1.36 9.43 -38.31
N TRP D 193 0.30 10.22 -38.18
CA TRP D 193 -1.04 9.68 -37.91
C TRP D 193 -1.59 9.10 -39.19
N ARG D 194 -1.77 7.78 -39.22
CA ARG D 194 -2.28 7.12 -40.41
C ARG D 194 -3.77 7.39 -40.55
N GLY D 195 -4.15 8.07 -41.63
CA GLY D 195 -5.53 8.48 -41.83
C GLY D 195 -5.82 9.92 -41.47
N GLY D 196 -4.81 10.71 -41.14
CA GLY D 196 -5.05 12.11 -40.82
C GLY D 196 -5.78 12.25 -39.50
N ASP D 197 -6.81 13.10 -39.49
CA ASP D 197 -7.59 13.35 -38.28
C ASP D 197 -8.46 12.17 -37.89
N LYS D 198 -8.58 11.16 -38.75
CA LYS D 198 -9.36 9.96 -38.44
C LYS D 198 -8.50 8.84 -37.87
N ALA D 199 -7.24 9.12 -37.54
CA ALA D 199 -6.35 8.08 -37.03
C ALA D 199 -6.83 7.55 -35.69
N VAL D 200 -7.44 8.39 -34.86
CA VAL D 200 -7.91 8.00 -33.53
C VAL D 200 -9.42 7.86 -33.58
N THR D 201 -9.91 6.68 -33.25
CA THR D 201 -11.34 6.37 -33.22
C THR D 201 -11.72 5.92 -31.81
N GLY D 202 -13.03 5.74 -31.62
CA GLY D 202 -13.53 5.29 -30.34
C GLY D 202 -13.65 6.36 -29.28
N VAL D 203 -13.54 7.63 -29.65
CA VAL D 203 -13.69 8.71 -28.68
C VAL D 203 -15.09 8.72 -28.10
N GLU D 204 -16.08 8.40 -28.92
CA GLU D 204 -17.46 8.33 -28.46
C GLU D 204 -17.68 7.22 -27.44
N ARG D 205 -16.81 6.21 -27.41
CA ARG D 205 -16.94 5.13 -26.42
C ARG D 205 -16.60 5.60 -25.01
N ILE D 206 -15.92 6.73 -24.87
CA ILE D 206 -15.53 7.22 -23.56
C ILE D 206 -16.77 7.63 -22.79
N GLU D 207 -16.99 6.98 -21.65
CA GLU D 207 -18.16 7.26 -20.79
C GLU D 207 -17.64 7.58 -19.40
N LEU D 208 -17.30 8.84 -19.17
CA LEU D 208 -16.85 9.30 -17.86
C LEU D 208 -18.03 9.87 -17.10
N PRO D 209 -18.37 9.35 -15.92
CA PRO D 209 -19.49 9.92 -15.17
C PRO D 209 -19.29 11.36 -14.78
N GLN D 210 -18.03 11.79 -14.58
CA GLN D 210 -17.74 13.13 -14.10
C GLN D 210 -17.29 14.09 -15.20
N PHE D 211 -16.94 13.59 -16.38
CA PHE D 211 -16.40 14.42 -17.45
C PHE D 211 -17.10 14.13 -18.76
N SER D 212 -16.97 15.07 -19.69
CA SER D 212 -17.46 14.92 -21.05
C SER D 212 -16.36 15.32 -22.01
N ILE D 213 -16.22 14.58 -23.11
CA ILE D 213 -15.15 14.80 -24.07
C ILE D 213 -15.59 15.92 -25.02
N VAL D 214 -15.11 17.14 -24.78
CA VAL D 214 -15.47 18.26 -25.63
C VAL D 214 -14.82 18.13 -27.00
N GLU D 215 -13.54 17.80 -27.04
CA GLU D 215 -12.80 17.78 -28.29
C GLU D 215 -11.53 16.94 -28.11
N HIS D 216 -11.04 16.39 -29.22
CA HIS D 216 -9.76 15.71 -29.25
C HIS D 216 -8.96 16.20 -30.45
N ARG D 217 -7.64 16.26 -30.30
CA ARG D 217 -6.76 16.78 -31.33
C ARG D 217 -5.58 15.83 -31.54
N LEU D 218 -5.03 15.87 -32.76
CA LEU D 218 -3.86 15.09 -33.12
C LEU D 218 -2.74 16.04 -33.52
N VAL D 219 -1.58 15.88 -32.89
CA VAL D 219 -0.44 16.77 -33.11
C VAL D 219 0.77 15.92 -33.46
N SER D 220 1.49 16.32 -34.51
CA SER D 220 2.74 15.69 -34.91
C SER D 220 3.84 16.75 -34.93
N ARG D 221 4.96 16.46 -34.29
CA ARG D 221 6.06 17.41 -34.20
C ARG D 221 7.33 16.66 -33.85
N ASN D 222 8.44 17.40 -33.83
CA ASN D 222 9.75 16.86 -33.49
C ASN D 222 10.24 17.50 -32.21
N VAL D 223 10.75 16.68 -31.29
CA VAL D 223 11.24 17.13 -30.00
C VAL D 223 12.74 16.87 -29.94
N VAL D 224 13.50 17.88 -29.54
CA VAL D 224 14.95 17.82 -29.53
C VAL D 224 15.42 17.67 -28.09
N PHE D 225 16.21 16.64 -27.83
CA PHE D 225 16.88 16.42 -26.56
C PHE D 225 18.39 16.51 -26.75
N ALA D 226 19.12 16.24 -25.68
CA ALA D 226 20.58 16.21 -25.77
C ALA D 226 21.05 15.10 -26.70
N THR D 227 20.41 13.93 -26.63
CA THR D 227 20.83 12.81 -27.46
C THR D 227 20.46 13.00 -28.92
N GLY D 228 19.50 13.87 -29.22
CA GLY D 228 19.11 14.13 -30.59
C GLY D 228 17.66 14.54 -30.67
N ALA D 229 17.17 14.63 -31.90
CA ALA D 229 15.79 15.01 -32.18
C ALA D 229 14.95 13.76 -32.40
N TYR D 230 13.80 13.69 -31.74
CA TYR D 230 12.97 12.50 -31.81
C TYR D 230 11.57 12.85 -32.31
N PRO D 231 10.95 11.99 -33.09
CA PRO D 231 9.57 12.23 -33.54
C PRO D 231 8.61 12.15 -32.37
N ARG D 232 7.51 12.91 -32.49
CA ARG D 232 6.52 12.98 -31.42
C ARG D 232 5.12 12.97 -32.01
N LEU D 233 4.27 12.12 -31.46
CA LEU D 233 2.84 12.13 -31.73
C LEU D 233 2.10 12.38 -30.43
N SER D 234 1.15 13.32 -30.45
N SER D 234 1.15 13.32 -30.45
CA SER D 234 0.42 13.71 -29.26
CA SER D 234 0.42 13.71 -29.26
C SER D 234 -1.07 13.55 -29.51
C SER D 234 -1.08 13.56 -29.50
N LEU D 235 -1.76 12.94 -28.55
CA LEU D 235 -3.21 12.81 -28.56
C LEU D 235 -3.75 13.48 -27.31
N SER D 236 -4.60 14.48 -27.48
CA SER D 236 -5.07 15.29 -26.38
C SER D 236 -6.59 15.33 -26.35
N PHE D 237 -7.15 15.35 -25.15
CA PHE D 237 -8.58 15.46 -24.94
C PHE D 237 -8.87 16.67 -24.07
N ARG D 238 -9.95 17.38 -24.36
CA ARG D 238 -10.43 18.47 -23.52
C ARG D 238 -11.64 17.97 -22.76
N LEU D 239 -11.51 17.90 -21.43
CA LEU D 239 -12.54 17.36 -20.56
C LEU D 239 -13.27 18.49 -19.85
N LYS D 240 -14.59 18.44 -19.85
CA LYS D 240 -15.42 19.39 -19.14
C LYS D 240 -16.10 18.67 -17.98
N ARG D 241 -15.88 19.15 -16.77
CA ARG D 241 -16.42 18.49 -15.59
C ARG D 241 -17.92 18.74 -15.49
N ASN D 242 -18.64 17.73 -15.00
CA ASN D 242 -20.08 17.82 -14.81
C ASN D 242 -20.39 18.37 -13.43
N ILE D 243 -21.20 19.43 -13.39
CA ILE D 243 -21.51 20.10 -12.13
C ILE D 243 -22.63 19.44 -11.36
N GLY D 244 -23.29 18.44 -11.94
CA GLY D 244 -24.45 17.85 -11.30
C GLY D 244 -24.13 17.21 -9.96
N TYR D 245 -23.02 16.47 -9.89
CA TYR D 245 -22.66 15.81 -8.64
C TYR D 245 -22.34 16.82 -7.54
N PHE D 246 -21.62 17.89 -7.88
CA PHE D 246 -21.17 18.83 -6.85
C PHE D 246 -22.30 19.69 -6.33
N ILE D 247 -23.33 19.92 -7.13
CA ILE D 247 -24.50 20.66 -6.66
C ILE D 247 -25.17 19.89 -5.52
N LEU D 248 -25.36 18.59 -5.70
CA LEU D 248 -26.02 17.79 -4.68
C LEU D 248 -25.10 17.54 -3.49
N GLN D 249 -23.82 17.32 -3.74
CA GLN D 249 -22.91 16.89 -2.67
C GLN D 249 -22.45 18.05 -1.79
N THR D 250 -22.09 19.18 -2.39
CA THR D 250 -21.46 20.27 -1.65
C THR D 250 -22.28 21.56 -1.68
N TYR D 251 -22.72 21.99 -2.85
CA TYR D 251 -23.35 23.30 -2.96
C TYR D 251 -24.70 23.35 -2.22
N MET D 252 -25.56 22.36 -2.47
CA MET D 252 -26.86 22.35 -1.80
C MET D 252 -26.76 22.23 -0.29
N PRO D 253 -25.97 21.31 0.29
CA PRO D 253 -25.87 21.27 1.76
C PRO D 253 -25.37 22.57 2.36
N SER D 254 -24.44 23.25 1.68
CA SER D 254 -23.93 24.53 2.20
C SER D 254 -25.02 25.59 2.22
N ILE D 255 -25.85 25.65 1.18
CA ILE D 255 -26.93 26.62 1.13
C ILE D 255 -27.94 26.35 2.24
N LEU D 256 -28.29 25.08 2.45
CA LEU D 256 -29.29 24.74 3.45
C LEU D 256 -28.83 25.12 4.85
N ILE D 257 -27.54 24.92 5.15
CA ILE D 257 -27.01 25.34 6.44
C ILE D 257 -27.07 26.85 6.59
N THR D 258 -26.76 27.58 5.52
CA THR D 258 -26.85 29.04 5.57
C THR D 258 -28.28 29.49 5.81
N ILE D 259 -29.24 28.85 5.14
CA ILE D 259 -30.65 29.16 5.40
C ILE D 259 -31.02 28.79 6.83
N LEU D 260 -30.44 27.71 7.34
CA LEU D 260 -30.72 27.28 8.71
C LEU D 260 -30.31 28.34 9.71
N SER D 261 -29.20 29.04 9.45
CA SER D 261 -28.75 30.09 10.36
C SER D 261 -29.74 31.26 10.38
N TRP D 262 -30.49 31.46 9.30
CA TRP D 262 -31.45 32.56 9.25
C TRP D 262 -32.65 32.33 10.17
N VAL D 263 -32.87 31.09 10.61
CA VAL D 263 -34.00 30.79 11.49
C VAL D 263 -33.85 31.51 12.82
N SER D 264 -32.61 31.78 13.24
CA SER D 264 -32.38 32.42 14.54
C SER D 264 -32.99 33.82 14.59
N PHE D 265 -33.12 34.48 13.45
CA PHE D 265 -33.66 35.83 13.43
C PHE D 265 -35.12 35.87 13.86
N TRP D 266 -35.89 34.85 13.49
CA TRP D 266 -37.30 34.79 13.88
CA TRP D 266 -37.30 34.77 13.87
C TRP D 266 -37.49 34.31 15.31
N ILE D 267 -36.46 33.78 15.94
CA ILE D 267 -36.57 33.32 17.32
C ILE D 267 -36.39 34.51 18.26
N ASN D 268 -37.15 34.54 19.34
CA ASN D 268 -37.08 35.64 20.28
C ASN D 268 -35.70 35.69 20.94
N TYR D 269 -35.29 36.91 21.29
CA TYR D 269 -33.94 37.12 21.83
C TYR D 269 -33.79 36.52 23.21
N ASP D 270 -34.87 36.38 23.97
CA ASP D 270 -34.76 35.81 25.31
C ASP D 270 -34.37 34.34 25.28
N ALA D 271 -34.59 33.65 24.17
CA ALA D 271 -34.18 32.25 24.02
C ALA D 271 -32.69 32.19 23.71
N SER D 272 -31.89 32.52 24.74
CA SER D 272 -30.45 32.57 24.57
C SER D 272 -29.88 31.20 24.22
N ALA D 273 -30.35 30.15 24.89
CA ALA D 273 -29.85 28.81 24.60
C ALA D 273 -30.19 28.38 23.17
N ALA D 274 -31.41 28.69 22.72
CA ALA D 274 -31.85 28.27 21.39
C ALA D 274 -31.05 28.95 20.29
N ARG D 275 -30.95 30.28 20.35
CA ARG D 275 -30.30 31.03 19.28
C ARG D 275 -28.80 30.77 19.25
N VAL D 276 -28.17 30.67 20.42
CA VAL D 276 -26.74 30.37 20.48
C VAL D 276 -26.47 28.97 19.92
N ALA D 277 -27.31 28.00 20.30
CA ALA D 277 -27.14 26.65 19.76
C ALA D 277 -27.30 26.63 18.25
N LEU D 278 -28.23 27.42 17.72
CA LEU D 278 -28.40 27.49 16.27
C LEU D 278 -27.15 28.06 15.60
N GLY D 279 -26.56 29.10 16.18
CA GLY D 279 -25.34 29.66 15.61
C GLY D 279 -24.17 28.70 15.68
N ILE D 280 -24.03 27.99 16.80
CA ILE D 280 -22.89 27.08 16.96
C ILE D 280 -22.97 25.94 15.95
N THR D 281 -24.13 25.29 15.87
CA THR D 281 -24.25 24.08 15.06
C THR D 281 -24.07 24.39 13.58
N THR D 282 -24.61 25.51 13.12
CA THR D 282 -24.42 25.89 11.72
C THR D 282 -22.95 26.15 11.41
N VAL D 283 -22.24 26.80 12.32
CA VAL D 283 -20.81 27.05 12.12
C VAL D 283 -20.03 25.74 12.11
N LEU D 284 -20.32 24.86 13.07
CA LEU D 284 -19.62 23.58 13.15
C LEU D 284 -19.88 22.73 11.91
N THR D 285 -21.14 22.68 11.46
CA THR D 285 -21.48 21.91 10.27
C THR D 285 -20.78 22.47 9.04
N MET D 286 -20.68 23.80 8.94
CA MET D 286 -19.99 24.41 7.81
C MET D 286 -18.52 24.02 7.79
N THR D 287 -17.89 23.98 8.97
CA THR D 287 -16.47 23.58 9.03
C THR D 287 -16.28 22.14 8.61
N THR D 288 -17.18 21.25 9.02
CA THR D 288 -17.05 19.84 8.66
C THR D 288 -17.15 19.64 7.16
N ILE D 289 -18.06 20.35 6.50
CA ILE D 289 -18.18 20.25 5.04
C ILE D 289 -16.91 20.76 4.37
N ASN D 290 -16.37 21.88 4.85
CA ASN D 290 -15.16 22.43 4.25
C ASN D 290 -13.98 21.50 4.41
N THR D 291 -13.83 20.90 5.59
CA THR D 291 -12.72 19.97 5.82
C THR D 291 -12.84 18.73 4.95
N HIS D 292 -14.04 18.19 4.82
CA HIS D 292 -14.23 16.96 4.04
C HIS D 292 -13.88 17.16 2.57
N LEU D 293 -14.29 18.31 2.00
CA LEU D 293 -14.05 18.55 0.58
C LEU D 293 -12.56 18.62 0.27
N ARG D 294 -11.80 19.34 1.10
CA ARG D 294 -10.38 19.53 0.84
C ARG D 294 -9.58 18.24 0.97
N GLU D 295 -10.12 17.24 1.69
CA GLU D 295 -9.45 15.96 1.83
C GLU D 295 -9.57 15.08 0.59
N THR D 296 -10.49 15.40 -0.31
CA THR D 296 -10.71 14.63 -1.53
C THR D 296 -9.91 15.16 -2.71
N LEU D 297 -9.06 16.16 -2.50
CA LEU D 297 -8.33 16.84 -3.55
C LEU D 297 -6.87 16.98 -3.14
N PRO D 298 -5.96 17.12 -4.11
CA PRO D 298 -4.55 17.28 -3.78
C PRO D 298 -4.30 18.57 -3.01
N LYS D 299 -3.25 18.56 -2.18
CA LYS D 299 -2.93 19.68 -1.29
C LYS D 299 -2.30 20.80 -2.11
N ILE D 300 -3.11 21.40 -2.98
CA ILE D 300 -2.67 22.53 -3.80
C ILE D 300 -2.63 23.78 -2.93
N PRO D 301 -1.73 24.74 -3.20
CA PRO D 301 -1.64 25.92 -2.35
C PRO D 301 -2.63 27.03 -2.72
N TYR D 302 -3.20 26.99 -3.93
CA TYR D 302 -4.10 28.04 -4.36
C TYR D 302 -5.54 27.72 -3.97
N VAL D 303 -6.40 28.73 -4.06
CA VAL D 303 -7.79 28.62 -3.63
C VAL D 303 -8.64 28.23 -4.83
N LYS D 304 -9.45 27.18 -4.67
CA LYS D 304 -10.35 26.75 -5.71
C LYS D 304 -11.63 27.57 -5.69
N ALA D 305 -12.44 27.42 -6.74
CA ALA D 305 -13.73 28.10 -6.79
C ALA D 305 -14.66 27.59 -5.69
N ILE D 306 -14.66 26.28 -5.45
CA ILE D 306 -15.51 25.72 -4.41
C ILE D 306 -15.08 26.20 -3.03
N ASP D 307 -13.77 26.36 -2.82
CA ASP D 307 -13.30 26.87 -1.54
C ASP D 307 -13.79 28.29 -1.28
N MET D 308 -13.84 29.11 -2.33
CA MET D 308 -14.36 30.47 -2.18
C MET D 308 -15.82 30.46 -1.74
N TYR D 309 -16.63 29.56 -2.32
CA TYR D 309 -18.02 29.47 -1.94
C TYR D 309 -18.17 29.03 -0.48
N LEU D 310 -17.37 28.05 -0.06
CA LEU D 310 -17.45 27.58 1.32
C LEU D 310 -17.00 28.67 2.30
N MET D 311 -15.95 29.42 1.94
CA MET D 311 -15.53 30.54 2.78
C MET D 311 -16.62 31.59 2.87
N GLY D 312 -17.28 31.91 1.75
CA GLY D 312 -18.37 32.87 1.80
C GLY D 312 -19.52 32.40 2.66
N CYS D 313 -19.88 31.13 2.55
CA CYS D 313 -20.96 30.59 3.38
C CYS D 313 -20.58 30.61 4.86
N PHE D 314 -19.30 30.34 5.16
CA PHE D 314 -18.85 30.40 6.55
C PHE D 314 -18.94 31.82 7.11
N VAL D 315 -18.70 32.83 6.27
CA VAL D 315 -18.80 34.21 6.74
C VAL D 315 -20.22 34.53 7.16
N PHE D 316 -21.20 34.12 6.35
CA PHE D 316 -22.60 34.46 6.65
C PHE D 316 -23.05 33.82 7.96
N VAL D 317 -22.73 32.55 8.18
CA VAL D 317 -23.16 31.88 9.41
C VAL D 317 -22.41 32.45 10.60
N PHE D 318 -21.14 32.80 10.43
CA PHE D 318 -20.38 33.41 11.52
C PHE D 318 -20.92 34.80 11.86
N LEU D 319 -21.30 35.57 10.84
CA LEU D 319 -21.88 36.88 11.09
C LEU D 319 -23.23 36.76 11.79
N ALA D 320 -24.00 35.72 11.46
CA ALA D 320 -25.30 35.54 12.10
C ALA D 320 -25.15 35.31 13.61
N LEU D 321 -24.17 34.50 14.01
CA LEU D 321 -23.93 34.30 15.44
C LEU D 321 -23.40 35.57 16.09
N LEU D 322 -22.54 36.31 15.38
CA LEU D 322 -22.10 37.61 15.89
C LEU D 322 -23.26 38.60 15.96
N GLU D 323 -24.23 38.47 15.05
CA GLU D 323 -25.39 39.36 15.07
C GLU D 323 -26.18 39.21 16.36
N TYR D 324 -26.41 37.96 16.80
CA TYR D 324 -27.16 37.76 18.03
C TYR D 324 -26.36 38.22 19.25
N ALA D 325 -25.05 38.04 19.23
CA ALA D 325 -24.22 38.51 20.33
C ALA D 325 -24.33 40.02 20.49
N PHE D 326 -24.35 40.75 19.38
CA PHE D 326 -24.59 42.18 19.43
C PHE D 326 -25.98 42.49 19.98
N VAL D 327 -26.99 41.73 19.56
CA VAL D 327 -28.34 41.92 20.06
C VAL D 327 -28.40 41.62 21.55
N ASN D 328 -27.76 40.53 21.98
CA ASN D 328 -27.76 40.18 23.39
C ASN D 328 -27.01 41.23 24.21
N TYR D 329 -25.92 41.77 23.66
CA TYR D 329 -25.13 42.76 24.39
C TYR D 329 -25.92 44.05 24.62
N ILE D 330 -26.57 44.56 23.57
CA ILE D 330 -27.29 45.82 23.71
C ILE D 330 -28.53 45.65 24.58
N PHE D 331 -29.17 44.48 24.51
CA PHE D 331 -30.37 44.25 25.32
C PHE D 331 -30.04 44.26 26.81
N PHE D 332 -28.91 43.69 27.19
CA PHE D 332 -28.50 43.67 28.59
C PHE D 332 -27.35 44.65 28.84
N ALA D 447 -35.90 45.46 16.38
CA ALA D 447 -35.64 46.19 15.15
C ALA D 447 -34.38 45.69 14.45
N ILE D 448 -33.37 45.35 15.25
CA ILE D 448 -32.11 44.83 14.70
C ILE D 448 -32.35 43.50 14.01
N ASP D 449 -33.15 42.63 14.62
CA ASP D 449 -33.42 41.32 14.03
C ASP D 449 -34.12 41.45 12.69
N ARG D 450 -35.18 42.27 12.63
CA ARG D 450 -35.89 42.46 11.37
C ARG D 450 -34.99 43.10 10.33
N TRP D 451 -34.16 44.05 10.73
CA TRP D 451 -33.18 44.63 9.82
C TRP D 451 -32.20 43.57 9.34
N SER D 452 -31.80 42.65 10.23
CA SER D 452 -30.94 41.55 9.82
C SER D 452 -31.68 40.56 8.94
N ARG D 453 -33.00 40.46 9.09
CA ARG D 453 -33.77 39.52 8.27
C ARG D 453 -33.75 39.91 6.80
N ILE D 454 -33.65 41.21 6.49
CA ILE D 454 -33.68 41.66 5.11
C ILE D 454 -32.29 41.76 4.49
N VAL D 455 -31.24 41.73 5.30
CA VAL D 455 -29.88 41.92 4.80
C VAL D 455 -29.24 40.61 4.36
N PHE D 456 -29.23 39.61 5.25
CA PHE D 456 -28.51 38.38 4.95
C PHE D 456 -29.06 37.63 3.74
N PRO D 457 -30.36 37.35 3.62
CA PRO D 457 -30.84 36.72 2.38
C PRO D 457 -30.58 37.55 1.14
N PHE D 458 -30.69 38.87 1.26
CA PHE D 458 -30.38 39.74 0.12
C PHE D 458 -28.90 39.70 -0.22
N THR D 459 -28.04 39.79 0.80
CA THR D 459 -26.60 39.73 0.55
C THR D 459 -26.18 38.35 0.05
N PHE D 460 -26.75 37.29 0.62
CA PHE D 460 -26.41 35.94 0.19
C PHE D 460 -26.82 35.70 -1.25
N SER D 461 -28.00 36.20 -1.64
CA SER D 461 -28.43 36.10 -3.03
C SER D 461 -27.49 36.86 -3.95
N LEU D 462 -27.06 38.05 -3.54
CA LEU D 462 -26.08 38.80 -4.32
C LEU D 462 -24.75 38.06 -4.40
N PHE D 463 -24.33 37.46 -3.29
CA PHE D 463 -23.08 36.69 -3.29
C PHE D 463 -23.16 35.51 -4.24
N ASN D 464 -24.28 34.80 -4.24
CA ASN D 464 -24.45 33.69 -5.16
C ASN D 464 -24.47 34.16 -6.61
N LEU D 465 -25.16 35.28 -6.87
CA LEU D 465 -25.24 35.79 -8.24
C LEU D 465 -23.86 36.17 -8.76
N VAL D 466 -23.06 36.87 -7.94
CA VAL D 466 -21.72 37.25 -8.35
C VAL D 466 -20.85 36.00 -8.54
N TYR D 467 -20.97 35.03 -7.63
CA TYR D 467 -20.14 33.84 -7.70
C TYR D 467 -20.41 33.04 -8.96
N TRP D 468 -21.68 32.76 -9.26
CA TRP D 468 -22.00 31.92 -10.40
C TRP D 468 -21.69 32.61 -11.72
N LEU D 469 -21.95 33.92 -11.81
CA LEU D 469 -21.65 34.64 -13.05
C LEU D 469 -20.15 34.65 -13.32
N TYR D 470 -19.34 34.79 -12.27
CA TYR D 470 -17.89 34.84 -12.46
C TYR D 470 -17.35 33.51 -12.97
N TYR D 471 -17.86 32.40 -12.46
CA TYR D 471 -17.32 31.08 -12.78
C TYR D 471 -18.10 30.36 -13.88
N VAL D 472 -19.09 31.01 -14.48
CA VAL D 472 -19.82 30.41 -15.60
C VAL D 472 -19.72 31.32 -16.82
N LEU E 44 5.38 -38.60 -29.57
CA LEU E 44 4.97 -37.20 -29.53
C LEU E 44 5.98 -36.32 -30.25
N ASP E 45 7.27 -36.70 -30.17
CA ASP E 45 8.30 -35.93 -30.85
C ASP E 45 8.13 -35.97 -32.36
N GLY E 46 7.67 -37.10 -32.90
CA GLY E 46 7.43 -37.18 -34.32
C GLY E 46 6.35 -36.22 -34.80
N LEU E 47 5.26 -36.12 -34.03
CA LEU E 47 4.19 -35.19 -34.39
C LEU E 47 4.67 -33.74 -34.33
N ILE E 48 5.45 -33.40 -33.31
CA ILE E 48 5.95 -32.04 -33.16
C ILE E 48 6.93 -31.70 -34.27
N ALA E 49 7.75 -32.68 -34.68
CA ALA E 49 8.68 -32.45 -35.78
C ALA E 49 7.92 -32.10 -37.04
N GLY E 50 8.33 -31.00 -37.69
CA GLY E 50 7.65 -30.52 -38.86
C GLY E 50 6.39 -29.71 -38.60
N TYR E 51 6.04 -29.48 -37.35
CA TYR E 51 4.84 -28.71 -37.01
C TYR E 51 5.17 -27.23 -37.02
N ALA E 52 4.35 -26.45 -37.72
CA ALA E 52 4.53 -25.02 -37.86
C ALA E 52 3.63 -24.32 -36.84
N ARG E 53 4.25 -23.76 -35.79
CA ARG E 53 3.48 -23.17 -34.69
C ARG E 53 2.87 -21.83 -35.08
N ASN E 54 3.52 -21.10 -35.99
CA ASN E 54 3.10 -19.74 -36.29
C ASN E 54 1.84 -19.67 -37.15
N PHE E 55 1.33 -20.79 -37.64
CA PHE E 55 0.22 -20.80 -38.57
C PHE E 55 -0.96 -21.56 -38.00
N ARG E 56 -2.16 -21.04 -38.25
CA ARG E 56 -3.38 -21.73 -37.91
C ARG E 56 -3.54 -22.96 -38.81
N PRO E 57 -4.27 -23.97 -38.33
CA PRO E 57 -4.54 -25.13 -39.19
C PRO E 57 -5.27 -24.72 -40.46
N GLY E 58 -4.84 -25.29 -41.58
CA GLY E 58 -5.44 -24.96 -42.86
C GLY E 58 -5.30 -23.50 -43.24
N ILE E 59 -4.10 -22.95 -43.09
CA ILE E 59 -3.89 -21.54 -43.44
C ILE E 59 -4.17 -21.34 -44.92
N GLY E 60 -4.94 -20.30 -45.22
CA GLY E 60 -5.41 -20.06 -46.57
C GLY E 60 -6.64 -20.85 -46.96
N GLY E 61 -7.17 -21.68 -46.07
CA GLY E 61 -8.37 -22.44 -46.36
C GLY E 61 -9.55 -21.95 -45.56
N PRO E 62 -10.49 -22.85 -45.27
CA PRO E 62 -11.65 -22.46 -44.48
C PRO E 62 -11.24 -22.06 -43.09
N PRO E 63 -12.00 -21.17 -42.44
CA PRO E 63 -11.64 -20.74 -41.09
C PRO E 63 -11.73 -21.89 -40.09
N VAL E 64 -10.90 -21.81 -39.06
CA VAL E 64 -10.89 -22.83 -38.03
C VAL E 64 -12.13 -22.68 -37.16
N ASN E 65 -12.87 -23.77 -37.01
CA ASN E 65 -14.10 -23.78 -36.20
C ASN E 65 -13.73 -24.18 -34.78
N VAL E 66 -13.80 -23.22 -33.86
CA VAL E 66 -13.36 -23.42 -32.48
C VAL E 66 -14.59 -23.50 -31.59
N ALA E 67 -14.79 -24.65 -30.95
CA ALA E 67 -15.84 -24.81 -29.96
C ALA E 67 -15.37 -24.24 -28.63
N LEU E 68 -16.28 -23.58 -27.93
CA LEU E 68 -15.95 -22.89 -26.69
C LEU E 68 -16.94 -23.27 -25.60
N ALA E 69 -16.43 -23.40 -24.37
CA ALA E 69 -17.26 -23.71 -23.22
C ALA E 69 -16.71 -22.98 -22.00
N LEU E 70 -17.61 -22.61 -21.09
CA LEU E 70 -17.26 -21.91 -19.87
C LEU E 70 -17.77 -22.66 -18.66
N GLU E 71 -16.97 -22.68 -17.59
CA GLU E 71 -17.36 -23.26 -16.31
C GLU E 71 -17.06 -22.21 -15.26
N VAL E 72 -18.06 -21.37 -14.94
CA VAL E 72 -17.85 -20.29 -13.99
C VAL E 72 -17.68 -20.87 -12.60
N ALA E 73 -16.53 -20.59 -11.98
CA ALA E 73 -16.24 -21.11 -10.66
C ALA E 73 -16.77 -20.20 -9.55
N SER E 74 -16.59 -18.89 -9.68
CA SER E 74 -17.07 -17.95 -8.68
C SER E 74 -17.13 -16.56 -9.28
N ILE E 75 -17.88 -15.69 -8.60
CA ILE E 75 -17.94 -14.27 -8.90
C ILE E 75 -17.60 -13.57 -7.58
N ASP E 76 -16.33 -13.22 -7.39
CA ASP E 76 -15.85 -12.83 -6.07
C ASP E 76 -16.39 -11.46 -5.66
N HIS E 77 -16.05 -10.42 -6.40
CA HIS E 77 -16.41 -9.05 -6.05
C HIS E 77 -17.27 -8.45 -7.14
N ILE E 78 -18.28 -7.67 -6.73
CA ILE E 78 -19.12 -6.91 -7.65
C ILE E 78 -19.14 -5.48 -7.12
N SER E 79 -18.23 -4.65 -7.61
CA SER E 79 -18.06 -3.29 -7.11
C SER E 79 -18.76 -2.32 -8.05
N GLU E 80 -19.81 -1.67 -7.54
CA GLU E 80 -20.46 -0.60 -8.30
C GLU E 80 -19.62 0.67 -8.32
N ALA E 81 -18.78 0.88 -7.29
CA ALA E 81 -17.89 2.03 -7.28
C ALA E 81 -16.89 1.96 -8.43
N ASN E 82 -16.32 0.78 -8.66
CA ASN E 82 -15.35 0.59 -9.73
C ASN E 82 -15.99 0.08 -11.02
N MET E 83 -17.30 -0.18 -11.02
CA MET E 83 -18.02 -0.64 -12.21
C MET E 83 -17.38 -1.89 -12.80
N GLU E 84 -17.10 -2.86 -11.94
CA GLU E 84 -16.38 -4.05 -12.35
C GLU E 84 -16.81 -5.23 -11.49
N TYR E 85 -16.53 -6.43 -11.99
CA TYR E 85 -16.73 -7.66 -11.23
C TYR E 85 -15.61 -8.63 -11.55
N THR E 86 -15.28 -9.47 -10.56
CA THR E 86 -14.20 -10.43 -10.69
C THR E 86 -14.79 -11.84 -10.83
N MET E 87 -14.34 -12.56 -11.84
CA MET E 87 -14.85 -13.89 -12.14
C MET E 87 -13.70 -14.87 -12.37
N THR E 88 -13.83 -16.06 -11.79
CA THR E 88 -12.92 -17.17 -12.04
C THR E 88 -13.66 -18.24 -12.83
N VAL E 89 -13.09 -18.66 -13.96
CA VAL E 89 -13.79 -19.51 -14.91
C VAL E 89 -12.82 -20.50 -15.53
N PHE E 90 -13.33 -21.68 -15.84
CA PHE E 90 -12.61 -22.66 -16.65
C PHE E 90 -12.99 -22.45 -18.11
N LEU E 91 -12.03 -22.09 -18.94
CA LEU E 91 -12.26 -21.84 -20.35
C LEU E 91 -11.82 -23.05 -21.17
N HIS E 92 -12.77 -23.68 -21.84
CA HIS E 92 -12.51 -24.85 -22.68
C HIS E 92 -12.61 -24.44 -24.15
N GLN E 93 -11.57 -24.70 -24.91
CA GLN E 93 -11.53 -24.44 -26.34
C GLN E 93 -11.24 -25.73 -27.08
N SER E 94 -12.07 -26.05 -28.07
CA SER E 94 -11.92 -27.28 -28.83
C SER E 94 -11.86 -26.96 -30.31
N TRP E 95 -10.87 -27.53 -31.00
CA TRP E 95 -10.73 -27.35 -32.44
C TRP E 95 -9.97 -28.54 -33.00
N ARG E 96 -10.05 -28.70 -34.32
CA ARG E 96 -9.39 -29.81 -35.00
C ARG E 96 -8.16 -29.30 -35.73
N ASP E 97 -7.02 -29.94 -35.47
CA ASP E 97 -5.76 -29.64 -36.14
C ASP E 97 -5.27 -30.95 -36.78
N SER E 98 -5.45 -31.06 -38.09
CA SER E 98 -5.09 -32.29 -38.79
C SER E 98 -3.60 -32.58 -38.75
N ARG E 99 -2.77 -31.56 -38.50
CA ARG E 99 -1.33 -31.77 -38.42
C ARG E 99 -0.94 -32.65 -37.24
N LEU E 100 -1.79 -32.76 -36.22
CA LEU E 100 -1.50 -33.53 -35.02
C LEU E 100 -2.20 -34.87 -34.98
N SER E 101 -2.91 -35.25 -36.05
CA SER E 101 -3.55 -36.55 -36.11
C SER E 101 -2.49 -37.65 -36.14
N TYR E 102 -2.73 -38.71 -35.39
CA TYR E 102 -1.77 -39.81 -35.29
C TYR E 102 -2.44 -41.14 -35.60
N ASN E 103 -1.61 -42.17 -35.69
CA ASN E 103 -1.98 -43.49 -36.16
C ASN E 103 -1.76 -44.52 -35.06
N HIS E 104 -2.43 -45.67 -35.22
CA HIS E 104 -2.14 -46.88 -34.46
C HIS E 104 -2.60 -46.81 -33.00
N THR E 105 -3.03 -45.64 -32.55
CA THR E 105 -3.46 -45.46 -31.16
C THR E 105 -4.84 -44.83 -31.15
N ASN E 106 -5.78 -45.49 -30.46
CA ASN E 106 -7.12 -44.97 -30.30
C ASN E 106 -7.34 -44.29 -28.95
N GLU E 107 -6.29 -44.14 -28.15
CA GLU E 107 -6.39 -43.55 -26.83
C GLU E 107 -5.96 -42.08 -26.88
N THR E 108 -6.73 -41.23 -26.22
CA THR E 108 -6.41 -39.81 -26.17
C THR E 108 -5.10 -39.59 -25.41
N LEU E 109 -4.31 -38.63 -25.87
CA LEU E 109 -3.01 -38.34 -25.27
C LEU E 109 -3.18 -37.21 -24.26
N GLY E 110 -3.40 -37.57 -23.01
CA GLY E 110 -3.48 -36.59 -21.95
C GLY E 110 -2.14 -35.94 -21.67
N LEU E 111 -2.01 -34.66 -22.00
CA LEU E 111 -0.74 -33.95 -21.88
C LEU E 111 -0.88 -32.79 -20.91
N ASP E 112 0.27 -32.34 -20.40
CA ASP E 112 0.32 -31.31 -19.37
C ASP E 112 0.52 -29.93 -19.99
N SER E 113 0.69 -28.93 -19.13
CA SER E 113 0.85 -27.55 -19.59
C SER E 113 2.17 -27.30 -20.29
N ARG E 114 3.16 -28.18 -20.10
CA ARG E 114 4.46 -27.97 -20.73
C ARG E 114 4.39 -28.15 -22.24
N PHE E 115 3.45 -28.95 -22.72
CA PHE E 115 3.27 -29.19 -24.15
C PHE E 115 2.49 -28.07 -24.83
N VAL E 116 1.91 -27.15 -24.06
CA VAL E 116 1.06 -26.11 -24.63
C VAL E 116 1.86 -25.20 -25.56
N ASP E 117 3.07 -24.84 -25.15
CA ASP E 117 3.88 -23.88 -25.90
C ASP E 117 4.29 -24.38 -27.28
N LYS E 118 4.14 -25.68 -27.55
CA LYS E 118 4.55 -26.23 -28.84
C LYS E 118 3.50 -26.08 -29.92
N LEU E 119 2.23 -25.95 -29.54
CA LEU E 119 1.13 -26.00 -30.49
C LEU E 119 0.60 -24.59 -30.79
N TRP E 120 -0.10 -24.49 -31.92
CA TRP E 120 -0.85 -23.28 -32.24
C TRP E 120 -2.11 -23.21 -31.40
N LEU E 121 -2.43 -22.01 -30.91
CA LEU E 121 -3.61 -21.82 -30.08
C LEU E 121 -4.42 -20.64 -30.59
N PRO E 122 -5.74 -20.68 -30.41
CA PRO E 122 -6.55 -19.49 -30.72
C PRO E 122 -6.16 -18.33 -29.82
N ASP E 123 -6.18 -17.13 -30.39
CA ASP E 123 -5.84 -15.93 -29.63
C ASP E 123 -7.08 -15.33 -28.97
N THR E 124 -7.80 -16.16 -28.23
CA THR E 124 -9.02 -15.70 -27.57
C THR E 124 -8.67 -14.78 -26.42
N PHE E 125 -9.34 -13.63 -26.37
CA PHE E 125 -9.14 -12.68 -25.29
C PHE E 125 -10.50 -12.14 -24.85
N ILE E 126 -10.58 -11.71 -23.60
CA ILE E 126 -11.80 -11.14 -23.07
C ILE E 126 -11.85 -9.66 -23.43
N VAL E 127 -12.90 -9.26 -24.16
CA VAL E 127 -12.97 -7.91 -24.71
C VAL E 127 -13.05 -6.87 -23.61
N ASN E 128 -13.90 -7.11 -22.60
CA ASN E 128 -14.19 -6.13 -21.57
C ASN E 128 -13.53 -6.48 -20.24
N ALA E 129 -12.32 -7.03 -20.29
CA ALA E 129 -11.58 -7.40 -19.09
C ALA E 129 -10.60 -6.29 -18.74
N LYS E 130 -10.77 -5.71 -17.54
CA LYS E 130 -9.80 -4.73 -17.06
C LYS E 130 -8.45 -5.37 -16.82
N SER E 131 -8.44 -6.57 -16.24
CA SER E 131 -7.21 -7.32 -16.00
C SER E 131 -7.56 -8.78 -15.83
N ALA E 132 -6.62 -9.64 -16.20
CA ALA E 132 -6.80 -11.08 -16.08
C ALA E 132 -5.44 -11.75 -15.97
N TRP E 133 -5.44 -12.97 -15.42
CA TRP E 133 -4.21 -13.69 -15.18
C TRP E 133 -4.51 -15.17 -15.02
N PHE E 134 -3.47 -15.99 -15.10
CA PHE E 134 -3.58 -17.43 -14.98
C PHE E 134 -3.21 -17.89 -13.58
N HIS E 135 -3.74 -19.03 -13.19
CA HIS E 135 -3.37 -19.69 -11.94
C HIS E 135 -2.24 -20.68 -12.24
N ASP E 136 -1.11 -20.52 -11.57
CA ASP E 136 0.09 -21.30 -11.85
C ASP E 136 0.61 -22.01 -10.60
N VAL E 137 -0.29 -22.38 -9.69
CA VAL E 137 0.06 -23.13 -8.49
C VAL E 137 -0.76 -24.40 -8.45
N THR E 138 -0.10 -25.55 -8.33
CA THR E 138 1.35 -25.63 -8.20
C THR E 138 2.06 -25.56 -9.54
N VAL E 139 1.29 -25.75 -10.61
CA VAL E 139 1.78 -25.62 -11.98
C VAL E 139 0.77 -24.81 -12.77
N GLU E 140 1.14 -24.48 -14.01
CA GLU E 140 0.22 -23.79 -14.90
C GLU E 140 -1.04 -24.61 -15.10
N ASN E 141 -2.17 -24.06 -14.67
CA ASN E 141 -3.44 -24.78 -14.76
C ASN E 141 -3.91 -24.82 -16.21
N LYS E 142 -3.22 -25.59 -17.05
CA LYS E 142 -3.57 -25.75 -18.44
C LYS E 142 -3.70 -27.24 -18.76
N LEU E 143 -4.60 -27.56 -19.67
CA LEU E 143 -4.88 -28.93 -20.08
C LEU E 143 -4.90 -29.01 -21.59
N ILE E 144 -4.21 -29.99 -22.15
CA ILE E 144 -4.28 -30.29 -23.57
C ILE E 144 -4.47 -31.80 -23.71
N ARG E 145 -5.64 -32.21 -24.19
CA ARG E 145 -5.93 -33.61 -24.45
C ARG E 145 -6.08 -33.78 -25.96
N LEU E 146 -5.24 -34.63 -26.54
CA LEU E 146 -5.16 -34.80 -27.98
C LEU E 146 -5.84 -36.10 -28.39
N GLN E 147 -6.66 -36.03 -29.44
CA GLN E 147 -7.39 -37.17 -29.95
C GLN E 147 -6.79 -37.65 -31.27
N PRO E 148 -6.94 -38.92 -31.61
CA PRO E 148 -6.31 -39.43 -32.84
C PRO E 148 -6.77 -38.74 -34.11
N ASP E 149 -8.03 -38.30 -34.18
CA ASP E 149 -8.52 -37.62 -35.36
C ASP E 149 -7.98 -36.21 -35.50
N GLY E 150 -7.29 -35.69 -34.49
CA GLY E 150 -6.75 -34.35 -34.51
C GLY E 150 -7.53 -33.34 -33.70
N VAL E 151 -8.59 -33.76 -33.00
CA VAL E 151 -9.36 -32.84 -32.17
C VAL E 151 -8.56 -32.52 -30.91
N ILE E 152 -8.44 -31.24 -30.59
CA ILE E 152 -7.67 -30.77 -29.45
C ILE E 152 -8.64 -30.18 -28.43
N LEU E 153 -8.48 -30.59 -27.17
CA LEU E 153 -9.22 -30.00 -26.06
C LEU E 153 -8.24 -29.19 -25.23
N TYR E 154 -8.53 -27.89 -25.08
CA TYR E 154 -7.62 -26.96 -24.40
C TYR E 154 -8.40 -26.26 -23.30
N SER E 155 -8.06 -26.55 -22.05
CA SER E 155 -8.74 -25.99 -20.89
C SER E 155 -7.74 -25.24 -20.03
N ILE E 156 -8.11 -24.03 -19.62
CA ILE E 156 -7.29 -23.20 -18.74
C ILE E 156 -8.18 -22.63 -17.65
N ARG E 157 -7.57 -22.34 -16.50
CA ARG E 157 -8.26 -21.69 -15.39
C ARG E 157 -7.73 -20.26 -15.28
N ILE E 158 -8.62 -19.29 -15.41
CA ILE E 158 -8.25 -17.88 -15.43
C ILE E 158 -9.17 -17.10 -14.52
N THR E 159 -8.63 -16.09 -13.86
CA THR E 159 -9.41 -15.14 -13.07
C THR E 159 -9.31 -13.78 -13.72
N SER E 160 -10.45 -13.17 -14.02
CA SER E 160 -10.49 -11.92 -14.76
C SER E 160 -11.36 -10.90 -14.05
N THR E 161 -10.87 -9.65 -14.00
CA THR E 161 -11.66 -8.53 -13.52
C THR E 161 -12.33 -7.88 -14.73
N VAL E 162 -13.65 -8.04 -14.84
CA VAL E 162 -14.40 -7.64 -16.02
C VAL E 162 -15.19 -6.38 -15.70
N ALA E 163 -15.07 -5.37 -16.55
CA ALA E 163 -15.82 -4.14 -16.38
C ALA E 163 -17.28 -4.37 -16.75
N CYS E 164 -18.19 -3.93 -15.87
CA CYS E 164 -19.62 -4.07 -16.09
C CYS E 164 -20.27 -2.70 -15.93
N ASP E 165 -20.86 -2.20 -17.01
CA ASP E 165 -21.53 -0.90 -16.96
C ASP E 165 -22.84 -1.04 -16.19
N MET E 166 -22.94 -0.29 -15.10
CA MET E 166 -24.09 -0.39 -14.19
C MET E 166 -24.84 0.94 -14.16
N ASP E 167 -26.17 0.85 -14.19
CA ASP E 167 -27.04 2.01 -14.06
C ASP E 167 -27.58 2.04 -12.65
N LEU E 168 -27.22 3.08 -11.90
CA LEU E 168 -27.60 3.22 -10.49
C LEU E 168 -28.79 4.15 -10.29
N ALA E 169 -29.67 4.24 -11.30
CA ALA E 169 -30.85 5.08 -11.18
C ALA E 169 -31.77 4.60 -10.07
N LYS E 170 -31.99 3.28 -9.99
CA LYS E 170 -32.86 2.69 -8.98
C LYS E 170 -32.10 2.14 -7.79
N TYR E 171 -30.81 2.47 -7.66
CA TYR E 171 -30.02 1.98 -6.54
C TYR E 171 -30.65 2.43 -5.22
N PRO E 172 -30.73 1.55 -4.21
CA PRO E 172 -30.23 0.17 -4.22
C PRO E 172 -31.22 -0.88 -4.72
N MET E 173 -32.40 -0.48 -5.14
CA MET E 173 -33.37 -1.42 -5.72
C MET E 173 -33.17 -1.56 -7.22
N ASP E 174 -31.94 -1.90 -7.62
CA ASP E 174 -31.56 -1.95 -9.02
C ASP E 174 -31.15 -3.36 -9.40
N GLU E 175 -31.49 -3.75 -10.64
CA GLU E 175 -31.08 -5.02 -11.21
C GLU E 175 -30.09 -4.74 -12.34
N GLN E 176 -28.93 -5.38 -12.27
CA GLN E 176 -27.85 -5.11 -13.20
C GLN E 176 -27.61 -6.30 -14.11
N GLU E 177 -27.16 -6.02 -15.33
CA GLU E 177 -26.79 -7.02 -16.30
C GLU E 177 -25.32 -6.84 -16.66
N CYS E 178 -24.55 -7.92 -16.56
CA CYS E 178 -23.12 -7.89 -16.85
C CYS E 178 -22.80 -8.89 -17.94
N MET E 179 -21.84 -8.53 -18.80
CA MET E 179 -21.47 -9.33 -19.95
C MET E 179 -20.07 -9.91 -19.79
N LEU E 180 -19.79 -10.94 -20.58
CA LEU E 180 -18.45 -11.53 -20.67
C LEU E 180 -18.20 -11.84 -22.14
N ASP E 181 -17.48 -10.96 -22.83
CA ASP E 181 -17.29 -11.06 -24.27
C ASP E 181 -15.99 -11.78 -24.58
N LEU E 182 -16.06 -12.76 -25.47
CA LEU E 182 -14.91 -13.54 -25.89
C LEU E 182 -14.75 -13.40 -27.40
N GLU E 183 -13.51 -13.21 -27.85
CA GLU E 183 -13.26 -12.85 -29.23
C GLU E 183 -11.80 -13.13 -29.57
N SER E 184 -11.54 -13.46 -30.83
CA SER E 184 -10.18 -13.61 -31.32
C SER E 184 -9.56 -12.23 -31.54
N TYR E 185 -8.34 -12.04 -31.03
CA TYR E 185 -7.73 -10.72 -31.10
C TYR E 185 -7.23 -10.38 -32.50
N GLY E 186 -6.60 -11.34 -33.18
CA GLY E 186 -5.94 -11.03 -34.44
C GLY E 186 -6.52 -11.71 -35.66
N TYR E 187 -7.25 -12.80 -35.46
CA TYR E 187 -7.82 -13.57 -36.56
C TYR E 187 -9.27 -13.13 -36.79
N SER E 188 -9.56 -12.77 -38.03
CA SER E 188 -10.91 -12.33 -38.39
C SER E 188 -11.79 -13.55 -38.63
N SER E 189 -13.02 -13.31 -39.12
CA SER E 189 -13.93 -14.41 -39.40
C SER E 189 -13.42 -15.32 -40.52
N GLU E 190 -12.49 -14.82 -41.34
CA GLU E 190 -11.91 -15.64 -42.40
C GLU E 190 -10.95 -16.70 -41.88
N ASP E 191 -10.54 -16.61 -40.62
CA ASP E 191 -9.54 -17.51 -40.05
C ASP E 191 -10.06 -18.30 -38.85
N ILE E 192 -10.78 -17.67 -37.94
CA ILE E 192 -11.28 -18.33 -36.74
C ILE E 192 -12.75 -17.99 -36.58
N VAL E 193 -13.57 -19.02 -36.36
CA VAL E 193 -14.99 -18.88 -36.10
C VAL E 193 -15.31 -19.53 -34.77
N TYR E 194 -15.97 -18.79 -33.89
CA TYR E 194 -16.32 -19.29 -32.56
C TYR E 194 -17.79 -19.67 -32.51
N TYR E 195 -18.09 -20.66 -31.65
CA TYR E 195 -19.47 -21.06 -31.39
C TYR E 195 -19.51 -21.78 -30.05
N TRP E 196 -20.58 -21.56 -29.30
CA TRP E 196 -20.75 -22.24 -28.03
C TRP E 196 -20.91 -23.73 -28.25
N SER E 197 -20.17 -24.52 -27.47
CA SER E 197 -20.28 -25.97 -27.57
C SER E 197 -21.61 -26.46 -27.01
N GLU E 198 -22.00 -27.66 -27.43
CA GLU E 198 -23.26 -28.24 -26.96
C GLU E 198 -23.28 -28.48 -25.47
N SER E 199 -22.10 -28.61 -24.85
CA SER E 199 -22.02 -28.85 -23.40
C SER E 199 -22.11 -27.58 -22.59
N GLN E 200 -22.21 -26.41 -23.23
CA GLN E 200 -22.21 -25.15 -22.49
C GLN E 200 -23.42 -25.04 -21.58
N GLU E 201 -24.59 -25.50 -22.04
CA GLU E 201 -25.81 -25.38 -21.23
C GLU E 201 -25.77 -26.26 -19.98
N HIS E 202 -24.84 -27.22 -19.92
CA HIS E 202 -24.81 -28.15 -18.80
C HIS E 202 -23.66 -27.92 -17.82
N ILE E 203 -22.62 -27.19 -18.22
CA ILE E 203 -21.42 -27.05 -17.42
C ILE E 203 -21.15 -25.60 -17.03
N HIS E 204 -22.07 -24.69 -17.32
CA HIS E 204 -21.83 -23.28 -16.99
C HIS E 204 -21.73 -23.10 -15.48
N GLY E 205 -22.53 -23.84 -14.71
CA GLY E 205 -22.43 -23.78 -13.26
C GLY E 205 -22.89 -22.48 -12.64
N LEU E 206 -23.60 -21.64 -13.38
CA LEU E 206 -24.08 -20.38 -12.82
C LEU E 206 -25.16 -20.59 -11.78
N ASP E 207 -25.86 -21.73 -11.82
CA ASP E 207 -26.88 -21.99 -10.82
C ASP E 207 -26.27 -22.29 -9.45
N LYS E 208 -25.08 -22.88 -9.43
CA LYS E 208 -24.43 -23.24 -8.17
C LYS E 208 -23.76 -22.05 -7.48
N LEU E 209 -23.64 -20.92 -8.15
CA LEU E 209 -22.95 -19.77 -7.57
C LEU E 209 -23.75 -19.18 -6.42
N GLN E 210 -23.04 -18.71 -5.40
CA GLN E 210 -23.63 -18.03 -4.26
C GLN E 210 -22.99 -16.65 -4.12
N LEU E 211 -23.81 -15.61 -4.20
CA LEU E 211 -23.34 -14.24 -4.17
C LEU E 211 -23.82 -13.56 -2.89
N ALA E 212 -22.92 -12.81 -2.25
CA ALA E 212 -23.24 -12.20 -0.96
C ALA E 212 -24.34 -11.16 -1.09
N GLN E 213 -24.27 -10.30 -2.10
CA GLN E 213 -25.19 -9.18 -2.21
C GLN E 213 -26.16 -9.28 -3.38
N PHE E 214 -25.87 -10.12 -4.38
CA PHE E 214 -26.69 -10.21 -5.58
C PHE E 214 -27.22 -11.64 -5.74
N THR E 215 -28.13 -11.79 -6.70
CA THR E 215 -28.68 -13.09 -7.05
C THR E 215 -28.75 -13.18 -8.57
N ILE E 216 -28.22 -14.27 -9.12
CA ILE E 216 -28.21 -14.48 -10.57
C ILE E 216 -29.61 -14.94 -10.97
N THR E 217 -30.39 -14.03 -11.53
CA THR E 217 -31.76 -14.37 -11.91
C THR E 217 -31.80 -15.10 -13.25
N SER E 218 -31.12 -14.56 -14.26
CA SER E 218 -31.14 -15.15 -15.59
C SER E 218 -29.76 -15.07 -16.22
N TYR E 219 -29.49 -15.98 -17.14
CA TYR E 219 -28.24 -15.97 -17.90
C TYR E 219 -28.55 -16.35 -19.34
N ARG E 220 -27.67 -15.90 -20.24
CA ARG E 220 -27.89 -16.09 -21.66
C ARG E 220 -26.55 -16.12 -22.39
N PHE E 221 -26.43 -17.02 -23.36
CA PHE E 221 -25.24 -17.15 -24.20
C PHE E 221 -25.59 -16.67 -25.60
N THR E 222 -24.97 -15.57 -26.01
CA THR E 222 -25.27 -14.91 -27.27
C THR E 222 -24.06 -14.94 -28.19
N THR E 223 -24.30 -15.15 -29.48
CA THR E 223 -23.24 -15.16 -30.49
C THR E 223 -23.48 -14.00 -31.45
N GLU E 224 -22.57 -13.04 -31.45
CA GLU E 224 -22.63 -11.88 -32.36
C GLU E 224 -21.64 -12.12 -33.48
N LEU E 225 -22.15 -12.50 -34.64
CA LEU E 225 -21.34 -12.77 -35.82
C LEU E 225 -21.12 -11.52 -36.69
N MET E 226 -21.55 -10.35 -36.21
CA MET E 226 -21.46 -9.14 -37.01
C MET E 226 -20.70 -8.05 -36.26
N ASN E 227 -19.54 -8.40 -35.71
CA ASN E 227 -18.67 -7.46 -35.03
C ASN E 227 -17.45 -7.21 -35.91
N PHE E 228 -17.22 -5.93 -36.25
CA PHE E 228 -16.07 -5.52 -37.06
C PHE E 228 -15.42 -4.34 -36.34
N LYS E 229 -14.45 -4.64 -35.48
CA LYS E 229 -13.85 -3.57 -34.67
C LYS E 229 -12.95 -2.68 -35.52
N SER E 230 -11.85 -3.23 -36.05
CA SER E 230 -10.93 -2.44 -36.86
C SER E 230 -10.77 -3.01 -38.27
N ALA E 231 -10.41 -4.28 -38.41
CA ALA E 231 -10.05 -4.85 -39.70
C ALA E 231 -10.64 -6.25 -39.80
N GLY E 232 -11.68 -6.41 -40.61
CA GLY E 232 -12.33 -7.69 -40.79
C GLY E 232 -13.40 -7.94 -39.73
N GLN E 233 -14.14 -9.02 -39.95
CA GLN E 233 -15.21 -9.40 -39.04
C GLN E 233 -14.66 -10.31 -37.95
N PHE E 234 -14.95 -9.96 -36.69
CA PHE E 234 -14.53 -10.77 -35.56
C PHE E 234 -15.76 -11.33 -34.85
N PRO E 235 -16.07 -12.62 -35.01
CA PRO E 235 -17.19 -13.19 -34.25
C PRO E 235 -16.92 -13.08 -32.75
N ARG E 236 -17.97 -12.75 -32.01
CA ARG E 236 -17.86 -12.50 -30.58
C ARG E 236 -18.86 -13.38 -29.84
N LEU E 237 -18.37 -14.19 -28.90
CA LEU E 237 -19.22 -14.95 -28.00
C LEU E 237 -19.38 -14.17 -26.71
N SER E 238 -20.63 -13.93 -26.33
CA SER E 238 -20.94 -13.12 -25.17
C SER E 238 -21.79 -13.92 -24.18
N LEU E 239 -21.47 -13.78 -22.89
CA LEU E 239 -22.24 -14.38 -21.81
C LEU E 239 -22.90 -13.27 -21.02
N HIS E 240 -24.22 -13.23 -21.03
CA HIS E 240 -25.00 -12.23 -20.31
C HIS E 240 -25.66 -12.89 -19.11
N PHE E 241 -25.48 -12.30 -17.93
CA PHE E 241 -26.17 -12.76 -16.74
C PHE E 241 -26.70 -11.55 -15.98
N HIS E 242 -27.91 -11.69 -15.46
CA HIS E 242 -28.59 -10.60 -14.77
C HIS E 242 -28.43 -10.76 -13.26
N LEU E 243 -28.05 -9.67 -12.60
CA LEU E 243 -27.84 -9.66 -11.17
C LEU E 243 -28.90 -8.78 -10.52
N ARG E 244 -29.63 -9.33 -9.56
CA ARG E 244 -30.61 -8.60 -8.78
C ARG E 244 -30.06 -8.39 -7.39
N ARG E 245 -29.89 -7.12 -6.99
CA ARG E 245 -29.36 -6.81 -5.67
C ARG E 245 -30.33 -7.28 -4.60
N ASN E 246 -29.79 -7.96 -3.58
CA ASN E 246 -30.64 -8.48 -2.52
C ASN E 246 -31.22 -7.34 -1.69
N ARG E 247 -32.53 -7.40 -1.47
CA ARG E 247 -33.24 -6.41 -0.65
C ARG E 247 -33.47 -7.03 0.72
N GLY E 248 -32.84 -6.46 1.74
CA GLY E 248 -32.92 -6.99 3.08
C GLY E 248 -32.44 -6.01 4.12
N VAL E 249 -31.68 -6.49 5.11
CA VAL E 249 -31.17 -5.60 6.15
C VAL E 249 -30.21 -4.56 5.60
N TYR E 250 -29.67 -4.79 4.40
CA TYR E 250 -28.76 -3.80 3.80
C TYR E 250 -29.49 -2.49 3.53
N ILE E 251 -30.62 -2.57 2.84
CA ILE E 251 -31.40 -1.35 2.59
C ILE E 251 -32.03 -0.84 3.89
N ILE E 252 -32.31 -1.75 4.83
CA ILE E 252 -32.92 -1.35 6.10
C ILE E 252 -32.01 -0.39 6.86
N GLN E 253 -30.69 -0.62 6.78
CA GLN E 253 -29.75 0.25 7.49
C GLN E 253 -29.82 1.68 7.01
N SER E 254 -29.97 1.88 5.69
CA SER E 254 -29.99 3.23 5.16
C SER E 254 -31.31 3.94 5.43
N TYR E 255 -32.43 3.22 5.29
CA TYR E 255 -33.74 3.89 5.30
C TYR E 255 -34.27 4.12 6.71
N MET E 256 -34.15 3.11 7.59
CA MET E 256 -34.79 3.22 8.90
C MET E 256 -34.26 4.38 9.74
N PRO E 257 -32.95 4.57 9.91
CA PRO E 257 -32.49 5.77 10.65
C PRO E 257 -32.97 7.07 10.03
N SER E 258 -33.06 7.14 8.70
CA SER E 258 -33.62 8.33 8.07
C SER E 258 -35.07 8.52 8.46
N VAL E 259 -35.84 7.42 8.51
CA VAL E 259 -37.22 7.50 9.00
C VAL E 259 -37.24 7.93 10.46
N LEU E 260 -36.35 7.36 11.28
CA LEU E 260 -36.34 7.66 12.70
C LEU E 260 -35.87 9.08 12.97
N LEU E 261 -34.99 9.63 12.12
CA LEU E 261 -34.65 11.04 12.23
C LEU E 261 -35.87 11.91 11.96
N VAL E 262 -36.66 11.55 10.95
CA VAL E 262 -37.93 12.24 10.71
C VAL E 262 -38.87 12.02 11.88
N ALA E 263 -38.89 10.79 12.42
CA ALA E 263 -39.71 10.52 13.59
C ALA E 263 -39.26 11.34 14.79
N MET E 264 -37.95 11.53 14.95
CA MET E 264 -37.45 12.33 16.06
C MET E 264 -37.92 13.77 15.94
N SER E 265 -37.95 14.31 14.72
CA SER E 265 -38.46 15.66 14.51
C SER E 265 -39.95 15.75 14.85
N TRP E 266 -40.70 14.67 14.63
CA TRP E 266 -42.11 14.67 14.98
C TRP E 266 -42.33 14.81 16.48
N VAL E 267 -41.42 14.23 17.27
CA VAL E 267 -41.57 14.24 18.72
C VAL E 267 -41.57 15.66 19.26
N SER E 268 -40.92 16.59 18.55
CA SER E 268 -40.91 17.98 18.99
C SER E 268 -42.32 18.56 19.04
N PHE E 269 -43.23 18.04 18.22
CA PHE E 269 -44.59 18.57 18.19
C PHE E 269 -45.30 18.36 19.52
N TRP E 270 -45.08 17.21 20.16
CA TRP E 270 -45.68 16.93 21.46
C TRP E 270 -44.98 17.65 22.61
N ILE E 271 -43.86 18.31 22.35
CA ILE E 271 -43.16 19.08 23.37
C ILE E 271 -43.77 20.48 23.44
N SER E 272 -43.85 21.03 24.65
CA SER E 272 -44.47 22.33 24.85
C SER E 272 -43.70 23.41 24.10
N GLN E 273 -44.44 24.40 23.58
CA GLN E 273 -43.82 25.48 22.82
C GLN E 273 -42.96 26.37 23.69
N ALA E 274 -43.27 26.46 24.99
CA ALA E 274 -42.46 27.27 25.89
C ALA E 274 -41.04 26.73 26.02
N ALA E 275 -40.82 25.45 25.73
CA ALA E 275 -39.50 24.84 25.79
C ALA E 275 -38.75 25.17 24.49
N VAL E 276 -38.40 26.45 24.35
CA VAL E 276 -37.72 26.91 23.14
C VAL E 276 -36.38 26.23 22.93
N PRO E 277 -35.47 26.18 23.92
CA PRO E 277 -34.19 25.47 23.69
C PRO E 277 -34.37 24.00 23.38
N ALA E 278 -35.39 23.34 23.96
CA ALA E 278 -35.59 21.92 23.72
C ALA E 278 -36.01 21.65 22.29
N ARG E 279 -37.01 22.40 21.79
CA ARG E 279 -37.51 22.15 20.44
C ARG E 279 -36.52 22.62 19.39
N VAL E 280 -35.82 23.73 19.66
CA VAL E 280 -34.81 24.20 18.72
C VAL E 280 -33.66 23.21 18.61
N SER E 281 -33.21 22.67 19.76
CA SER E 281 -32.16 21.67 19.73
C SER E 281 -32.60 20.42 18.99
N LEU E 282 -33.84 19.99 19.18
CA LEU E 282 -34.34 18.83 18.46
C LEU E 282 -34.38 19.10 16.96
N GLY E 283 -34.78 20.30 16.57
CA GLY E 283 -34.83 20.62 15.14
C GLY E 283 -33.46 20.64 14.50
N ILE E 284 -32.48 21.27 15.15
CA ILE E 284 -31.17 21.44 14.53
C ILE E 284 -30.43 20.10 14.44
N THR E 285 -30.51 19.29 15.49
CA THR E 285 -29.75 18.03 15.51
C THR E 285 -30.23 17.09 14.41
N THR E 286 -31.55 17.01 14.20
CA THR E 286 -32.07 16.15 13.14
C THR E 286 -31.63 16.65 11.76
N VAL E 287 -31.64 17.97 11.56
CA VAL E 287 -31.23 18.53 10.28
C VAL E 287 -29.76 18.26 10.02
N LEU E 288 -28.90 18.47 11.02
CA LEU E 288 -27.47 18.22 10.84
C LEU E 288 -27.20 16.75 10.57
N THR E 289 -27.85 15.86 11.32
CA THR E 289 -27.63 14.43 11.13
C THR E 289 -28.07 14.00 9.73
N MET E 290 -29.18 14.55 9.24
CA MET E 290 -29.60 14.26 7.87
C MET E 290 -28.57 14.75 6.86
N THR E 291 -28.03 15.95 7.07
CA THR E 291 -27.03 16.49 6.14
C THR E 291 -25.78 15.63 6.11
N THR E 292 -25.30 15.22 7.28
CA THR E 292 -24.10 14.38 7.33
C THR E 292 -24.36 13.02 6.68
N LEU E 293 -25.55 12.46 6.90
CA LEU E 293 -25.88 11.17 6.30
C LEU E 293 -25.89 11.25 4.77
N MET E 294 -26.42 12.34 4.22
CA MET E 294 -26.40 12.51 2.77
C MET E 294 -24.98 12.58 2.22
N VAL E 295 -24.11 13.33 2.91
CA VAL E 295 -22.72 13.44 2.47
C VAL E 295 -22.03 12.08 2.55
N SER E 296 -22.23 11.37 3.67
CA SER E 296 -21.60 10.07 3.85
C SER E 296 -22.11 9.05 2.83
N ALA E 297 -23.42 9.06 2.55
CA ALA E 297 -23.98 8.09 1.63
C ALA E 297 -23.42 8.25 0.23
N ARG E 298 -23.30 9.49 -0.25
CA ARG E 298 -22.75 9.70 -1.59
C ARG E 298 -21.24 9.46 -1.62
N SER E 299 -20.56 9.61 -0.49
CA SER E 299 -19.13 9.37 -0.44
C SER E 299 -18.79 7.89 -0.65
N SER E 300 -19.76 6.99 -0.46
CA SER E 300 -19.51 5.58 -0.71
C SER E 300 -19.16 5.34 -2.17
N LEU E 301 -19.85 6.03 -3.08
CA LEU E 301 -19.53 6.00 -4.51
C LEU E 301 -19.01 7.38 -4.89
N PRO E 302 -17.68 7.61 -4.82
CA PRO E 302 -17.17 8.96 -5.08
C PRO E 302 -17.46 9.47 -6.48
N ARG E 303 -17.17 8.67 -7.50
CA ARG E 303 -17.43 9.07 -8.89
C ARG E 303 -18.81 8.55 -9.31
N ALA E 304 -19.83 9.13 -8.70
CA ALA E 304 -21.23 8.80 -8.99
C ALA E 304 -21.98 10.11 -9.23
N SER E 305 -21.95 10.57 -10.49
CA SER E 305 -22.67 11.79 -10.87
C SER E 305 -24.04 11.43 -11.44
N ALA E 306 -24.83 10.74 -10.61
CA ALA E 306 -26.16 10.30 -10.99
C ALA E 306 -27.09 10.43 -9.79
N ILE E 307 -28.39 10.53 -10.07
CA ILE E 307 -29.40 10.66 -9.03
C ILE E 307 -29.86 9.25 -8.67
N LYS E 308 -29.40 8.76 -7.52
CA LYS E 308 -29.78 7.45 -7.03
C LYS E 308 -31.08 7.54 -6.23
N ALA E 309 -31.84 6.44 -6.21
CA ALA E 309 -33.08 6.42 -5.46
C ALA E 309 -32.84 6.64 -3.97
N LEU E 310 -31.70 6.18 -3.46
CA LEU E 310 -31.35 6.45 -2.07
C LEU E 310 -31.17 7.95 -1.84
N ASP E 311 -30.53 8.64 -2.78
CA ASP E 311 -30.35 10.09 -2.66
C ASP E 311 -31.69 10.81 -2.66
N VAL E 312 -32.62 10.35 -3.49
CA VAL E 312 -33.95 10.96 -3.52
C VAL E 312 -34.63 10.82 -2.17
N TYR E 313 -34.51 9.64 -1.55
CA TYR E 313 -35.13 9.42 -0.24
C TYR E 313 -34.55 10.35 0.81
N PHE E 314 -33.24 10.57 0.78
CA PHE E 314 -32.62 11.49 1.72
C PHE E 314 -33.13 12.92 1.53
N TRP E 315 -33.31 13.32 0.27
CA TRP E 315 -33.84 14.65 0.00
C TRP E 315 -35.25 14.82 0.55
N ILE E 316 -36.10 13.80 0.37
CA ILE E 316 -37.44 13.86 0.91
C ILE E 316 -37.42 13.93 2.43
N CYS E 317 -36.55 13.12 3.06
CA CYS E 317 -36.44 13.15 4.51
C CYS E 317 -35.92 14.49 5.00
N TYR E 318 -34.98 15.09 4.27
CA TYR E 318 -34.44 16.38 4.68
C TYR E 318 -35.49 17.47 4.64
N VAL E 319 -36.41 17.41 3.68
CA VAL E 319 -37.47 18.41 3.61
C VAL E 319 -38.35 18.35 4.86
N PHE E 320 -38.72 17.14 5.28
CA PHE E 320 -39.60 17.00 6.44
C PHE E 320 -38.93 17.48 7.72
N VAL E 321 -37.66 17.12 7.94
CA VAL E 321 -36.98 17.53 9.17
C VAL E 321 -36.74 19.04 9.16
N PHE E 322 -36.46 19.61 7.99
CA PHE E 322 -36.27 21.06 7.90
C PHE E 322 -37.60 21.79 8.08
N ALA E 323 -38.68 21.21 7.56
CA ALA E 323 -40.00 21.83 7.72
C ALA E 323 -40.46 21.83 9.16
N ALA E 324 -40.10 20.78 9.92
CA ALA E 324 -40.50 20.72 11.32
C ALA E 324 -39.92 21.87 12.13
N LEU E 325 -38.65 22.20 11.91
CA LEU E 325 -38.05 23.34 12.58
C LEU E 325 -38.70 24.65 12.12
N VAL E 326 -39.01 24.76 10.83
CA VAL E 326 -39.73 25.92 10.33
C VAL E 326 -41.12 25.99 10.94
N GLU E 327 -41.75 24.83 11.15
CA GLU E 327 -43.09 24.80 11.74
C GLU E 327 -43.07 25.40 13.14
N TYR E 328 -42.06 25.05 13.95
CA TYR E 328 -41.97 25.64 15.29
C TYR E 328 -41.58 27.10 15.22
N ALA E 329 -40.75 27.48 14.26
CA ALA E 329 -40.36 28.89 14.11
C ALA E 329 -41.58 29.76 13.81
N PHE E 330 -42.48 29.27 12.97
CA PHE E 330 -43.72 30.00 12.71
C PHE E 330 -44.57 30.09 13.97
N ALA E 331 -44.64 29.02 14.75
CA ALA E 331 -45.39 29.04 16.00
C ALA E 331 -44.77 30.01 17.00
N HIS E 332 -43.43 30.00 17.10
CA HIS E 332 -42.76 30.93 18.02
C HIS E 332 -42.94 32.37 17.56
N PHE E 333 -42.87 32.62 16.26
CA PHE E 333 -43.05 33.98 15.76
C PHE E 333 -44.46 34.48 16.00
N ASN E 334 -45.46 33.61 15.84
CA ASN E 334 -46.84 33.99 16.12
C ASN E 334 -47.03 34.33 17.59
N ALA E 335 -46.37 33.58 18.49
CA ALA E 335 -46.43 33.91 19.90
C ALA E 335 -45.81 35.28 20.18
N ASP E 336 -44.72 35.59 19.51
CA ASP E 336 -44.08 36.90 19.65
C ASP E 336 -44.94 38.00 19.05
N ALA E 424 -51.37 29.54 17.09
CA ALA E 424 -50.10 28.90 17.37
C ALA E 424 -50.30 27.51 17.96
N ASP E 425 -51.17 27.43 18.96
CA ASP E 425 -51.47 26.14 19.59
C ASP E 425 -52.16 25.21 18.60
N THR E 426 -53.03 25.75 17.75
CA THR E 426 -53.68 24.93 16.73
C THR E 426 -52.67 24.39 15.72
N ILE E 427 -51.65 25.17 15.39
CA ILE E 427 -50.65 24.76 14.41
C ILE E 427 -49.95 23.48 14.87
N ASP E 428 -49.57 23.43 16.15
CA ASP E 428 -48.90 22.24 16.68
C ASP E 428 -49.81 21.02 16.62
N ILE E 429 -51.09 21.19 16.97
CA ILE E 429 -52.02 20.08 16.93
C ILE E 429 -52.23 19.60 15.49
N TYR E 430 -52.39 20.54 14.55
CA TYR E 430 -52.53 20.16 13.15
C TYR E 430 -51.27 19.47 12.64
N ALA E 431 -50.10 19.98 13.02
CA ALA E 431 -48.86 19.38 12.56
C ALA E 431 -48.68 17.96 13.10
N ARG E 432 -49.25 17.65 14.26
CA ARG E 432 -49.15 16.30 14.80
C ARG E 432 -49.83 15.28 13.90
N ALA E 433 -50.81 15.72 13.10
CA ALA E 433 -51.50 14.82 12.18
C ALA E 433 -51.06 15.01 10.74
N VAL E 434 -50.73 16.22 10.32
CA VAL E 434 -50.35 16.47 8.93
C VAL E 434 -49.02 15.82 8.61
N PHE E 435 -48.02 16.03 9.48
CA PHE E 435 -46.67 15.54 9.18
C PHE E 435 -46.59 14.03 9.07
N PRO E 436 -47.09 13.22 10.03
CA PRO E 436 -47.03 11.77 9.82
C PRO E 436 -47.83 11.30 8.62
N ALA E 437 -48.95 11.95 8.32
CA ALA E 437 -49.75 11.54 7.17
C ALA E 437 -49.05 11.90 5.86
N ALA E 438 -48.45 13.08 5.78
CA ALA E 438 -47.77 13.49 4.55
C ALA E 438 -46.56 12.60 4.28
N PHE E 439 -45.80 12.26 5.32
CA PHE E 439 -44.63 11.41 5.14
C PHE E 439 -45.04 10.02 4.69
N ALA E 440 -46.11 9.47 5.26
CA ALA E 440 -46.57 8.16 4.84
C ALA E 440 -47.01 8.16 3.38
N ALA E 441 -47.68 9.23 2.95
CA ALA E 441 -48.16 9.30 1.57
C ALA E 441 -47.00 9.36 0.59
N VAL E 442 -46.00 10.20 0.87
CA VAL E 442 -44.87 10.32 -0.05
C VAL E 442 -44.02 9.04 -0.03
N ASN E 443 -43.99 8.34 1.11
CA ASN E 443 -43.30 7.05 1.15
C ASN E 443 -43.96 6.06 0.20
N VAL E 444 -45.29 6.02 0.18
CA VAL E 444 -45.99 5.11 -0.72
C VAL E 444 -45.65 5.43 -2.17
N ILE E 445 -45.61 6.72 -2.52
CA ILE E 445 -45.25 7.12 -3.88
C ILE E 445 -43.81 6.69 -4.19
N TYR E 446 -42.89 6.92 -3.26
CA TYR E 446 -41.49 6.57 -3.48
C TYR E 446 -41.31 5.07 -3.67
N TRP E 447 -41.91 4.27 -2.79
CA TRP E 447 -41.72 2.82 -2.85
C TRP E 447 -42.42 2.21 -4.06
N ALA E 448 -43.61 2.73 -4.40
CA ALA E 448 -44.35 2.17 -5.53
C ALA E 448 -43.61 2.39 -6.85
N ALA E 449 -43.02 3.57 -7.04
CA ALA E 449 -42.39 3.89 -8.31
C ALA E 449 -41.15 3.05 -8.55
N TYR E 450 -40.26 2.95 -7.54
CA TYR E 450 -39.00 2.26 -7.75
C TYR E 450 -39.14 0.73 -7.69
N ALA E 451 -40.11 0.22 -6.94
CA ALA E 451 -40.31 -1.23 -6.88
C ALA E 451 -41.03 -1.72 -8.12
N GLN F 1 13.40 -16.96 28.42
CA GLN F 1 13.65 -17.45 29.77
C GLN F 1 12.36 -17.95 30.40
N VAL F 2 12.17 -19.27 30.40
CA VAL F 2 10.98 -19.90 30.95
C VAL F 2 11.41 -20.95 31.96
N GLN F 3 10.79 -20.95 33.13
CA GLN F 3 11.06 -21.91 34.19
C GLN F 3 9.87 -22.86 34.30
N LEU F 4 10.15 -24.16 34.35
CA LEU F 4 9.11 -25.19 34.38
C LEU F 4 9.27 -26.04 35.63
N VAL F 5 8.19 -26.18 36.38
CA VAL F 5 8.13 -27.05 37.55
C VAL F 5 6.94 -27.98 37.39
N GLU F 6 7.16 -29.28 37.55
CA GLU F 6 6.11 -30.27 37.40
C GLU F 6 5.95 -31.07 38.69
N SER F 7 4.73 -31.50 38.95
CA SER F 7 4.41 -32.24 40.17
C SER F 7 3.16 -33.08 39.93
N GLY F 8 2.94 -34.03 40.84
CA GLY F 8 1.77 -34.88 40.77
C GLY F 8 2.07 -36.27 40.25
N GLY F 9 3.20 -36.83 40.64
CA GLY F 9 3.59 -38.15 40.19
C GLY F 9 3.25 -39.25 41.18
N GLY F 10 4.27 -39.79 41.85
CA GLY F 10 4.06 -40.84 42.82
C GLY F 10 3.96 -42.21 42.19
N LEU F 11 3.66 -43.18 43.04
CA LEU F 11 3.54 -44.58 42.63
C LEU F 11 2.13 -45.07 42.90
N VAL F 12 1.51 -45.69 41.90
CA VAL F 12 0.17 -46.24 42.02
C VAL F 12 0.18 -47.66 41.44
N GLN F 13 -0.91 -48.38 41.70
CA GLN F 13 -1.04 -49.74 41.19
C GLN F 13 -1.30 -49.75 39.69
N GLY F 14 -6.02 -47.12 37.32
CA GLY F 14 -6.08 -45.92 38.11
C GLY F 14 -5.98 -44.65 37.29
N SER F 15 -6.31 -43.51 37.92
CA SER F 15 -6.26 -42.21 37.27
C SER F 15 -5.28 -41.31 37.99
N LEU F 16 -4.40 -40.65 37.24
CA LEU F 16 -3.42 -39.73 37.78
C LEU F 16 -3.41 -38.46 36.94
N ARG F 17 -3.10 -37.34 37.59
CA ARG F 17 -3.08 -36.04 36.94
C ARG F 17 -1.76 -35.34 37.23
N LEU F 18 -0.85 -35.36 36.26
CA LEU F 18 0.36 -34.57 36.35
C LEU F 18 0.04 -33.10 36.07
N SER F 19 0.96 -32.23 36.48
CA SER F 19 0.81 -30.79 36.27
C SER F 19 2.18 -30.18 35.99
N CYS F 20 2.17 -29.03 35.34
CA CYS F 20 3.41 -28.33 35.01
C CYS F 20 3.14 -26.83 35.02
N ALA F 21 3.85 -26.12 35.90
CA ALA F 21 3.68 -24.68 36.05
C ALA F 21 4.81 -23.94 35.34
N ALA F 22 4.46 -22.91 34.57
CA ALA F 22 5.42 -22.15 33.79
C ALA F 22 5.49 -20.72 34.30
N SER F 23 6.65 -20.09 34.09
CA SER F 23 6.86 -18.71 34.50
C SER F 23 7.96 -18.12 33.64
N GLY F 24 7.79 -16.84 33.27
CA GLY F 24 8.77 -16.14 32.46
C GLY F 24 8.16 -15.63 31.16
N HIS F 25 8.99 -15.58 30.12
CA HIS F 25 8.56 -15.13 28.81
C HIS F 25 7.83 -16.26 28.08
N THR F 26 6.61 -16.52 28.54
CA THR F 26 5.81 -17.59 27.95
C THR F 26 5.26 -17.21 26.58
N PHE F 27 5.22 -15.91 26.26
CA PHE F 27 4.70 -15.50 24.96
C PHE F 27 5.57 -16.00 23.82
N ASN F 28 6.89 -15.94 23.99
CA ASN F 28 7.79 -16.42 22.96
C ASN F 28 7.80 -17.93 22.83
N TYR F 29 7.21 -18.64 23.79
CA TYR F 29 7.15 -20.11 23.77
C TYR F 29 5.71 -20.52 24.00
N PRO F 30 4.88 -20.43 22.95
CA PRO F 30 3.44 -20.70 23.12
C PRO F 30 3.07 -22.17 23.14
N ILE F 31 4.01 -23.08 22.96
CA ILE F 31 3.74 -24.51 22.86
C ILE F 31 4.40 -25.23 24.02
N MET F 32 3.61 -26.03 24.74
CA MET F 32 4.11 -26.86 25.83
C MET F 32 3.97 -28.32 25.43
N GLY F 33 5.02 -29.10 25.68
CA GLY F 33 5.05 -30.51 25.33
C GLY F 33 5.31 -31.38 26.53
N TRP F 34 4.86 -32.63 26.45
CA TRP F 34 5.08 -33.62 27.49
C TRP F 34 5.90 -34.76 26.91
N PHE F 35 6.94 -35.17 27.64
CA PHE F 35 7.83 -36.23 27.20
C PHE F 35 8.07 -37.20 28.34
N ARG F 36 8.28 -38.47 27.99
CA ARG F 36 8.64 -39.50 28.94
C ARG F 36 9.83 -40.29 28.40
N GLN F 37 10.69 -40.74 29.31
CA GLN F 37 11.91 -41.45 28.94
C GLN F 37 11.99 -42.73 29.75
N ALA F 38 11.78 -43.87 29.08
CA ALA F 38 11.96 -45.16 29.73
C ALA F 38 13.45 -45.43 29.95
N PRO F 39 13.79 -46.23 30.96
CA PRO F 39 15.20 -46.56 31.20
C PRO F 39 15.80 -47.28 30.00
N GLY F 40 16.85 -46.69 29.44
CA GLY F 40 17.51 -47.21 28.27
C GLY F 40 16.92 -46.75 26.96
N LYS F 41 15.62 -46.53 26.91
CA LYS F 41 14.96 -46.08 25.69
C LYS F 41 15.12 -44.57 25.52
N GLU F 42 15.04 -44.14 24.27
CA GLU F 42 15.12 -42.72 23.96
C GLU F 42 13.87 -42.00 24.46
N ARG F 43 14.01 -40.70 24.72
CA ARG F 43 12.90 -39.90 25.21
C ARG F 43 11.77 -39.90 24.19
N GLU F 44 10.55 -40.09 24.67
CA GLU F 44 9.39 -40.29 23.81
C GLU F 44 8.41 -39.13 23.97
N PHE F 45 7.89 -38.65 22.84
CA PHE F 45 6.89 -37.61 22.85
C PHE F 45 5.55 -38.17 23.33
N VAL F 46 4.89 -37.44 24.22
CA VAL F 46 3.59 -37.83 24.76
C VAL F 46 2.47 -36.98 24.18
N GLY F 47 2.53 -35.67 24.41
CA GLY F 47 1.51 -34.77 23.88
C GLY F 47 1.95 -33.34 24.00
N ALA F 48 1.34 -32.49 23.18
CA ALA F 48 1.67 -31.08 23.14
C ALA F 48 0.38 -30.27 23.09
N ILE F 49 0.44 -29.03 23.59
CA ILE F 49 -0.70 -28.14 23.60
C ILE F 49 -0.19 -26.71 23.54
N SER F 50 -0.97 -25.86 22.87
CA SER F 50 -0.64 -24.45 22.77
C SER F 50 -1.24 -23.69 23.96
N TRP F 51 -0.54 -22.64 24.39
CA TRP F 51 -1.05 -21.81 25.46
C TRP F 51 -2.34 -21.12 25.06
N SER F 52 -2.40 -20.61 23.84
CA SER F 52 -3.57 -19.89 23.33
C SER F 52 -4.28 -20.75 22.30
N GLY F 53 -5.59 -20.91 22.49
CA GLY F 53 -6.43 -21.69 21.60
C GLY F 53 -6.67 -23.11 22.05
N GLY F 54 -5.83 -23.65 22.93
CA GLY F 54 -6.05 -24.99 23.44
C GLY F 54 -5.91 -26.11 22.44
N SER F 55 -5.29 -25.84 21.28
CA SER F 55 -5.05 -26.90 20.31
C SER F 55 -4.07 -27.91 20.88
N THR F 56 -4.39 -29.19 20.71
CA THR F 56 -3.63 -30.26 21.34
C THR F 56 -3.35 -31.38 20.34
N SER F 57 -2.26 -32.11 20.59
CA SER F 57 -1.88 -33.27 19.82
C SER F 57 -1.40 -34.36 20.77
N TYR F 58 -1.55 -35.61 20.35
CA TYR F 58 -1.20 -36.74 21.19
C TYR F 58 -0.52 -37.81 20.35
N ALA F 59 0.26 -38.65 21.03
CA ALA F 59 0.85 -39.81 20.39
C ALA F 59 -0.17 -40.94 20.30
N ASP F 60 0.10 -41.90 19.41
CA ASP F 60 -0.82 -43.01 19.21
C ASP F 60 -0.94 -43.88 20.46
N SER F 61 0.17 -44.10 21.16
CA SER F 61 0.15 -44.96 22.33
C SER F 61 -0.74 -44.39 23.43
N VAL F 62 -0.68 -43.08 23.64
CA VAL F 62 -1.44 -42.42 24.70
C VAL F 62 -2.73 -41.80 24.18
N LYS F 63 -3.06 -42.02 22.91
CA LYS F 63 -4.29 -41.47 22.36
C LYS F 63 -5.51 -42.12 23.02
N ASP F 64 -6.52 -41.30 23.28
CA ASP F 64 -7.78 -41.70 23.92
C ASP F 64 -7.61 -42.17 25.36
N ARG F 65 -6.40 -42.05 25.91
CA ARG F 65 -6.15 -42.38 27.31
C ARG F 65 -5.66 -41.20 28.13
N PHE F 66 -4.78 -40.38 27.57
CA PHE F 66 -4.27 -39.20 28.25
C PHE F 66 -4.93 -37.95 27.68
N THR F 67 -5.24 -37.00 28.55
CA THR F 67 -5.83 -35.73 28.15
C THR F 67 -4.97 -34.59 28.68
N ILE F 68 -4.75 -33.58 27.84
CA ILE F 68 -3.90 -32.45 28.18
C ILE F 68 -4.72 -31.17 28.04
N SER F 69 -4.68 -30.32 29.07
CA SER F 69 -5.33 -29.03 29.04
C SER F 69 -4.56 -28.08 29.95
N ARG F 70 -4.78 -26.78 29.73
CA ARG F 70 -4.04 -25.77 30.46
C ARG F 70 -4.98 -24.64 30.88
N ASP F 71 -4.57 -23.92 31.92
CA ASP F 71 -5.26 -22.71 32.37
C ASP F 71 -4.25 -21.57 32.39
N ASN F 72 -4.54 -20.49 31.66
CA ASN F 72 -3.60 -19.40 31.53
C ASN F 72 -3.53 -18.54 32.79
N ALA F 73 -4.54 -18.62 33.66
CA ALA F 73 -4.50 -17.84 34.90
C ALA F 73 -3.34 -18.27 35.79
N LYS F 74 -3.15 -19.56 35.95
CA LYS F 74 -2.04 -20.09 36.75
C LYS F 74 -0.80 -20.39 35.93
N ASN F 75 -0.86 -20.22 34.61
CA ASN F 75 0.24 -20.59 33.72
C ASN F 75 0.66 -22.04 33.93
N THR F 76 -0.33 -22.91 34.05
CA THR F 76 -0.12 -24.31 34.37
C THR F 76 -0.67 -25.19 33.26
N VAL F 77 0.12 -26.20 32.86
CA VAL F 77 -0.30 -27.22 31.93
C VAL F 77 -0.32 -28.55 32.67
N TYR F 78 -1.45 -29.25 32.63
CA TYR F 78 -1.63 -30.48 33.37
C TYR F 78 -1.94 -31.63 32.43
N LEU F 79 -1.31 -32.77 32.69
CA LEU F 79 -1.51 -33.99 31.92
C LEU F 79 -2.28 -34.99 32.77
N GLU F 80 -3.48 -35.33 32.33
CA GLU F 80 -4.34 -36.26 33.05
C GLU F 80 -4.14 -37.65 32.48
N MET F 81 -3.51 -38.53 33.26
CA MET F 81 -3.20 -39.89 32.82
C MET F 81 -4.26 -40.83 33.40
N ASN F 82 -5.13 -41.35 32.53
CA ASN F 82 -6.18 -42.27 32.93
C ASN F 82 -5.98 -43.60 32.23
N ASN F 83 -6.49 -44.67 32.85
CA ASN F 83 -6.34 -46.04 32.36
C ASN F 83 -4.86 -46.39 32.17
N LEU F 84 -4.14 -46.35 33.28
CA LEU F 84 -2.70 -46.58 33.25
C LEU F 84 -2.38 -48.03 32.90
N LYS F 85 -1.20 -48.22 32.31
CA LYS F 85 -0.70 -49.52 31.89
C LYS F 85 0.73 -49.67 32.38
N PRO F 86 1.21 -50.91 32.53
CA PRO F 86 2.61 -51.10 32.94
C PRO F 86 3.61 -50.53 31.96
N GLU F 87 3.23 -50.34 30.70
CA GLU F 87 4.12 -49.70 29.74
C GLU F 87 4.34 -48.23 30.03
N ASP F 88 3.48 -47.62 30.84
CA ASP F 88 3.59 -46.20 31.17
C ASP F 88 4.46 -45.99 32.41
N THR F 89 5.67 -46.53 32.39
CA THR F 89 6.63 -46.39 33.48
C THR F 89 7.86 -45.69 32.95
N ALA F 90 7.92 -44.37 33.13
CA ALA F 90 9.02 -43.57 32.63
C ALA F 90 9.05 -42.24 33.39
N VAL F 91 10.14 -41.52 33.20
CA VAL F 91 10.30 -40.19 33.81
C VAL F 91 9.61 -39.17 32.91
N TYR F 92 8.60 -38.50 33.45
CA TYR F 92 7.80 -37.55 32.67
C TYR F 92 8.37 -36.15 32.81
N TYR F 93 8.71 -35.53 31.68
CA TYR F 93 9.28 -34.19 31.65
C TYR F 93 8.27 -33.22 31.06
N CYS F 94 8.52 -31.93 31.30
CA CYS F 94 7.71 -30.84 30.77
C CYS F 94 8.64 -29.89 30.01
N ALA F 95 8.23 -29.52 28.79
CA ALA F 95 9.09 -28.73 27.92
C ALA F 95 8.29 -27.64 27.23
N ALA F 96 9.00 -26.61 26.77
CA ALA F 96 8.43 -25.50 26.03
C ALA F 96 9.17 -25.33 24.72
N LYS F 97 8.46 -24.93 23.68
CA LYS F 97 9.00 -24.82 22.33
C LYS F 97 8.79 -23.42 21.78
N GLY F 98 9.75 -22.96 20.99
CA GLY F 98 9.64 -21.66 20.36
C GLY F 98 8.63 -21.65 19.23
N ARG F 99 8.33 -20.45 18.75
CA ARG F 99 7.31 -20.29 17.72
C ARG F 99 7.74 -20.92 16.41
N TYR F 100 9.01 -20.76 16.02
CA TYR F 100 9.52 -21.28 14.77
C TYR F 100 10.57 -22.37 15.00
N SER F 101 10.35 -23.21 16.00
CA SER F 101 11.32 -24.23 16.39
C SER F 101 11.07 -25.58 15.73
N GLY F 102 10.04 -25.71 14.90
CA GLY F 102 9.85 -26.95 14.16
C GLY F 102 8.77 -27.86 14.69
N GLY F 103 8.92 -29.16 14.44
CA GLY F 103 7.88 -30.11 14.80
C GLY F 103 7.76 -30.33 16.29
N LEU F 104 6.57 -30.80 16.69
CA LEU F 104 6.29 -31.03 18.09
C LEU F 104 6.94 -32.32 18.61
N TYR F 105 7.01 -33.34 17.76
CA TYR F 105 7.37 -34.68 18.22
C TYR F 105 8.85 -34.83 18.54
N TYR F 106 9.68 -33.84 18.24
CA TYR F 106 11.12 -33.97 18.38
C TYR F 106 11.59 -33.19 19.61
N PRO F 107 12.12 -33.86 20.63
CA PRO F 107 12.49 -33.16 21.86
C PRO F 107 13.58 -32.12 21.67
N THR F 108 14.47 -32.31 20.69
CA THR F 108 15.57 -31.38 20.51
C THR F 108 15.11 -29.99 20.09
N ASN F 109 13.88 -29.86 19.59
CA ASN F 109 13.36 -28.56 19.22
C ASN F 109 12.94 -27.72 20.42
N TYR F 110 12.74 -28.35 21.58
CA TYR F 110 12.33 -27.66 22.78
C TYR F 110 13.55 -27.11 23.51
N ASP F 111 13.41 -25.90 24.06
CA ASP F 111 14.52 -25.20 24.69
C ASP F 111 14.58 -25.40 26.20
N TYR F 112 13.47 -25.18 26.89
CA TYR F 112 13.43 -25.25 28.35
C TYR F 112 12.72 -26.51 28.80
N TRP F 113 13.30 -27.20 29.78
CA TRP F 113 12.79 -28.47 30.27
C TRP F 113 12.60 -28.42 31.78
N GLY F 114 11.69 -29.25 32.28
CA GLY F 114 11.49 -29.40 33.70
C GLY F 114 12.44 -30.41 34.32
N GLN F 115 12.27 -30.62 35.62
CA GLN F 115 13.13 -31.56 36.34
C GLN F 115 12.85 -33.00 35.91
N GLY F 116 11.58 -33.38 35.87
CA GLY F 116 11.20 -34.74 35.51
C GLY F 116 10.72 -35.55 36.68
N THR F 117 9.53 -36.13 36.56
CA THR F 117 8.92 -36.92 37.62
C THR F 117 8.91 -38.39 37.23
N GLN F 118 9.33 -39.25 38.14
CA GLN F 118 9.35 -40.69 37.90
C GLN F 118 8.01 -41.29 38.30
N VAL F 119 7.41 -42.03 37.39
CA VAL F 119 6.12 -42.69 37.61
C VAL F 119 6.28 -44.18 37.34
N THR F 120 5.90 -45.00 38.30
CA THR F 120 5.97 -46.45 38.18
C THR F 120 4.65 -47.05 38.63
N VAL F 121 4.14 -47.99 37.84
CA VAL F 121 2.88 -48.66 38.18
C VAL F 121 3.08 -50.17 38.26
N GLN G 1 26.52 20.73 7.02
CA GLN G 1 27.42 21.60 7.75
C GLN G 1 27.30 21.37 9.25
N VAL G 2 28.26 20.62 9.80
CA VAL G 2 28.28 20.27 11.22
C VAL G 2 29.63 20.67 11.79
N GLN G 3 29.61 21.35 12.94
CA GLN G 3 30.81 21.77 13.63
C GLN G 3 30.97 20.93 14.89
N LEU G 4 32.18 20.41 15.11
CA LEU G 4 32.46 19.51 16.23
C LEU G 4 33.57 20.09 17.09
N VAL G 5 33.31 20.20 18.39
CA VAL G 5 34.30 20.63 19.36
C VAL G 5 34.36 19.59 20.47
N GLU G 6 35.57 19.13 20.79
CA GLU G 6 35.76 18.11 21.82
C GLU G 6 36.66 18.64 22.92
N SER G 7 36.43 18.17 24.13
CA SER G 7 37.19 18.61 25.30
C SER G 7 37.13 17.54 26.37
N GLY G 8 38.02 17.66 27.34
CA GLY G 8 38.05 16.74 28.46
C GLY G 8 39.18 15.72 28.38
N GLY G 9 40.34 16.16 27.91
CA GLY G 9 41.48 15.27 27.77
C GLY G 9 42.45 15.35 28.93
N GLY G 10 43.60 15.97 28.71
CA GLY G 10 44.61 16.11 29.74
C GLY G 10 45.47 14.87 29.88
N LEU G 11 46.33 14.92 30.89
CA LEU G 11 47.27 13.84 31.18
C LEU G 11 46.98 13.28 32.57
N VAL G 12 46.87 11.96 32.66
CA VAL G 12 46.63 11.25 33.91
C VAL G 12 47.61 10.09 34.01
N GLN G 13 47.67 9.52 35.21
CA GLN G 13 48.55 8.38 35.45
C GLN G 13 48.02 7.11 34.80
N GLY G 14 42.74 4.87 36.21
CA GLY G 14 41.96 6.09 36.33
C GLY G 14 40.77 6.14 35.40
N SER G 15 39.87 7.08 35.65
CA SER G 15 38.67 7.27 34.84
C SER G 15 38.67 8.66 34.23
N LEU G 16 38.40 8.73 32.93
CA LEU G 16 38.34 10.00 32.20
C LEU G 16 37.10 10.02 31.32
N ARG G 17 36.55 11.20 31.12
CA ARG G 17 35.33 11.37 30.32
C ARG G 17 35.56 12.45 29.27
N LEU G 18 35.80 12.03 28.03
CA LEU G 18 35.83 12.96 26.91
C LEU G 18 34.41 13.38 26.54
N SER G 19 34.31 14.49 25.81
CA SER G 19 33.03 15.00 25.35
C SER G 19 33.20 15.61 23.97
N CYS G 20 32.09 15.69 23.24
CA CYS G 20 32.10 16.27 21.90
C CYS G 20 30.77 16.94 21.65
N ALA G 21 30.81 18.25 21.39
CA ALA G 21 29.61 19.03 21.16
C ALA G 21 29.44 19.28 19.66
N ALA G 22 28.21 19.10 19.18
CA ALA G 22 27.89 19.24 17.76
C ALA G 22 26.93 20.40 17.55
N SER G 23 26.99 20.99 16.36
CA SER G 23 26.11 22.10 16.01
C SER G 23 25.98 22.16 14.49
N GLY G 24 24.78 22.45 14.01
CA GLY G 24 24.51 22.55 12.59
C GLY G 24 23.42 21.57 12.16
N HIS G 25 23.53 21.11 10.91
CA HIS G 25 22.57 20.17 10.34
C HIS G 25 22.90 18.76 10.84
N THR G 26 22.59 18.53 12.12
CA THR G 26 22.85 17.23 12.72
C THR G 26 21.88 16.16 12.24
N PHE G 27 20.73 16.56 11.68
CA PHE G 27 19.75 15.57 11.21
C PHE G 27 20.30 14.76 10.05
N ASN G 28 21.01 15.41 9.12
CA ASN G 28 21.59 14.70 7.98
C ASN G 28 22.77 13.83 8.39
N TYR G 29 23.29 13.98 9.60
CA TYR G 29 24.42 13.20 10.08
C TYR G 29 24.04 12.61 11.44
N PRO G 30 23.24 11.54 11.45
CA PRO G 30 22.74 11.00 12.72
C PRO G 30 23.72 10.12 13.47
N ILE G 31 24.91 9.87 12.93
CA ILE G 31 25.87 8.95 13.53
C ILE G 31 27.12 9.73 13.91
N MET G 32 27.54 9.57 15.17
CA MET G 32 28.76 10.18 15.67
C MET G 32 29.75 9.07 16.00
N GLY G 33 31.01 9.25 15.59
CA GLY G 33 32.04 8.26 15.80
C GLY G 33 33.22 8.85 16.56
N TRP G 34 33.95 7.97 17.24
CA TRP G 34 35.16 8.35 17.97
C TRP G 34 36.34 7.62 17.38
N PHE G 35 37.42 8.36 17.12
CA PHE G 35 38.62 7.80 16.52
C PHE G 35 39.84 8.28 17.29
N ARG G 36 40.87 7.43 17.32
CA ARG G 36 42.15 7.76 17.91
C ARG G 36 43.27 7.38 16.95
N GLN G 37 44.33 8.17 16.96
CA GLN G 37 45.45 7.98 16.04
C GLN G 37 46.75 7.97 16.83
N ALA G 38 47.35 6.79 16.96
CA ALA G 38 48.66 6.70 17.60
C ALA G 38 49.74 7.28 16.68
N PRO G 39 50.83 7.78 17.24
CA PRO G 39 51.92 8.32 16.41
C PRO G 39 52.48 7.25 15.49
N GLY G 40 52.41 7.51 14.19
CA GLY G 40 52.87 6.59 13.18
C GLY G 40 51.82 5.59 12.74
N LYS G 41 50.93 5.17 13.64
CA LYS G 41 49.89 4.22 13.29
C LYS G 41 48.72 4.92 12.62
N GLU G 42 47.98 4.14 11.82
CA GLU G 42 46.80 4.66 11.15
C GLU G 42 45.70 4.95 12.16
N ARG G 43 44.82 5.89 11.80
CA ARG G 43 43.71 6.26 12.67
C ARG G 43 42.82 5.05 12.94
N GLU G 44 42.46 4.87 14.21
CA GLU G 44 41.77 3.68 14.67
C GLU G 44 40.36 4.03 15.15
N PHE G 45 39.39 3.21 14.73
CA PHE G 45 38.01 3.39 15.18
C PHE G 45 37.88 2.97 16.64
N VAL G 46 37.20 3.78 17.44
CA VAL G 46 36.97 3.52 18.85
C VAL G 46 35.52 3.09 19.10
N GLY G 47 34.57 3.96 18.79
CA GLY G 47 33.18 3.64 18.98
C GLY G 47 32.29 4.63 18.26
N ALA G 48 31.07 4.20 18.00
CA ALA G 48 30.10 5.03 17.30
C ALA G 48 28.74 4.92 17.99
N ILE G 49 27.94 5.97 17.84
CA ILE G 49 26.61 6.02 18.45
C ILE G 49 25.71 6.89 17.59
N SER G 50 24.45 6.52 17.52
CA SER G 50 23.45 7.29 16.79
C SER G 50 22.86 8.38 17.68
N TRP G 51 22.52 9.51 17.06
CA TRP G 51 21.88 10.59 17.81
C TRP G 51 20.53 10.15 18.35
N SER G 52 19.74 9.44 17.54
CA SER G 52 18.41 8.98 17.91
C SER G 52 18.44 7.48 18.15
N GLY G 53 17.92 7.05 19.29
CA GLY G 53 17.85 5.66 19.65
C GLY G 53 18.98 5.18 20.54
N GLY G 54 20.10 5.89 20.58
CA GLY G 54 21.19 5.52 21.45
C GLY G 54 21.88 4.23 21.11
N SER G 55 21.68 3.70 19.90
CA SER G 55 22.39 2.49 19.49
C SER G 55 23.87 2.77 19.39
N THR G 56 24.69 1.87 19.93
CA THR G 56 26.12 2.09 20.04
C THR G 56 26.88 0.85 19.59
N SER G 57 28.12 1.07 19.15
CA SER G 57 29.04 0.01 18.78
C SER G 57 30.42 0.36 19.28
N TYR G 58 31.23 -0.67 19.55
CA TYR G 58 32.56 -0.46 20.11
C TYR G 58 33.55 -1.41 19.44
N ALA G 59 34.82 -1.02 19.49
CA ALA G 59 35.89 -1.90 19.05
C ALA G 59 36.22 -2.93 20.13
N ASP G 60 36.89 -4.00 19.71
CA ASP G 60 37.23 -5.08 20.64
C ASP G 60 38.20 -4.60 21.71
N SER G 61 39.17 -3.76 21.33
CA SER G 61 40.17 -3.30 22.29
C SER G 61 39.53 -2.50 23.41
N VAL G 62 38.57 -1.63 23.08
CA VAL G 62 37.94 -0.76 24.06
C VAL G 62 36.61 -1.32 24.55
N LYS G 63 36.26 -2.54 24.15
CA LYS G 63 35.01 -3.14 24.60
C LYS G 63 35.06 -3.41 26.09
N ASP G 64 33.94 -3.16 26.76
CA ASP G 64 33.76 -3.35 28.21
C ASP G 64 34.63 -2.42 29.04
N ARG G 65 35.33 -1.47 28.41
CA ARG G 65 36.12 -0.47 29.13
C ARG G 65 35.66 0.95 28.85
N PHE G 66 35.32 1.27 27.60
CA PHE G 66 34.83 2.59 27.24
C PHE G 66 33.32 2.54 27.02
N THR G 67 32.64 3.59 27.46
CA THR G 67 31.20 3.72 27.29
C THR G 67 30.89 5.04 26.59
N ILE G 68 29.98 4.99 25.63
CA ILE G 68 29.61 6.15 24.82
C ILE G 68 28.12 6.39 24.97
N SER G 69 27.75 7.64 25.27
CA SER G 69 26.35 8.04 25.35
C SER G 69 26.25 9.52 24.99
N ARG G 70 25.04 9.93 24.63
CA ARG G 70 24.82 11.30 24.18
C ARG G 70 23.54 11.85 24.77
N ASP G 71 23.47 13.17 24.83
CA ASP G 71 22.26 13.89 25.23
C ASP G 71 21.89 14.86 24.12
N ASN G 72 20.67 14.74 23.60
CA ASN G 72 20.26 15.56 22.48
C ASN G 72 19.96 17.00 22.87
N ALA G 73 19.73 17.26 24.16
CA ALA G 73 19.46 18.62 24.60
C ALA G 73 20.66 19.53 24.36
N LYS G 74 21.86 19.06 24.70
CA LYS G 74 23.08 19.82 24.49
C LYS G 74 23.77 19.49 23.17
N ASN G 75 23.23 18.54 22.40
CA ASN G 75 23.86 18.07 21.17
C ASN G 75 25.30 17.65 21.43
N THR G 76 25.50 16.91 22.51
CA THR G 76 26.84 16.52 22.97
C THR G 76 26.94 15.01 23.02
N VAL G 77 28.05 14.47 22.51
CA VAL G 77 28.39 13.07 22.62
C VAL G 77 29.64 12.95 23.46
N TYR G 78 29.59 12.14 24.51
CA TYR G 78 30.68 12.02 25.46
C TYR G 78 31.17 10.58 25.52
N LEU G 79 32.50 10.43 25.53
CA LEU G 79 33.16 9.13 25.62
C LEU G 79 33.78 8.99 27.00
N GLU G 80 33.28 8.03 27.78
CA GLU G 80 33.77 7.79 29.13
C GLU G 80 34.83 6.71 29.08
N MET G 81 36.09 7.09 29.32
CA MET G 81 37.22 6.17 29.26
C MET G 81 37.56 5.74 30.68
N ASN G 82 37.28 4.48 31.00
CA ASN G 82 37.56 3.92 32.32
C ASN G 82 38.55 2.76 32.18
N ASN G 83 39.29 2.52 33.25
CA ASN G 83 40.32 1.47 33.28
C ASN G 83 41.34 1.70 32.16
N LEU G 84 42.01 2.85 32.23
CA LEU G 84 42.95 3.24 31.19
C LEU G 84 44.18 2.34 31.19
N LYS G 85 44.80 2.23 30.03
CA LYS G 85 45.99 1.42 29.80
C LYS G 85 47.01 2.25 29.04
N PRO G 86 48.30 1.91 29.15
CA PRO G 86 49.31 2.65 28.38
C PRO G 86 49.12 2.56 26.88
N GLU G 87 48.43 1.54 26.39
CA GLU G 87 48.12 1.44 24.97
C GLU G 87 47.14 2.52 24.51
N ASP G 88 46.41 3.13 25.45
CA ASP G 88 45.43 4.17 25.11
C ASP G 88 46.06 5.56 25.10
N THR G 89 47.14 5.71 24.32
CA THR G 89 47.84 6.99 24.18
C THR G 89 47.79 7.39 22.71
N ALA G 90 46.82 8.23 22.37
CA ALA G 90 46.62 8.67 20.99
C ALA G 90 45.80 9.95 20.99
N VAL G 91 45.74 10.58 19.83
CA VAL G 91 44.93 11.79 19.66
C VAL G 91 43.50 11.37 19.34
N TYR G 92 42.57 11.75 20.21
CA TYR G 92 41.18 11.34 20.08
C TYR G 92 40.39 12.39 19.29
N TYR G 93 39.77 11.96 18.20
CA TYR G 93 38.99 12.82 17.34
C TYR G 93 37.50 12.50 17.47
N CYS G 94 36.69 13.45 17.02
CA CYS G 94 35.23 13.29 16.98
C CYS G 94 34.76 13.53 15.55
N ALA G 95 33.90 12.64 15.05
CA ALA G 95 33.50 12.68 13.66
C ALA G 95 32.01 12.41 13.53
N ALA G 96 31.44 12.85 12.41
CA ALA G 96 30.04 12.63 12.08
C ALA G 96 29.94 11.99 10.71
N LYS G 97 28.95 11.12 10.54
CA LYS G 97 28.79 10.35 9.32
C LYS G 97 27.39 10.56 8.74
N GLY G 98 27.32 10.54 7.42
CA GLY G 98 26.05 10.68 6.73
C GLY G 98 25.20 9.44 6.84
N ARG G 99 23.94 9.58 6.44
CA ARG G 99 22.99 8.48 6.57
C ARG G 99 23.35 7.29 5.68
N TYR G 100 23.79 7.55 4.45
CA TYR G 100 24.14 6.51 3.50
C TYR G 100 25.63 6.52 3.18
N SER G 101 26.47 6.79 4.18
CA SER G 101 27.90 6.91 3.97
C SER G 101 28.67 5.62 4.21
N GLY G 102 28.00 4.53 4.55
CA GLY G 102 28.68 3.25 4.66
C GLY G 102 28.98 2.79 6.07
N GLY G 103 30.02 1.98 6.22
CA GLY G 103 30.34 1.39 7.50
C GLY G 103 30.85 2.38 8.52
N LEU G 104 30.70 2.00 9.79
CA LEU G 104 31.13 2.87 10.89
C LEU G 104 32.64 2.84 11.09
N TYR G 105 33.27 1.69 10.86
CA TYR G 105 34.66 1.49 11.26
C TYR G 105 35.66 2.21 10.36
N TYR G 106 35.22 2.79 9.26
CA TYR G 106 36.13 3.37 8.28
C TYR G 106 36.10 4.89 8.38
N PRO G 107 37.20 5.53 8.78
CA PRO G 107 37.18 6.99 8.98
C PRO G 107 36.88 7.79 7.73
N THR G 108 37.24 7.26 6.55
CA THR G 108 37.03 8.00 5.32
C THR G 108 35.56 8.22 5.00
N ASN G 109 34.66 7.45 5.61
CA ASN G 109 33.23 7.63 5.39
C ASN G 109 32.68 8.84 6.14
N TYR G 110 33.39 9.33 7.14
CA TYR G 110 32.94 10.47 7.93
C TYR G 110 33.36 11.77 7.25
N ASP G 111 32.47 12.76 7.29
CA ASP G 111 32.68 14.03 6.59
C ASP G 111 33.29 15.10 7.47
N TYR G 112 32.72 15.35 8.64
CA TYR G 112 33.15 16.42 9.52
C TYR G 112 33.90 15.85 10.71
N TRP G 113 35.03 16.48 11.05
CA TRP G 113 35.91 16.01 12.11
C TRP G 113 36.18 17.14 13.09
N GLY G 114 36.50 16.76 14.33
CA GLY G 114 36.90 17.70 15.34
C GLY G 114 38.39 18.00 15.29
N GLN G 115 38.83 18.85 16.23
CA GLN G 115 40.23 19.24 16.28
C GLN G 115 41.11 18.06 16.69
N GLY G 116 40.73 17.35 17.75
CA GLY G 116 41.52 16.25 18.24
C GLY G 116 42.23 16.55 19.54
N THR G 117 42.03 15.72 20.55
CA THR G 117 42.64 15.91 21.86
C THR G 117 43.69 14.84 22.10
N GLN G 118 44.86 15.26 22.57
CA GLN G 118 45.95 14.35 22.87
C GLN G 118 45.84 13.86 24.30
N VAL G 119 45.84 12.53 24.47
CA VAL G 119 45.75 11.90 25.78
C VAL G 119 46.94 10.98 25.95
N THR G 120 47.67 11.16 27.06
CA THR G 120 48.84 10.35 27.37
C THR G 120 48.73 9.89 28.82
N VAL G 121 49.00 8.60 29.07
CA VAL G 121 48.95 8.05 30.40
C VAL G 121 50.28 7.41 30.77
N GLN H 1 -2.71 28.59 -26.71
CA GLN H 1 -2.73 29.95 -27.23
C GLN H 1 -2.18 30.94 -26.22
N VAL H 2 -0.93 31.33 -26.40
CA VAL H 2 -0.24 32.26 -25.49
C VAL H 2 0.31 33.41 -26.31
N GLN H 3 0.07 34.63 -25.86
CA GLN H 3 0.57 35.84 -26.50
C GLN H 3 1.67 36.44 -25.64
N LEU H 4 2.80 36.79 -26.28
CA LEU H 4 3.97 37.30 -25.57
C LEU H 4 4.33 38.67 -26.10
N VAL H 5 4.47 39.63 -25.19
CA VAL H 5 4.92 40.99 -25.52
C VAL H 5 6.08 41.33 -24.61
N GLU H 6 7.18 41.78 -25.19
CA GLU H 6 8.38 42.13 -24.45
C GLU H 6 8.75 43.59 -24.66
N SER H 7 9.34 44.19 -23.64
CA SER H 7 9.70 45.60 -23.69
C SER H 7 10.83 45.86 -22.70
N GLY H 8 11.47 47.01 -22.86
CA GLY H 8 12.54 47.41 -21.96
C GLY H 8 13.92 47.24 -22.56
N GLY H 9 14.07 47.54 -23.84
CA GLY H 9 15.34 47.40 -24.52
C GLY H 9 16.11 48.70 -24.62
N GLY H 10 16.16 49.28 -25.82
CA GLY H 10 16.87 50.52 -26.02
C GLY H 10 18.36 50.32 -26.22
N LEU H 11 19.07 51.45 -26.31
CA LEU H 11 20.50 51.47 -26.52
C LEU H 11 21.18 52.14 -25.34
N VAL H 12 22.22 51.49 -24.80
CA VAL H 12 22.99 52.00 -23.69
C VAL H 12 24.47 51.85 -24.00
N GLN H 13 25.31 52.50 -23.20
CA GLN H 13 26.74 52.43 -23.38
C GLN H 13 27.29 51.07 -22.96
N GLY H 14 26.67 49.03 -17.46
CA GLY H 14 25.31 49.47 -17.16
C GLY H 14 24.39 48.33 -16.81
N SER H 15 23.22 48.66 -16.27
CA SER H 15 22.20 47.69 -15.87
C SER H 15 20.93 47.94 -16.66
N LEU H 16 20.37 46.87 -17.21
CA LEU H 16 19.13 46.94 -17.97
C LEU H 16 18.22 45.79 -17.54
N ARG H 17 16.90 46.04 -17.60
CA ARG H 17 15.91 45.06 -17.19
C ARG H 17 14.87 44.89 -18.30
N LEU H 18 14.99 43.81 -19.06
CA LEU H 18 13.96 43.43 -20.01
C LEU H 18 12.77 42.83 -19.27
N SER H 19 11.63 42.80 -19.95
CA SER H 19 10.41 42.24 -19.39
C SER H 19 9.63 41.54 -20.50
N CYS H 20 8.77 40.61 -20.11
CA CYS H 20 7.95 39.86 -21.06
C CYS H 20 6.63 39.52 -20.39
N ALA H 21 5.53 40.01 -20.98
CA ALA H 21 4.20 39.79 -20.43
C ALA H 21 3.49 38.70 -21.23
N ALA H 22 2.85 37.77 -20.53
CA ALA H 22 2.19 36.64 -21.14
C ALA H 22 0.68 36.71 -20.88
N SER H 23 -0.08 36.11 -21.79
CA SER H 23 -1.53 36.08 -21.66
C SER H 23 -2.06 34.89 -22.45
N GLY H 24 -3.08 34.22 -21.90
CA GLY H 24 -3.69 33.08 -22.54
C GLY H 24 -3.61 31.84 -21.66
N HIS H 25 -3.52 30.67 -22.32
CA HIS H 25 -3.43 29.40 -21.63
C HIS H 25 -1.99 29.17 -21.16
N THR H 26 -1.62 29.92 -20.11
CA THR H 26 -0.28 29.81 -19.57
C THR H 26 -0.07 28.53 -18.78
N PHE H 27 -1.15 27.88 -18.35
CA PHE H 27 -1.01 26.64 -17.58
C PHE H 27 -0.38 25.54 -18.42
N ASN H 28 -0.79 25.41 -19.68
CA ASN H 28 -0.23 24.39 -20.57
C ASN H 28 1.21 24.69 -20.96
N TYR H 29 1.70 25.90 -20.71
CA TYR H 29 3.07 26.30 -21.04
C TYR H 29 3.70 26.90 -19.81
N PRO H 30 4.14 26.07 -18.86
CA PRO H 30 4.65 26.57 -17.59
C PRO H 30 6.09 27.07 -17.63
N ILE H 31 6.77 26.96 -18.77
CA ILE H 31 8.19 27.31 -18.87
C ILE H 31 8.33 28.48 -19.84
N MET H 32 9.02 29.52 -19.40
CA MET H 32 9.34 30.69 -20.22
C MET H 32 10.84 30.73 -20.45
N GLY H 33 11.24 30.98 -21.69
CA GLY H 33 12.64 31.03 -22.06
C GLY H 33 13.01 32.35 -22.70
N TRP H 34 14.28 32.70 -22.59
CA TRP H 34 14.83 33.91 -23.20
C TRP H 34 15.87 33.51 -24.22
N PHE H 35 15.79 34.11 -25.42
CA PHE H 35 16.70 33.81 -26.50
C PHE H 35 17.19 35.12 -27.13
N ARG H 36 18.42 35.08 -27.63
CA ARG H 36 18.99 36.19 -28.37
C ARG H 36 19.62 35.66 -29.66
N GLN H 37 19.55 36.47 -30.71
CA GLN H 37 20.05 36.08 -32.02
C GLN H 37 20.96 37.19 -32.55
N ALA H 38 22.26 36.91 -32.58
CA ALA H 38 23.21 37.83 -33.17
C ALA H 38 23.07 37.83 -34.71
N PRO H 39 23.39 38.94 -35.36
CA PRO H 39 23.31 38.97 -36.84
C PRO H 39 24.22 37.93 -37.46
N GLY H 40 23.61 37.03 -38.24
CA GLY H 40 24.32 35.94 -38.88
C GLY H 40 24.44 34.69 -38.02
N LYS H 41 24.55 34.85 -36.70
CA LYS H 41 24.66 33.70 -35.82
C LYS H 41 23.29 33.10 -35.54
N GLU H 42 23.30 31.81 -35.19
CA GLU H 42 22.07 31.12 -34.84
C GLU H 42 21.53 31.63 -33.51
N ARG H 43 20.22 31.50 -33.33
CA ARG H 43 19.58 31.95 -32.11
C ARG H 43 20.15 31.22 -30.91
N GLU H 44 20.45 31.96 -29.84
CA GLU H 44 21.17 31.44 -28.68
C GLU H 44 20.27 31.45 -27.46
N PHE H 45 20.30 30.36 -26.71
CA PHE H 45 19.55 30.28 -25.46
C PHE H 45 20.22 31.14 -24.40
N VAL H 46 19.42 31.91 -23.67
CA VAL H 46 19.90 32.78 -22.61
C VAL H 46 19.54 32.22 -21.22
N GLY H 47 18.26 32.07 -20.95
CA GLY H 47 17.83 31.53 -19.68
C GLY H 47 16.36 31.16 -19.73
N ALA H 48 15.98 30.27 -18.81
CA ALA H 48 14.62 29.78 -18.73
C ALA H 48 14.17 29.76 -17.27
N ILE H 49 12.86 29.89 -17.07
CA ILE H 49 12.29 29.88 -15.72
C ILE H 49 10.88 29.33 -15.80
N SER H 50 10.48 28.62 -14.76
CA SER H 50 9.13 28.07 -14.66
C SER H 50 8.19 29.10 -14.03
N TRP H 51 6.93 29.08 -14.48
CA TRP H 51 5.93 29.97 -13.89
C TRP H 51 5.72 29.65 -12.41
N SER H 52 5.65 28.37 -12.07
CA SER H 52 5.41 27.92 -10.71
C SER H 52 6.70 27.34 -10.13
N GLY H 53 7.07 27.81 -8.95
CA GLY H 53 8.26 27.35 -8.27
C GLY H 53 9.48 28.20 -8.46
N GLY H 54 9.52 29.02 -9.52
CA GLY H 54 10.64 29.91 -9.72
C GLY H 54 11.95 29.24 -10.05
N SER H 55 11.93 27.96 -10.43
CA SER H 55 13.16 27.29 -10.83
C SER H 55 13.70 27.92 -12.12
N THR H 56 15.01 28.16 -12.14
CA THR H 56 15.62 28.90 -13.24
C THR H 56 16.90 28.21 -13.69
N SER H 57 17.25 28.45 -14.95
CA SER H 57 18.49 27.95 -15.54
C SER H 57 19.08 29.04 -16.41
N TYR H 58 20.40 29.02 -16.56
CA TYR H 58 21.10 30.07 -17.31
C TYR H 58 22.19 29.43 -18.16
N ALA H 59 22.58 30.15 -19.20
CA ALA H 59 23.71 29.75 -20.01
C ALA H 59 25.02 30.18 -19.33
N ASP H 60 26.11 29.55 -19.74
CA ASP H 60 27.41 29.84 -19.14
C ASP H 60 27.84 31.27 -19.40
N SER H 61 27.59 31.78 -20.62
CA SER H 61 28.01 33.13 -20.97
C SER H 61 27.34 34.17 -20.09
N VAL H 62 26.05 34.00 -19.82
CA VAL H 62 25.29 34.97 -19.04
C VAL H 62 25.16 34.57 -17.58
N LYS H 63 25.83 33.49 -17.17
CA LYS H 63 25.79 33.07 -15.78
C LYS H 63 26.44 34.10 -14.87
N ASP H 64 25.84 34.33 -13.72
CA ASP H 64 26.28 35.27 -12.69
C ASP H 64 26.23 36.72 -13.17
N ARG H 65 25.66 36.98 -14.35
CA ARG H 65 25.48 38.34 -14.84
C ARG H 65 24.03 38.69 -15.08
N PHE H 66 23.24 37.77 -15.63
CA PHE H 66 21.82 37.98 -15.89
C PHE H 66 21.00 37.23 -14.85
N THR H 67 19.92 37.85 -14.40
CA THR H 67 19.01 37.23 -13.44
C THR H 67 17.60 37.26 -14.01
N ILE H 68 16.88 36.16 -13.85
CA ILE H 68 15.53 35.99 -14.39
C ILE H 68 14.59 35.67 -13.24
N SER H 69 13.47 36.40 -13.17
CA SER H 69 12.44 36.15 -12.19
C SER H 69 11.11 36.59 -12.77
N ARG H 70 10.02 36.08 -12.19
CA ARG H 70 8.68 36.35 -12.70
C ARG H 70 7.73 36.60 -11.54
N ASP H 71 6.65 37.31 -11.86
CA ASP H 71 5.54 37.53 -10.93
C ASP H 71 4.26 37.05 -11.59
N ASN H 72 3.57 36.12 -10.92
CA ASN H 72 2.38 35.51 -11.51
C ASN H 72 1.18 36.45 -11.50
N ALA H 73 1.20 37.50 -10.66
CA ALA H 73 0.09 38.44 -10.62
C ALA H 73 -0.06 39.16 -11.94
N LYS H 74 1.04 39.63 -12.52
CA LYS H 74 1.02 40.32 -13.80
C LYS H 74 1.29 39.38 -14.98
N ASN H 75 1.55 38.11 -14.72
CA ASN H 75 1.92 37.15 -15.76
C ASN H 75 3.10 37.68 -16.58
N THR H 76 4.10 38.21 -15.89
CA THR H 76 5.24 38.86 -16.52
C THR H 76 6.53 38.16 -16.10
N VAL H 77 7.40 37.91 -17.08
CA VAL H 77 8.74 37.38 -16.84
C VAL H 77 9.72 38.45 -17.27
N TYR H 78 10.63 38.82 -16.38
CA TYR H 78 11.58 39.90 -16.63
C TYR H 78 13.01 39.39 -16.54
N LEU H 79 13.83 39.82 -17.49
CA LEU H 79 15.25 39.47 -17.55
C LEU H 79 16.07 40.69 -17.18
N GLU H 80 16.80 40.61 -16.06
CA GLU H 80 17.62 41.72 -15.58
C GLU H 80 19.04 41.51 -16.09
N MET H 81 19.46 42.36 -17.03
CA MET H 81 20.78 42.28 -17.63
C MET H 81 21.70 43.29 -16.95
N ASN H 82 22.64 42.77 -16.17
CA ASN H 82 23.61 43.61 -15.45
C ASN H 82 25.01 43.27 -15.93
N ASN H 83 25.91 44.26 -15.81
CA ASN H 83 27.30 44.13 -16.26
C ASN H 83 27.36 43.76 -17.74
N LEU H 84 26.81 44.65 -18.56
CA LEU H 84 26.71 44.41 -19.99
C LEU H 84 28.08 44.41 -20.65
N LYS H 85 28.18 43.68 -21.75
CA LYS H 85 29.40 43.54 -22.54
C LYS H 85 29.05 43.75 -24.00
N PRO H 86 30.05 44.15 -24.82
CA PRO H 86 29.77 44.32 -26.26
C PRO H 86 29.34 43.04 -26.95
N GLU H 87 29.65 41.87 -26.38
CA GLU H 87 29.16 40.61 -26.94
C GLU H 87 27.67 40.45 -26.78
N ASP H 88 27.04 41.21 -25.88
CA ASP H 88 25.60 41.12 -25.65
C ASP H 88 24.82 42.06 -26.56
N THR H 89 25.05 41.95 -27.86
CA THR H 89 24.37 42.75 -28.87
C THR H 89 23.60 41.81 -29.80
N ALA H 90 22.32 41.61 -29.51
CA ALA H 90 21.49 40.71 -30.29
C ALA H 90 20.03 41.05 -30.05
N VAL H 91 19.16 40.47 -30.87
CA VAL H 91 17.72 40.64 -30.72
C VAL H 91 17.22 39.65 -29.68
N TYR H 92 16.65 40.16 -28.59
CA TYR H 92 16.20 39.33 -27.49
C TYR H 92 14.74 38.97 -27.67
N TYR H 93 14.45 37.67 -27.69
CA TYR H 93 13.10 37.16 -27.86
C TYR H 93 12.60 36.54 -26.56
N CYS H 94 11.29 36.36 -26.47
CA CYS H 94 10.63 35.72 -25.35
C CYS H 94 9.80 34.56 -25.88
N ALA H 95 9.91 33.40 -25.24
CA ALA H 95 9.28 32.19 -25.74
C ALA H 95 8.67 31.39 -24.60
N ALA H 96 7.71 30.55 -24.94
CA ALA H 96 7.04 29.65 -24.00
C ALA H 96 7.14 28.23 -24.52
N LYS H 97 7.26 27.28 -23.59
CA LYS H 97 7.46 25.88 -23.93
C LYS H 97 6.39 25.02 -23.28
N GLY H 98 5.99 23.95 -23.97
CA GLY H 98 5.02 23.03 -23.43
C GLY H 98 5.60 22.16 -22.34
N ARG H 99 4.70 21.44 -21.67
CA ARG H 99 5.11 20.62 -20.53
C ARG H 99 6.01 19.47 -20.96
N TYR H 100 5.69 18.81 -22.07
CA TYR H 100 6.45 17.68 -22.56
C TYR H 100 7.16 17.99 -23.88
N SER H 101 7.65 19.21 -24.02
CA SER H 101 8.25 19.66 -25.27
C SER H 101 9.77 19.46 -25.33
N GLY H 102 10.38 18.92 -24.28
CA GLY H 102 11.79 18.59 -24.34
C GLY H 102 12.71 19.55 -23.62
N GLY H 103 13.96 19.66 -24.09
CA GLY H 103 14.95 20.44 -23.41
C GLY H 103 14.71 21.94 -23.52
N LEU H 104 15.29 22.67 -22.56
CA LEU H 104 15.12 24.13 -22.52
C LEU H 104 16.00 24.82 -23.55
N TYR H 105 17.20 24.30 -23.81
CA TYR H 105 18.20 25.02 -24.57
C TYR H 105 17.91 25.07 -26.07
N TYR H 106 16.91 24.35 -26.54
CA TYR H 106 16.65 24.25 -27.97
C TYR H 106 15.45 25.09 -28.36
N PRO H 107 15.63 26.14 -29.16
CA PRO H 107 14.50 27.04 -29.47
C PRO H 107 13.36 26.36 -30.22
N THR H 108 13.65 25.32 -30.99
CA THR H 108 12.59 24.67 -31.78
C THR H 108 11.56 23.99 -30.91
N ASN H 109 11.87 23.72 -29.63
CA ASN H 109 10.90 23.11 -28.73
C ASN H 109 9.85 24.11 -28.25
N TYR H 110 10.11 25.40 -28.37
CA TYR H 110 9.18 26.43 -27.92
C TYR H 110 8.17 26.73 -29.03
N ASP H 111 6.91 26.94 -28.63
CA ASP H 111 5.82 27.12 -29.57
C ASP H 111 5.52 28.58 -29.87
N TYR H 112 5.34 29.40 -28.84
CA TYR H 112 4.95 30.79 -28.99
C TYR H 112 6.14 31.70 -28.70
N TRP H 113 6.34 32.69 -29.56
CA TRP H 113 7.46 33.61 -29.47
C TRP H 113 6.98 35.05 -29.47
N GLY H 114 7.81 35.93 -28.89
CA GLY H 114 7.54 37.35 -28.90
C GLY H 114 8.06 38.02 -30.16
N GLN H 115 7.87 39.33 -30.21
CA GLN H 115 8.34 40.11 -31.37
C GLN H 115 9.85 40.15 -31.44
N GLY H 116 10.51 40.46 -30.33
CA GLY H 116 11.95 40.56 -30.30
C GLY H 116 12.44 42.00 -30.20
N THR H 117 13.28 42.27 -29.21
CA THR H 117 13.81 43.61 -28.97
C THR H 117 15.29 43.63 -29.32
N GLN H 118 15.71 44.65 -30.06
CA GLN H 118 17.10 44.82 -30.44
C GLN H 118 17.83 45.62 -29.37
N VAL H 119 18.94 45.08 -28.88
CA VAL H 119 19.76 45.73 -27.87
C VAL H 119 21.18 45.84 -28.40
N THR H 120 21.72 47.05 -28.37
CA THR H 120 23.09 47.32 -28.82
C THR H 120 23.80 48.17 -27.78
N VAL H 121 25.03 47.79 -27.45
CA VAL H 121 25.82 48.52 -26.48
C VAL H 121 27.14 48.97 -27.09
C1 NAG I . 15.92 -42.16 2.14
C2 NAG I . 16.43 -42.74 3.46
C3 NAG I . 15.61 -43.97 3.85
C4 NAG I . 14.12 -43.64 3.86
C5 NAG I . 13.71 -43.02 2.52
C6 NAG I . 12.28 -42.56 2.50
C7 NAG I . 18.78 -42.48 4.10
C8 NAG I . 20.18 -42.96 3.87
N2 NAG I . 17.84 -43.08 3.36
O3 NAG I . 16.02 -44.42 5.14
O4 NAG I . 13.36 -44.82 4.07
O5 NAG I . 14.53 -41.86 2.26
O6 NAG I . 12.02 -41.59 3.51
O7 NAG I . 18.51 -41.60 4.92
C1 NAG I . 12.70 -44.72 5.34
C2 NAG I . 11.57 -45.75 5.42
C3 NAG I . 10.87 -45.65 6.77
C4 NAG I . 11.89 -45.78 7.91
C5 NAG I . 13.00 -44.75 7.73
C6 NAG I . 14.10 -44.89 8.75
C7 NAG I . 10.69 -46.23 3.19
C8 NAG I . 9.63 -45.91 2.18
N2 NAG I . 10.63 -45.55 4.34
O3 NAG I . 9.90 -46.69 6.88
O4 NAG I . 11.25 -45.56 9.16
O5 NAG I . 13.61 -44.93 6.43
O6 NAG I . 15.14 -43.94 8.52
O7 NAG I . 11.57 -47.05 2.96
C1 NAG J . -16.68 -28.49 6.41
C2 NAG J . -16.44 -29.73 7.26
C3 NAG J . -16.04 -30.91 6.38
C4 NAG J . -17.05 -31.11 5.25
C5 NAG J . -17.26 -29.80 4.50
C6 NAG J . -18.33 -29.90 3.44
C7 NAG J . -15.69 -29.25 9.56
C8 NAG J . -14.51 -29.02 10.44
N2 NAG J . -15.42 -29.48 8.27
O3 NAG J . -15.96 -32.10 7.18
O4 NAG J . -16.55 -32.08 4.34
O5 NAG J . -17.66 -28.78 5.41
O6 NAG J . -19.60 -30.23 4.01
O7 NAG J . -16.85 -29.23 9.98
C1 NAG J . -17.31 -33.30 4.44
C2 NAG J . -17.24 -34.00 3.09
C3 NAG J . -17.97 -35.35 3.15
C4 NAG J . -17.41 -36.19 4.29
C5 NAG J . -17.49 -35.40 5.59
C6 NAG J . -16.87 -36.12 6.77
C7 NAG J . -17.06 -32.49 1.17
C8 NAG J . -17.82 -31.68 0.15
N2 NAG J . -17.81 -33.17 2.04
O3 NAG J . -17.80 -36.04 1.91
O4 NAG J . -18.15 -37.40 4.41
O5 NAG J . -16.78 -34.16 5.45
O6 NAG J . -16.95 -35.35 7.96
O7 NAG J . -15.84 -32.52 1.19
C1 BMA J . -17.30 -38.51 4.06
C2 BMA J . -17.84 -39.78 4.70
C3 BMA J . -17.00 -40.98 4.33
C4 BMA J . -16.79 -41.07 2.82
C5 BMA J . -16.29 -39.74 2.28
C6 BMA J . -16.21 -39.73 0.76
O2 BMA J . -19.19 -39.98 4.28
O3 BMA J . -17.62 -42.17 4.79
O4 BMA J . -15.87 -42.10 2.51
O5 BMA J . -17.19 -38.69 2.65
O6 BMA J . -17.37 -40.31 0.19
C1 MAN J . -17.09 -42.55 6.07
C2 MAN J . -17.05 -44.06 6.17
C3 MAN J . -18.48 -44.59 6.12
C4 MAN J . -19.34 -43.92 7.19
C5 MAN J . -19.23 -42.41 7.07
C6 MAN J . -19.96 -41.68 8.18
O2 MAN J . -16.43 -44.46 7.38
O3 MAN J . -18.48 -46.01 6.30
O4 MAN J . -20.70 -44.32 7.04
O5 MAN J . -17.85 -42.01 7.14
O6 MAN J . -19.85 -40.27 8.02
C1 MAN J . -17.40 -40.06 -1.22
C2 MAN J . -18.83 -40.22 -1.72
C3 MAN J . -19.25 -41.68 -1.57
C4 MAN J . -18.25 -42.60 -2.28
C5 MAN J . -16.84 -42.32 -1.78
C6 MAN J . -15.78 -43.10 -2.52
O2 MAN J . -18.92 -39.83 -3.09
O3 MAN J . -20.55 -41.88 -2.11
O4 MAN J . -18.58 -43.95 -2.01
O5 MAN J . -16.53 -40.92 -1.96
O6 MAN J . -14.48 -42.79 -2.07
C1 NAG K . 40.51 -11.85 -2.22
C2 NAG K . 41.66 -10.95 -1.76
C3 NAG K . 42.32 -11.53 -0.52
C4 NAG K . 41.27 -11.81 0.56
C5 NAG K . 40.14 -12.67 0.00
C6 NAG K . 39.02 -12.89 0.98
C7 NAG K . 42.96 -9.57 -3.32
C8 NAG K . 43.99 -9.58 -4.41
N2 NAG K . 42.63 -10.78 -2.83
O3 NAG K . 43.29 -10.63 -0.03
O4 NAG K . 41.88 -12.48 1.66
O5 NAG K . 39.58 -12.03 -1.16
O6 NAG K . 38.44 -11.66 1.38
O7 NAG K . 42.45 -8.54 -2.90
C1 NAG K . 41.87 -11.62 2.81
C2 NAG K . 42.07 -12.47 4.06
C3 NAG K . 42.06 -11.58 5.31
C4 NAG K . 43.09 -10.46 5.16
C5 NAG K . 42.83 -9.70 3.86
C6 NAG K . 43.87 -8.64 3.59
C7 NAG K . 41.25 -14.75 3.73
C8 NAG K . 40.09 -15.70 3.91
N2 NAG K . 41.06 -13.51 4.16
O3 NAG K . 42.37 -12.37 6.45
O4 NAG K . 43.00 -9.57 6.26
O5 NAG K . 42.87 -10.61 2.75
O6 NAG K . 43.59 -7.94 2.38
O7 NAG K . 42.30 -15.12 3.20
C1 NAG L . 13.37 -13.53 20.77
C2 NAG L . 14.74 -13.39 21.44
C3 NAG L . 15.66 -14.53 21.02
C4 NAG L . 14.99 -15.87 21.27
C5 NAG L . 13.63 -15.91 20.60
C6 NAG L . 12.86 -17.17 20.91
C7 NAG L . 15.57 -11.15 22.01
C8 NAG L . 16.22 -9.90 21.50
N2 NAG L . 15.34 -12.10 21.10
O3 NAG L . 16.87 -14.44 21.77
O4 NAG L . 15.79 -16.91 20.69
O5 NAG L . 12.82 -14.82 21.08
O6 NAG L . 12.59 -17.30 22.29
O7 NAG L . 15.28 -11.29 23.20
C1 NAG L . 16.47 -17.67 21.71
C2 NAG L . 16.76 -19.05 21.12
C3 NAG L . 17.55 -19.90 22.12
C4 NAG L . 18.80 -19.15 22.54
C5 NAG L . 18.41 -17.78 23.10
C6 NAG L . 19.61 -16.93 23.47
C7 NAG L . 14.98 -19.65 19.54
C8 NAG L . 13.69 -20.41 19.35
N2 NAG L . 15.52 -19.73 20.76
O3 NAG L . 17.90 -21.13 21.52
O4 NAG L . 19.49 -19.88 23.56
O5 NAG L . 17.70 -17.05 22.09
O6 NAG L . 19.22 -15.67 23.98
O7 NAG L . 15.50 -19.01 18.64
C1 BMA L . 20.73 -20.39 23.03
C2 BMA L . 21.65 -20.73 24.18
C3 BMA L . 22.97 -21.31 23.68
C4 BMA L . 22.73 -22.45 22.71
C5 BMA L . 21.76 -22.02 21.61
C6 BMA L . 21.38 -23.16 20.70
O2 BMA L . 21.00 -21.67 25.04
O3 BMA L . 23.72 -21.80 24.79
O4 BMA L . 23.95 -22.86 22.12
O5 BMA L . 20.54 -21.54 22.19
O6 BMA L . 21.13 -24.34 21.45
C1 MAN L . 24.66 -20.81 25.23
C2 MAN L . 25.91 -21.52 25.72
C3 MAN L . 25.57 -22.39 26.92
C4 MAN L . 24.88 -21.55 28.00
C5 MAN L . 23.68 -20.81 27.40
C6 MAN L . 23.02 -19.87 28.37
O2 MAN L . 26.89 -20.55 26.08
O3 MAN L . 26.74 -22.98 27.46
O4 MAN L . 24.43 -22.39 29.05
O5 MAN L . 24.12 -20.01 26.28
O6 MAN L . 21.90 -19.21 27.79
C1 MAN L . 20.53 -25.35 20.63
C2 MAN L . 19.79 -26.31 21.56
C3 MAN L . 20.79 -27.02 22.46
C4 MAN L . 21.87 -27.70 21.62
C5 MAN L . 22.50 -26.69 20.66
C6 MAN L . 23.48 -27.33 19.71
O2 MAN L . 19.07 -27.27 20.78
O3 MAN L . 20.13 -27.98 23.27
O4 MAN L . 22.87 -28.24 22.47
O5 MAN L . 21.49 -26.08 19.86
O6 MAN L . 24.04 -26.37 18.82
C1 NAG M . 28.24 9.87 -32.70
C2 NAG M . 28.26 11.11 -33.60
C3 NAG M . 29.44 12.01 -33.22
C4 NAG M . 29.41 12.33 -31.74
C5 NAG M . 29.34 11.04 -30.92
C6 NAG M . 29.19 11.28 -29.44
C7 NAG M . 27.39 11.06 -35.89
C8 NAG M . 27.61 10.58 -37.29
N2 NAG M . 28.33 10.74 -35.00
O3 NAG M . 29.39 13.21 -33.99
O4 NAG M . 30.58 13.04 -31.38
O5 NAG M . 28.19 10.28 -31.34
O6 NAG M . 28.01 12.01 -29.14
O7 NAG M . 26.40 11.71 -35.58
C1 NAG M . 30.23 14.37 -30.94
C2 NAG M . 31.39 14.97 -30.16
C3 NAG M . 31.03 16.38 -29.68
C4 NAG M . 30.59 17.24 -30.86
C5 NAG M . 29.45 16.53 -31.61
C6 NAG M . 29.02 17.28 -32.85
C7 NAG M . 32.77 13.27 -29.06
C8 NAG M . 32.98 12.46 -27.81
N2 NAG M . 31.75 14.13 -29.03
O3 NAG M . 32.16 16.97 -29.05
O4 NAG M . 30.13 18.50 -30.40
O5 NAG M . 29.88 15.23 -32.03
O6 NAG M . 27.94 16.62 -33.51
O7 NAG M . 33.49 13.14 -30.05
C1 NAG N . 21.64 16.67 1.62
C2 NAG N . 22.43 17.75 0.90
C3 NAG N . 23.71 17.17 0.29
C4 NAG N . 24.51 16.43 1.34
C5 NAG N . 23.63 15.40 2.04
C6 NAG N . 24.33 14.71 3.19
C7 NAG N . 21.33 19.68 -0.15
C8 NAG N . 20.50 20.16 -1.31
N2 NAG N . 21.62 18.38 -0.13
O3 NAG N . 24.48 18.23 -0.25
O4 NAG N . 25.58 15.73 0.71
O5 NAG N . 22.48 16.05 2.60
O6 NAG N . 24.70 15.63 4.21
O7 NAG N . 21.73 20.45 0.73
C1 NAG N . 26.85 16.36 0.97
C2 NAG N . 27.94 15.29 0.87
C3 NAG N . 29.31 15.92 1.08
C4 NAG N . 29.52 17.08 0.13
C5 NAG N . 28.37 18.08 0.28
C6 NAG N . 28.45 19.22 -0.71
C7 NAG N . 27.15 13.06 1.51
C8 NAG N . 26.95 12.09 2.63
N2 NAG N . 27.70 14.23 1.83
O3 NAG N . 30.32 14.93 0.87
O4 NAG N . 30.75 17.73 0.42
O5 NAG N . 27.12 17.41 0.05
O6 NAG N . 27.39 20.14 -0.51
O7 NAG N . 26.82 12.80 0.35
C1 BMA N . 31.69 17.53 -0.67
C2 BMA N . 32.76 18.59 -0.57
C3 BMA N . 33.80 18.41 -1.67
C4 BMA N . 34.31 16.98 -1.71
C5 BMA N . 33.15 15.99 -1.74
C6 BMA N . 33.62 14.56 -1.63
O2 BMA N . 33.39 18.51 0.71
O3 BMA N . 34.90 19.29 -1.45
O4 BMA N . 35.14 16.78 -2.85
O5 BMA N . 32.27 16.24 -0.64
O6 BMA N . 34.55 14.43 -0.56
C1 MAN N . 34.70 20.53 -2.15
C2 MAN N . 36.07 21.03 -2.59
C3 MAN N . 36.91 21.35 -1.37
C4 MAN N . 36.18 22.30 -0.44
C5 MAN N . 34.80 21.75 -0.11
C6 MAN N . 33.96 22.70 0.71
O2 MAN N . 35.90 22.21 -3.39
O3 MAN N . 38.16 21.92 -1.76
O4 MAN N . 36.91 22.47 0.76
O5 MAN N . 34.07 21.51 -1.33
O6 MAN N . 32.68 22.15 1.01
C1 MAN N . 34.82 13.04 -0.29
C2 MAN N . 35.44 12.93 1.10
C3 MAN N . 36.81 13.61 1.09
C4 MAN N . 37.68 13.03 -0.02
C5 MAN N . 36.95 13.10 -1.36
C6 MAN N . 37.70 12.44 -2.48
O2 MAN N . 35.59 11.57 1.46
O3 MAN N . 37.46 13.45 2.34
O4 MAN N . 38.90 13.76 -0.12
O5 MAN N . 35.68 12.44 -1.26
O6 MAN N . 36.97 12.51 -3.71
C1 NAG O . -4.22 -6.90 -47.44
C2 NAG O . -5.47 -6.91 -48.32
C3 NAG O . -5.45 -5.72 -49.28
C4 NAG O . -5.24 -4.43 -48.50
C5 NAG O . -4.01 -4.53 -47.62
C6 NAG O . -3.81 -3.32 -46.72
C7 NAG O . -6.57 -9.03 -48.86
C8 NAG O . -6.52 -10.27 -49.70
N2 NAG O . -5.58 -8.16 -49.05
O3 NAG O . -6.67 -5.67 -50.00
O4 NAG O . -5.07 -3.34 -49.41
O5 NAG O . -4.12 -5.66 -46.74
O6 NAG O . -4.89 -3.14 -45.84
O7 NAG O . -7.46 -8.83 -48.04
C1 NAG O . -6.21 -2.46 -49.30
C2 NAG O . -5.85 -1.11 -49.92
C3 NAG O . -7.04 -0.16 -49.82
C4 NAG O . -8.28 -0.80 -50.44
C5 NAG O . -8.53 -2.16 -49.80
C6 NAG O . -9.68 -2.91 -50.43
C7 NAG O . -3.46 -0.57 -49.79
C8 NAG O . -2.38 0.08 -48.98
N2 NAG O . -4.69 -0.53 -49.27
O3 NAG O . -6.74 1.06 -50.50
O4 NAG O . -9.41 0.03 -50.24
O5 NAG O . -7.37 -2.99 -49.95
O6 NAG O . -9.89 -4.18 -49.81
O7 NAG O . -3.23 -1.10 -50.88
C1 NAG P . -3.48 20.55 -24.81
C2 NAG P . -4.15 20.86 -26.15
C3 NAG P . -3.20 20.55 -27.30
C4 NAG P . -1.86 21.25 -27.10
C5 NAG P . -1.30 20.91 -25.72
C6 NAG P . -0.03 21.66 -25.40
C7 NAG P . -6.59 20.69 -26.34
C8 NAG P . -7.76 19.76 -26.51
N2 NAG P . -5.38 20.12 -26.29
O3 NAG P . -3.79 20.97 -28.53
O4 NAG P . -0.93 20.80 -28.07
O5 NAG P . -2.25 21.27 -24.71
O6 NAG P . -0.24 23.07 -25.40
O7 NAG P . -6.73 21.90 -26.24
C1 NAG P . -0.70 21.81 -29.08
C2 NAG P . 0.70 21.61 -29.64
C3 NAG P . 0.97 22.62 -30.76
C4 NAG P . -0.12 22.52 -31.82
C5 NAG P . -1.49 22.70 -31.16
C6 NAG P . -2.64 22.54 -32.12
C7 NAG P . 2.24 20.68 -27.97
C8 NAG P . 3.25 21.00 -26.90
N2 NAG P . 1.70 21.74 -28.59
O3 NAG P . 2.24 22.34 -31.35
O4 NAG P . 0.07 23.55 -32.80
O5 NAG P . -1.67 21.72 -30.14
O6 NAG P . -3.89 22.76 -31.48
O7 NAG P . 1.94 19.53 -28.26
C1 BMA P . 0.42 22.95 -34.06
C2 BMA P . 0.19 23.98 -35.16
C3 BMA P . 0.58 23.42 -36.52
C4 BMA P . 2.00 22.86 -36.48
C5 BMA P . 2.16 21.87 -35.32
C6 BMA P . 3.58 21.41 -35.16
O2 BMA P . 0.93 25.15 -34.87
O3 BMA P . 0.53 24.46 -37.49
O4 BMA P . 2.29 22.20 -37.70
O5 BMA P . 1.77 22.51 -34.09
O6 BMA P . 4.48 22.53 -35.21
C1 MAN P . -0.75 24.49 -38.14
C2 MAN P . -0.54 24.91 -39.59
C3 MAN P . 0.00 26.34 -39.62
C4 MAN P . -0.90 27.27 -38.82
C5 MAN P . -1.13 26.72 -37.41
C6 MAN P . -2.11 27.53 -36.61
O2 MAN P . -1.78 24.85 -40.28
O3 MAN P . 0.11 26.79 -40.96
O4 MAN P . -0.31 28.56 -38.73
O5 MAN P . -1.65 25.38 -37.50
O6 MAN P . -2.29 26.99 -35.31
C1 MAN P . 5.80 22.12 -34.84
C2 MAN P . 6.59 23.38 -34.49
C3 MAN P . 6.77 24.24 -35.73
C4 MAN P . 7.38 23.42 -36.86
C5 MAN P . 6.56 22.16 -37.10
C6 MAN P . 7.18 21.24 -38.13
O2 MAN P . 7.87 23.01 -33.97
O3 MAN P . 7.59 25.36 -35.43
O4 MAN P . 7.42 24.20 -38.05
O5 MAN P . 6.47 21.40 -35.88
O6 MAN P . 6.41 20.06 -38.32
N HSM Q . 12.44 -26.76 5.48
CA HSM Q . 11.61 -27.96 5.56
CB HSM Q . 10.31 -27.60 6.32
CG HSM Q . 9.44 -28.80 6.55
ND1 HSM Q . 9.92 -30.08 6.43
CD2 HSM Q . 8.12 -28.84 6.90
CE1 HSM Q . 8.89 -30.87 6.71
NE2 HSM Q . 7.79 -30.16 7.00
N HSM R . 27.22 -2.37 -2.36
CA HSM R . 27.79 -3.23 -1.32
CB HSM R . 26.97 -3.04 -0.04
CG HSM R . 27.56 -3.81 1.12
ND1 HSM R . 28.81 -4.38 1.05
CD2 HSM R . 27.02 -4.03 2.35
CE1 HSM R . 29.00 -4.94 2.23
NE2 HSM R . 27.95 -4.75 3.05
N HSM S . 13.50 9.56 -25.83
CA HSM S . 14.78 10.10 -25.35
CB HSM S . 14.52 10.86 -24.04
CG HSM S . 15.76 11.55 -23.55
ND1 HSM S . 16.85 11.77 -24.36
CD2 HSM S . 16.01 12.06 -22.30
CE1 HSM S . 17.73 12.39 -23.60
NE2 HSM S . 17.27 12.59 -22.36
C1 NAG T . 0.81 -44.11 -39.63
C2 NAG T . 1.28 -43.16 -40.74
C3 NAG T . 1.40 -43.89 -42.08
C4 NAG T . 2.27 -45.12 -41.93
C5 NAG T . 1.67 -46.02 -40.85
C6 NAG T . 2.51 -47.25 -40.58
C7 NAG T . -0.89 -42.08 -41.27
C8 NAG T . -1.60 -40.76 -41.40
N2 NAG T . 0.38 -42.01 -40.86
O3 NAG T . 1.96 -43.01 -43.03
O4 NAG T . 2.33 -45.83 -43.16
O5 NAG T . 1.63 -45.29 -39.62
O6 NAG T . 3.79 -46.92 -40.08
O7 NAG T . -1.44 -43.14 -41.53
#